data_4A6N
#
_entry.id   4A6N
#
_cell.length_a   68.880
_cell.length_b   80.790
_cell.length_c   87.650
_cell.angle_alpha   110.84
_cell.angle_beta   89.84
_cell.angle_gamma   93.63
#
_symmetry.space_group_name_H-M   'P 1'
#
loop_
_entity.id
_entity.type
_entity.pdbx_description
1 polymer 'TETX2 PROTEIN'
2 polymer 'TETX2 PROTEIN'
3 non-polymer 'FLAVIN-ADENINE DINUCLEOTIDE'
4 non-polymer TIGECYCLINE
5 non-polymer 'SULFATE ION'
6 water water
#
loop_
_entity_poly.entity_id
_entity_poly.type
_entity_poly.pdbx_seq_one_letter_code
_entity_poly.pdbx_strand_id
1 'polypeptide(L)'
;MGSSHHHHHHSSGLVPRGSHMNLLSDKNVAIIGGGPVGLTMAKLLQQNGIDVSVYERDNDREARIFGGTLDLHKGSGQEA
MKKAGLLQTYYDLALPMGVNIADEKGNILSTKNVKPENRFDNPEINRNDLRAILLNSLENDTVIWDRKLVMLEPGKKKWT
LTFENKPSETADLVILANGGMSKVRKFVTDTEVEETGTFNIQADIHQPEINCPGFFQLCNGNRLMASHQGNLLFANPNNN
GALHFGISFKTPDEWKNQTQVDFQNRNSVVDFLLKEFSDWDKRYKELIHTTLSFVGLATRIFPLEKPWKSKRPLPITMIG
DAAHLMPPFAGQGVNSGLVDALILSDNLADGKFNSIEEAVKNYEQQMFIYGKEAQEESTQNEIEMFKPDFTFQQLLNV
;
A
2 'polypeptide(L)'
;MGSSHHHHHHSSGLVPRGSHMNLLSDKNVAIIGGGPVGLTMAKLLQQNGIDVSVYERDNDREARIFGGTLDLHKGSGQEA
MKKAGLLQTYYDLALPMGVNIADEKGNILSTKNVKPENRFDNPEINRNDLRAILLNSLENDTVIWDRKLVMLEPGKKKWT
LTFENKPSETADLVILANGGMSKVRKFVTDTEVEETGTFNIQADIHQPEINCPGFFQLCNGNRLMASHQGNLLFANPNNN
GALHFGISFKTPDEWKNQTQVDFQNRNSVVDFLLKEFSDWDERYKELIHTTLSFVGLATRIFPLEKPWKSKRPLPITMIG
DAAHLMPPFAGQGVNSGLVDALILSDNLADGKFNSIEEAVKNYEQQMFIYGKEAQEESTQNEIEMFKPDFTFQQLLNV
;
B,C,D
#
loop_
_chem_comp.id
_chem_comp.type
_chem_comp.name
_chem_comp.formula
FAD non-polymer 'FLAVIN-ADENINE DINUCLEOTIDE' 'C27 H33 N9 O15 P2'
SO4 non-polymer 'SULFATE ION' 'O4 S -2'
T1C non-polymer TIGECYCLINE 'C29 H41 N5 O8 2'
#
# COMPACT_ATOMS: atom_id res chain seq x y z
N ASN A 22 -7.45 -40.93 -10.68
CA ASN A 22 -6.78 -40.17 -9.59
C ASN A 22 -6.00 -41.13 -8.65
N LEU A 23 -4.72 -40.83 -8.42
CA LEU A 23 -3.87 -41.58 -7.47
C LEU A 23 -4.41 -41.73 -6.03
N LEU A 24 -5.21 -40.76 -5.58
CA LEU A 24 -5.71 -40.69 -4.19
C LEU A 24 -7.14 -41.24 -3.97
N SER A 25 -7.67 -41.91 -4.98
CA SER A 25 -9.09 -42.21 -5.09
C SER A 25 -9.81 -42.71 -3.81
N ASP A 26 -9.28 -43.75 -3.18
CA ASP A 26 -9.92 -44.23 -1.97
C ASP A 26 -9.11 -43.81 -0.78
N LYS A 27 -8.53 -42.60 -0.82
CA LYS A 27 -7.60 -42.17 0.19
C LYS A 27 -7.85 -40.75 0.73
N ASN A 28 -7.12 -40.39 1.76
CA ASN A 28 -7.25 -39.05 2.30
C ASN A 28 -5.90 -38.36 2.58
N VAL A 29 -5.89 -37.05 2.53
CA VAL A 29 -4.65 -36.32 2.73
C VAL A 29 -4.75 -35.50 4.01
N ALA A 30 -3.71 -35.51 4.84
CA ALA A 30 -3.67 -34.62 6.03
C ALA A 30 -2.64 -33.55 5.77
N ILE A 31 -3.10 -32.29 5.73
CA ILE A 31 -2.24 -31.13 5.70
C ILE A 31 -2.08 -30.70 7.12
N ILE A 32 -0.84 -30.69 7.62
CA ILE A 32 -0.50 -30.13 8.93
C ILE A 32 -0.20 -28.65 8.79
N GLY A 33 -1.12 -27.84 9.29
CA GLY A 33 -0.98 -26.37 9.21
C GLY A 33 -1.88 -25.62 8.25
N GLY A 34 -2.61 -24.64 8.77
CA GLY A 34 -3.46 -23.78 7.98
C GLY A 34 -2.89 -22.38 7.79
N GLY A 35 -1.63 -22.31 7.38
CA GLY A 35 -1.10 -21.03 6.86
C GLY A 35 -1.63 -20.75 5.46
N PRO A 36 -1.14 -19.69 4.82
CA PRO A 36 -1.56 -19.43 3.44
C PRO A 36 -1.17 -20.62 2.51
N VAL A 37 -0.02 -21.23 2.73
CA VAL A 37 0.41 -22.34 1.87
C VAL A 37 -0.38 -23.63 2.10
N GLY A 38 -0.62 -24.01 3.34
CA GLY A 38 -1.48 -25.14 3.60
C GLY A 38 -2.91 -24.98 3.20
N LEU A 39 -3.48 -23.80 3.35
CA LEU A 39 -4.85 -23.59 2.93
C LEU A 39 -4.96 -23.52 1.40
N THR A 40 -3.97 -22.95 0.72
CA THR A 40 -3.97 -23.02 -0.75
C THR A 40 -3.85 -24.51 -1.19
N MET A 41 -2.99 -25.26 -0.53
CA MET A 41 -2.85 -26.67 -0.84
C MET A 41 -4.20 -27.38 -0.76
N ALA A 42 -4.86 -27.22 0.37
CA ALA A 42 -6.16 -27.84 0.63
C ALA A 42 -7.18 -27.46 -0.40
N LYS A 43 -7.18 -26.20 -0.85
CA LYS A 43 -8.13 -25.78 -1.90
C LYS A 43 -7.85 -26.47 -3.23
N LEU A 44 -6.58 -26.51 -3.66
CA LEU A 44 -6.25 -27.07 -5.02
C LEU A 44 -6.52 -28.56 -5.09
N LEU A 45 -6.39 -29.24 -3.96
CA LEU A 45 -6.72 -30.64 -3.84
C LEU A 45 -8.23 -30.82 -3.79
N GLN A 46 -8.88 -30.03 -2.98
CA GLN A 46 -10.32 -30.21 -2.80
C GLN A 46 -11.13 -29.98 -4.08
N GLN A 47 -10.69 -29.05 -4.92
CA GLN A 47 -11.39 -28.80 -6.21
C GLN A 47 -11.15 -29.92 -7.26
N ASN A 48 -10.21 -30.85 -7.00
CA ASN A 48 -10.05 -32.04 -7.82
C ASN A 48 -10.70 -33.26 -7.19
N GLY A 49 -11.53 -33.05 -6.17
CA GLY A 49 -12.31 -34.13 -5.53
C GLY A 49 -11.51 -34.96 -4.57
N ILE A 50 -10.29 -34.53 -4.26
CA ILE A 50 -9.47 -35.27 -3.32
C ILE A 50 -9.92 -34.93 -1.89
N ASP A 51 -9.92 -35.95 -1.01
CA ASP A 51 -10.37 -35.83 0.39
C ASP A 51 -9.25 -35.39 1.34
N VAL A 52 -9.30 -34.13 1.75
CA VAL A 52 -8.23 -33.51 2.50
C VAL A 52 -8.83 -32.94 3.77
N SER A 53 -8.07 -32.95 4.86
CA SER A 53 -8.34 -32.14 6.08
C SER A 53 -7.12 -31.26 6.36
N VAL A 54 -7.33 -30.10 6.94
CA VAL A 54 -6.27 -29.28 7.46
C VAL A 54 -6.38 -29.28 8.98
N TYR A 55 -5.27 -29.60 9.63
CA TYR A 55 -5.20 -29.60 11.06
C TYR A 55 -4.37 -28.39 11.49
N GLU A 56 -5.01 -27.47 12.24
CA GLU A 56 -4.45 -26.15 12.58
C GLU A 56 -4.45 -25.93 14.09
N ARG A 57 -3.26 -25.62 14.61
CA ARG A 57 -2.99 -25.32 16.03
C ARG A 57 -3.83 -24.16 16.58
N ASP A 58 -4.02 -23.11 15.77
CA ASP A 58 -4.83 -21.97 16.20
C ASP A 58 -6.20 -22.41 16.78
N ASN A 59 -6.62 -21.68 17.80
CA ASN A 59 -7.83 -22.02 18.53
C ASN A 59 -9.10 -21.92 17.72
N ASP A 60 -9.20 -20.92 16.85
CA ASP A 60 -10.37 -20.75 15.99
C ASP A 60 -10.02 -19.77 14.89
N ARG A 61 -10.90 -19.64 13.91
CA ARG A 61 -10.58 -18.92 12.68
C ARG A 61 -10.39 -17.43 12.85
N GLU A 62 -10.79 -16.90 13.98
CA GLU A 62 -10.58 -15.49 14.26
C GLU A 62 -9.30 -15.13 15.05
N ALA A 63 -8.44 -16.09 15.36
CA ALA A 63 -7.11 -15.79 16.00
C ALA A 63 -6.33 -14.80 15.16
N ARG A 64 -5.78 -13.75 15.77
CA ARG A 64 -5.05 -12.71 15.03
C ARG A 64 -3.70 -13.27 14.56
N ILE A 65 -3.31 -13.04 13.30
CA ILE A 65 -2.00 -13.47 12.78
C ILE A 65 -1.11 -12.23 12.90
N PHE A 66 -0.11 -12.29 13.74
CA PHE A 66 0.88 -11.23 13.84
C PHE A 66 1.80 -11.20 12.60
N GLY A 67 2.11 -9.99 12.15
CA GLY A 67 3.05 -9.86 11.06
C GLY A 67 2.64 -8.78 10.14
N GLY A 68 3.54 -8.45 9.20
CA GLY A 68 3.26 -7.63 8.05
C GLY A 68 2.27 -8.26 7.04
N THR A 69 2.05 -7.53 5.96
CA THR A 69 1.32 -7.91 4.82
C THR A 69 2.12 -8.87 3.93
N LEU A 70 1.43 -9.56 3.06
CA LEU A 70 2.03 -10.45 2.02
C LEU A 70 1.70 -9.89 0.65
N ASP A 71 2.58 -10.14 -0.31
CA ASP A 71 2.36 -9.74 -1.69
C ASP A 71 2.57 -10.91 -2.58
N LEU A 72 1.58 -11.19 -3.41
CA LEU A 72 1.57 -12.34 -4.30
C LEU A 72 2.03 -11.87 -5.69
N HIS A 73 3.05 -12.52 -6.26
CA HIS A 73 3.61 -12.05 -7.51
C HIS A 73 2.98 -12.75 -8.70
N LYS A 74 2.89 -12.05 -9.83
CA LYS A 74 2.50 -12.69 -11.13
C LYS A 74 3.52 -13.78 -11.50
N GLY A 75 3.05 -14.87 -12.08
CA GLY A 75 3.90 -16.01 -12.37
C GLY A 75 4.00 -17.02 -11.25
N SER A 76 3.82 -16.61 -9.98
CA SER A 76 3.90 -17.59 -8.89
C SER A 76 2.68 -17.61 -7.98
N GLY A 77 2.69 -16.70 -7.02
CA GLY A 77 1.62 -16.60 -6.08
C GLY A 77 0.31 -16.45 -6.75
N GLN A 78 0.26 -15.47 -7.66
CA GLN A 78 -1.00 -15.17 -8.37
C GLN A 78 -1.45 -16.35 -9.24
N GLU A 79 -0.52 -17.14 -9.78
CA GLU A 79 -0.92 -18.36 -10.53
C GLU A 79 -1.68 -19.27 -9.59
N ALA A 80 -1.20 -19.43 -8.35
CA ALA A 80 -1.86 -20.36 -7.44
C ALA A 80 -3.24 -19.88 -7.16
N MET A 81 -3.38 -18.56 -6.89
CA MET A 81 -4.70 -17.96 -6.64
C MET A 81 -5.64 -18.07 -7.85
N LYS A 82 -5.11 -17.80 -9.05
CA LYS A 82 -5.85 -17.99 -10.30
C LYS A 82 -6.34 -19.43 -10.38
N LYS A 83 -5.46 -20.42 -10.21
CA LYS A 83 -5.85 -21.85 -10.24
C LYS A 83 -6.96 -22.17 -9.24
N ALA A 84 -6.94 -21.43 -8.12
CA ALA A 84 -7.97 -21.59 -7.10
C ALA A 84 -9.26 -20.82 -7.41
N GLY A 85 -9.26 -19.95 -8.42
CA GLY A 85 -10.40 -19.06 -8.71
C GLY A 85 -10.52 -17.90 -7.73
N LEU A 86 -9.41 -17.52 -7.09
CA LEU A 86 -9.39 -16.52 -5.99
C LEU A 86 -8.60 -15.20 -6.31
N LEU A 87 -8.13 -15.05 -7.54
CA LEU A 87 -7.29 -13.98 -7.89
C LEU A 87 -7.97 -12.64 -7.72
N GLN A 88 -9.19 -12.56 -8.25
CA GLN A 88 -9.95 -11.33 -8.16
C GLN A 88 -10.25 -11.03 -6.69
N THR A 89 -10.55 -12.06 -5.90
CA THR A 89 -10.81 -11.82 -4.49
C THR A 89 -9.53 -11.26 -3.82
N TYR A 90 -8.38 -11.80 -4.19
CA TYR A 90 -7.11 -11.28 -3.70
C TYR A 90 -7.02 -9.77 -4.12
N TYR A 91 -7.20 -9.47 -5.39
CA TYR A 91 -7.18 -8.11 -5.80
C TYR A 91 -8.15 -7.21 -5.04
N ASP A 92 -9.38 -7.65 -4.82
CA ASP A 92 -10.40 -6.84 -4.15
C ASP A 92 -9.95 -6.40 -2.79
N LEU A 93 -9.30 -7.29 -2.06
CA LEU A 93 -8.99 -7.03 -0.66
C LEU A 93 -7.56 -6.40 -0.48
N ALA A 94 -6.71 -6.56 -1.48
CA ALA A 94 -5.32 -6.13 -1.44
C ALA A 94 -5.20 -4.66 -1.83
N LEU A 95 -4.08 -4.09 -1.45
CA LEU A 95 -3.86 -2.62 -1.48
C LEU A 95 -2.45 -2.42 -2.13
N PRO A 96 -2.41 -1.92 -3.36
CA PRO A 96 -1.12 -1.61 -3.91
C PRO A 96 -0.52 -0.42 -3.21
N MET A 97 0.80 -0.39 -3.11
CA MET A 97 1.52 0.63 -2.36
C MET A 97 2.83 1.13 -2.97
N GLY A 98 3.03 2.44 -2.85
CA GLY A 98 4.28 3.03 -3.22
C GLY A 98 5.35 2.63 -2.23
N VAL A 99 6.61 2.98 -2.55
CA VAL A 99 7.80 2.77 -1.69
C VAL A 99 8.62 4.06 -1.61
N ASN A 100 8.87 4.50 -0.40
CA ASN A 100 9.73 5.64 -0.09
C ASN A 100 11.03 5.07 0.49
N ILE A 101 12.16 5.48 -0.03
CA ILE A 101 13.41 5.20 0.66
C ILE A 101 13.80 6.51 1.36
N ALA A 102 14.12 6.42 2.65
CA ALA A 102 14.52 7.58 3.44
C ALA A 102 15.88 7.36 4.14
N ASP A 103 16.53 8.45 4.56
CA ASP A 103 17.78 8.35 5.32
C ASP A 103 17.45 8.43 6.80
N GLU A 104 18.46 8.31 7.67
CA GLU A 104 18.25 8.35 9.11
C GLU A 104 17.82 9.72 9.61
N LYS A 105 17.94 10.76 8.78
CA LYS A 105 17.49 12.10 9.11
C LYS A 105 16.08 12.39 8.63
N GLY A 106 15.45 11.43 7.94
CA GLY A 106 14.07 11.63 7.46
C GLY A 106 13.94 12.34 6.13
N ASN A 107 15.04 12.42 5.41
CA ASN A 107 15.01 12.94 4.06
C ASN A 107 14.49 11.81 3.19
N ILE A 108 13.50 12.09 2.37
CA ILE A 108 13.07 11.16 1.35
C ILE A 108 14.12 11.19 0.23
N LEU A 109 14.82 10.09 0.01
CA LEU A 109 15.80 9.98 -1.06
C LEU A 109 15.14 9.51 -2.37
N SER A 110 14.03 8.80 -2.28
CA SER A 110 13.40 8.26 -3.50
C SER A 110 11.96 7.83 -3.18
N THR A 111 11.03 8.26 -4.04
CA THR A 111 9.58 7.91 -3.97
C THR A 111 9.26 7.13 -5.24
N LYS A 112 8.70 5.92 -5.13
CA LYS A 112 8.24 5.15 -6.32
C LYS A 112 6.76 4.88 -6.14
N ASN A 113 5.90 5.64 -6.80
CA ASN A 113 4.44 5.49 -6.62
C ASN A 113 3.87 4.36 -7.46
N VAL A 114 2.70 3.86 -7.06
CA VAL A 114 1.99 2.86 -7.87
C VAL A 114 1.51 3.56 -9.16
N LYS A 115 1.95 3.06 -10.31
CA LYS A 115 1.45 3.45 -11.61
C LYS A 115 0.21 2.57 -11.96
N PRO A 116 -0.83 3.17 -12.55
CA PRO A 116 -2.07 2.42 -12.83
C PRO A 116 -1.85 1.08 -13.54
N GLU A 117 -0.83 0.97 -14.38
CA GLU A 117 -0.58 -0.25 -15.14
C GLU A 117 0.17 -1.30 -14.30
N ASN A 118 0.79 -0.88 -13.19
CA ASN A 118 1.48 -1.81 -12.28
C ASN A 118 0.66 -2.18 -11.06
N ARG A 119 -0.56 -1.64 -10.94
CA ARG A 119 -1.47 -1.83 -9.79
C ARG A 119 -1.55 -3.27 -9.34
N PHE A 120 -1.54 -4.20 -10.30
CA PHE A 120 -1.77 -5.62 -10.02
C PHE A 120 -0.53 -6.51 -9.91
N ASP A 121 0.64 -5.90 -9.97
CA ASP A 121 1.88 -6.64 -9.97
C ASP A 121 2.05 -7.45 -8.70
N ASN A 122 1.83 -6.76 -7.56
CA ASN A 122 2.00 -7.34 -6.22
C ASN A 122 1.35 -6.55 -5.03
N PRO A 123 0.00 -6.38 -5.07
CA PRO A 123 -0.67 -5.63 -4.03
C PRO A 123 -0.58 -6.34 -2.68
N GLU A 124 -0.36 -5.53 -1.62
CA GLU A 124 -0.26 -5.93 -0.25
C GLU A 124 -1.58 -6.38 0.27
N ILE A 125 -1.62 -7.62 0.80
CA ILE A 125 -2.76 -8.09 1.53
C ILE A 125 -2.44 -8.45 2.97
N ASN A 126 -3.38 -8.12 3.86
CA ASN A 126 -3.33 -8.47 5.28
C ASN A 126 -3.46 -10.01 5.45
N ARG A 127 -2.74 -10.59 6.41
CA ARG A 127 -2.69 -12.05 6.53
C ARG A 127 -4.00 -12.71 6.96
N ASN A 128 -4.77 -12.05 7.82
CA ASN A 128 -6.09 -12.54 8.19
C ASN A 128 -7.05 -12.41 7.05
N ASP A 129 -6.97 -11.28 6.30
CA ASP A 129 -7.67 -11.15 5.04
C ASP A 129 -7.37 -12.34 4.08
N LEU A 130 -6.09 -12.67 3.84
CA LEU A 130 -5.79 -13.78 2.92
C LEU A 130 -6.40 -15.05 3.49
N ARG A 131 -6.17 -15.34 4.76
CA ARG A 131 -6.72 -16.55 5.39
C ARG A 131 -8.23 -16.68 5.29
N ALA A 132 -8.95 -15.58 5.53
CA ALA A 132 -10.38 -15.53 5.33
C ALA A 132 -10.79 -15.88 3.85
N ILE A 133 -9.98 -15.46 2.88
CA ILE A 133 -10.26 -15.76 1.46
C ILE A 133 -10.08 -17.26 1.23
N LEU A 134 -8.95 -17.77 1.65
CA LEU A 134 -8.74 -19.20 1.57
C LEU A 134 -9.82 -19.97 2.34
N LEU A 135 -10.02 -19.72 3.64
CA LEU A 135 -11.02 -20.50 4.40
C LEU A 135 -12.39 -20.56 3.75
N ASN A 136 -12.87 -19.41 3.27
CA ASN A 136 -14.18 -19.28 2.60
C ASN A 136 -14.22 -20.17 1.31
N SER A 137 -13.08 -20.36 0.67
CA SER A 137 -13.00 -21.09 -0.59
C SER A 137 -13.23 -22.56 -0.38
N LEU A 138 -12.99 -23.07 0.82
CA LEU A 138 -13.02 -24.50 1.14
C LEU A 138 -14.42 -25.01 1.63
N GLU A 139 -14.65 -26.31 1.54
CA GLU A 139 -15.94 -26.86 2.03
C GLU A 139 -15.96 -26.77 3.53
N ASN A 140 -17.15 -26.87 4.14
CA ASN A 140 -17.24 -26.72 5.60
C ASN A 140 -16.49 -27.88 6.28
N ASP A 141 -15.88 -27.60 7.43
CA ASP A 141 -15.12 -28.61 8.20
C ASP A 141 -13.93 -29.27 7.47
N THR A 142 -13.43 -28.62 6.46
CA THR A 142 -12.17 -28.99 5.91
C THR A 142 -11.13 -28.76 6.97
N VAL A 143 -11.12 -27.55 7.55
CA VAL A 143 -10.14 -27.19 8.61
C VAL A 143 -10.66 -27.59 10.01
N ILE A 144 -9.80 -28.26 10.78
CA ILE A 144 -10.11 -28.71 12.12
C ILE A 144 -9.20 -27.92 13.09
N TRP A 145 -9.80 -27.05 13.89
CA TRP A 145 -9.10 -26.06 14.68
C TRP A 145 -8.71 -26.66 16.02
N ASP A 146 -7.75 -26.03 16.70
CA ASP A 146 -7.29 -26.47 18.01
C ASP A 146 -6.67 -27.88 17.92
N ARG A 147 -5.91 -28.10 16.85
CA ARG A 147 -5.21 -29.32 16.57
C ARG A 147 -3.71 -29.05 16.40
N LYS A 148 -2.95 -29.40 17.43
CA LYS A 148 -1.54 -29.19 17.44
C LYS A 148 -0.87 -30.56 17.27
N LEU A 149 -0.44 -30.88 16.05
CA LEU A 149 0.27 -32.13 15.80
C LEU A 149 1.55 -32.14 16.61
N VAL A 150 1.72 -33.17 17.47
CA VAL A 150 2.92 -33.34 18.25
C VAL A 150 3.72 -34.56 17.81
N MET A 151 3.06 -35.53 17.17
CA MET A 151 3.73 -36.76 16.78
C MET A 151 3.09 -37.45 15.57
N LEU A 152 3.95 -38.11 14.82
CA LEU A 152 3.62 -38.74 13.55
C LEU A 152 4.15 -40.18 13.61
N GLU A 153 3.33 -41.14 13.24
CA GLU A 153 3.75 -42.55 13.39
C GLU A 153 3.28 -43.34 12.19
N PRO A 154 4.20 -44.00 11.50
CA PRO A 154 3.80 -44.74 10.29
C PRO A 154 3.30 -46.15 10.58
N GLY A 155 2.10 -46.45 10.08
CA GLY A 155 1.50 -47.75 10.28
C GLY A 155 1.62 -48.62 9.05
N LYS A 156 0.82 -49.70 9.05
CA LYS A 156 0.70 -50.61 7.92
C LYS A 156 0.52 -49.89 6.58
N LYS A 157 -0.60 -49.18 6.44
CA LYS A 157 -0.96 -48.43 5.22
C LYS A 157 -1.26 -46.96 5.53
N LYS A 158 -1.26 -46.57 6.80
CA LYS A 158 -1.64 -45.22 7.18
C LYS A 158 -0.72 -44.63 8.24
N TRP A 159 -0.55 -43.31 8.14
CA TRP A 159 0.04 -42.55 9.20
C TRP A 159 -0.95 -42.41 10.34
N THR A 160 -0.47 -42.60 11.56
CA THR A 160 -1.23 -42.21 12.73
C THR A 160 -0.67 -40.86 13.15
N LEU A 161 -1.59 -39.94 13.42
CA LEU A 161 -1.32 -38.55 13.74
C LEU A 161 -1.76 -38.23 15.15
N THR A 162 -0.82 -37.80 16.01
CA THR A 162 -1.10 -37.49 17.42
C THR A 162 -1.27 -36.00 17.65
N PHE A 163 -2.38 -35.58 18.30
CA PHE A 163 -2.64 -34.14 18.58
C PHE A 163 -2.81 -33.90 20.07
N GLU A 164 -2.27 -32.79 20.56
CA GLU A 164 -2.20 -32.53 21.99
C GLU A 164 -3.60 -32.47 22.54
N ASN A 165 -3.89 -33.33 23.51
CA ASN A 165 -5.21 -33.44 24.16
C ASN A 165 -6.44 -33.59 23.27
N LYS A 166 -6.31 -34.17 22.09
CA LYS A 166 -7.46 -34.35 21.19
C LYS A 166 -7.36 -35.71 20.54
N PRO A 167 -8.44 -36.19 19.93
CA PRO A 167 -8.38 -37.51 19.32
C PRO A 167 -7.31 -37.64 18.25
N SER A 168 -6.72 -38.83 18.14
CA SER A 168 -5.78 -39.13 17.06
C SER A 168 -6.56 -39.33 15.82
N GLU A 169 -5.90 -39.23 14.67
CA GLU A 169 -6.52 -39.35 13.34
C GLU A 169 -5.57 -40.08 12.44
N THR A 170 -6.02 -40.46 11.25
CA THR A 170 -5.15 -41.18 10.33
C THR A 170 -5.25 -40.63 8.92
N ALA A 171 -4.19 -40.87 8.12
CA ALA A 171 -4.10 -40.34 6.76
C ALA A 171 -3.17 -41.17 5.85
N ASP A 172 -3.47 -41.21 4.55
CA ASP A 172 -2.65 -41.94 3.56
C ASP A 172 -1.43 -41.16 3.09
N LEU A 173 -1.51 -39.82 3.19
CA LEU A 173 -0.47 -38.88 2.76
C LEU A 173 -0.52 -37.67 3.72
N VAL A 174 0.63 -37.36 4.36
CA VAL A 174 0.77 -36.20 5.22
C VAL A 174 1.58 -35.18 4.45
N ILE A 175 1.05 -33.97 4.38
CA ILE A 175 1.79 -32.89 3.80
C ILE A 175 2.04 -31.99 4.97
N LEU A 176 3.31 -31.74 5.26
CA LEU A 176 3.71 -30.85 6.36
C LEU A 176 3.70 -29.45 5.72
N ALA A 177 2.95 -28.52 6.33
CA ALA A 177 2.76 -27.10 5.91
C ALA A 177 2.76 -26.24 7.17
N ASN A 178 3.47 -26.70 8.21
CA ASN A 178 3.36 -26.10 9.52
C ASN A 178 4.51 -25.12 9.88
N GLY A 179 5.07 -24.50 8.84
CA GLY A 179 5.99 -23.42 9.01
C GLY A 179 7.42 -23.77 9.29
N GLY A 180 8.24 -22.74 9.40
CA GLY A 180 9.74 -22.95 9.42
C GLY A 180 10.31 -23.74 10.58
N MET A 181 9.58 -23.77 11.69
CA MET A 181 10.04 -24.42 12.91
C MET A 181 9.32 -25.77 13.15
N SER A 182 8.76 -26.37 12.12
CA SER A 182 8.15 -27.67 12.25
C SER A 182 9.11 -28.65 12.98
N LYS A 183 8.56 -29.39 13.94
CA LYS A 183 9.26 -30.35 14.76
C LYS A 183 9.05 -31.79 14.33
N VAL A 184 8.33 -32.01 13.24
CA VAL A 184 7.88 -33.35 12.91
C VAL A 184 8.36 -33.69 11.48
N ARG A 185 9.57 -33.26 11.17
CA ARG A 185 10.18 -33.42 9.84
C ARG A 185 11.08 -34.68 9.67
N LYS A 186 11.35 -35.41 10.75
CA LYS A 186 12.36 -36.47 10.72
C LYS A 186 12.14 -37.53 9.62
N PHE A 187 10.90 -37.86 9.31
CA PHE A 187 10.65 -38.87 8.29
C PHE A 187 10.95 -38.39 6.86
N VAL A 188 10.97 -37.08 6.62
CA VAL A 188 11.41 -36.52 5.33
C VAL A 188 12.96 -36.26 5.31
N THR A 189 13.46 -35.59 6.34
CA THR A 189 14.85 -35.16 6.34
C THR A 189 15.33 -34.94 7.78
N ASP A 190 16.65 -35.10 8.01
CA ASP A 190 17.29 -34.79 9.29
C ASP A 190 17.90 -33.39 9.28
N THR A 191 17.87 -32.70 8.14
CA THR A 191 18.37 -31.32 8.08
C THR A 191 17.72 -30.46 9.18
N GLU A 192 18.47 -29.55 9.77
CA GLU A 192 17.92 -28.63 10.81
C GLU A 192 18.00 -27.16 10.42
N VAL A 193 17.07 -26.41 10.95
CA VAL A 193 16.98 -25.03 10.78
C VAL A 193 18.27 -24.45 11.30
N GLU A 194 18.79 -23.41 10.64
CA GLU A 194 20.02 -22.70 11.08
C GLU A 194 19.70 -21.21 11.19
N GLU A 195 20.43 -20.55 12.05
CA GLU A 195 20.41 -19.12 12.18
C GLU A 195 21.39 -18.53 11.14
N THR A 196 21.05 -17.42 10.55
CA THR A 196 21.84 -16.91 9.47
C THR A 196 22.80 -15.83 9.92
N GLY A 197 22.62 -15.31 11.14
CA GLY A 197 23.42 -14.21 11.63
C GLY A 197 22.76 -12.86 11.71
N THR A 198 21.54 -12.70 11.17
CA THR A 198 20.80 -11.45 11.40
C THR A 198 19.64 -11.69 12.42
N PHE A 199 19.01 -10.61 12.83
CA PHE A 199 17.98 -10.62 13.82
C PHE A 199 16.96 -9.50 13.48
N ASN A 200 15.66 -9.79 13.72
CA ASN A 200 14.52 -8.92 13.36
C ASN A 200 13.67 -8.64 14.58
N ILE A 201 13.34 -7.35 14.80
CA ILE A 201 12.42 -6.88 15.78
C ILE A 201 11.24 -6.29 15.06
N GLN A 202 10.04 -6.74 15.43
CA GLN A 202 8.77 -6.34 14.78
C GLN A 202 7.71 -5.80 15.75
N ALA A 203 6.87 -4.88 15.31
CA ALA A 203 5.83 -4.30 16.11
C ALA A 203 4.71 -3.69 15.29
N ASP A 204 3.56 -3.55 15.97
CA ASP A 204 2.41 -2.84 15.47
C ASP A 204 2.15 -1.57 16.27
N ILE A 205 1.65 -0.54 15.61
CA ILE A 205 1.24 0.71 16.26
C ILE A 205 -0.11 1.03 15.68
N HIS A 206 -1.09 1.13 16.58
CA HIS A 206 -2.44 1.47 16.22
C HIS A 206 -2.63 2.97 16.29
N GLN A 207 -3.59 3.46 15.53
CA GLN A 207 -3.79 4.87 15.28
C GLN A 207 -2.47 5.57 15.04
N PRO A 208 -1.74 5.07 14.04
CA PRO A 208 -0.42 5.64 13.82
C PRO A 208 -0.48 7.14 13.50
N GLU A 209 -1.59 7.62 12.94
CA GLU A 209 -1.73 9.06 12.66
C GLU A 209 -1.70 9.88 13.95
N ILE A 210 -2.10 9.25 15.06
CA ILE A 210 -2.11 9.87 16.40
C ILE A 210 -0.82 9.56 17.16
N ASN A 211 -0.33 8.33 17.06
CA ASN A 211 0.68 7.81 18.01
C ASN A 211 2.12 7.96 17.54
N CYS A 212 2.35 7.93 16.21
CA CYS A 212 3.61 8.32 15.58
C CYS A 212 3.40 9.29 14.37
N PRO A 213 2.91 10.53 14.64
CA PRO A 213 2.46 11.38 13.54
C PRO A 213 3.56 11.70 12.56
N GLY A 214 4.70 12.16 13.10
CA GLY A 214 5.86 12.45 12.28
C GLY A 214 6.23 11.27 11.34
N PHE A 215 6.41 10.09 11.92
CA PHE A 215 6.78 8.93 11.12
C PHE A 215 5.67 8.65 10.16
N PHE A 216 4.43 8.64 10.66
CA PHE A 216 3.28 8.33 9.78
C PHE A 216 3.29 9.22 8.52
N GLN A 217 3.54 10.52 8.74
CA GLN A 217 3.62 11.53 7.63
C GLN A 217 4.86 11.35 6.72
N LEU A 218 5.98 10.89 7.28
CA LEU A 218 7.13 10.51 6.47
C LEU A 218 6.80 9.37 5.46
N CYS A 219 5.97 8.43 5.88
CA CYS A 219 5.55 7.28 5.01
C CYS A 219 4.57 7.77 3.94
N ASN A 220 3.73 8.73 4.36
CA ASN A 220 2.81 9.40 3.46
C ASN A 220 2.08 8.39 2.54
N GLY A 221 1.56 7.32 3.15
CA GLY A 221 0.75 6.37 2.45
C GLY A 221 1.55 5.33 1.71
N ASN A 222 2.85 5.48 1.62
CA ASN A 222 3.73 4.46 1.06
C ASN A 222 4.43 3.65 2.13
N ARG A 223 4.90 2.49 1.75
CA ARG A 223 5.88 1.75 2.50
C ARG A 223 7.15 2.55 2.60
N LEU A 224 7.96 2.24 3.61
CA LEU A 224 9.18 3.06 3.89
C LEU A 224 10.33 2.14 4.29
N MET A 225 11.52 2.48 3.77
CA MET A 225 12.75 1.72 4.04
C MET A 225 13.86 2.74 4.32
N ALA A 226 14.62 2.49 5.35
CA ALA A 226 15.82 3.29 5.61
C ALA A 226 16.90 2.36 6.14
N SER A 227 18.16 2.81 6.00
CA SER A 227 19.37 2.04 6.18
C SER A 227 20.48 2.95 6.72
N HIS A 228 21.06 2.62 7.87
CA HIS A 228 22.10 3.43 8.45
C HIS A 228 22.93 2.60 9.39
N GLN A 229 24.23 2.50 9.05
CA GLN A 229 25.26 1.90 9.89
C GLN A 229 24.88 0.52 10.39
N GLY A 230 24.35 -0.30 9.50
CA GLY A 230 24.06 -1.68 9.84
C GLY A 230 22.67 -1.94 10.41
N ASN A 231 21.86 -0.90 10.63
CA ASN A 231 20.45 -1.06 11.12
C ASN A 231 19.51 -0.71 9.98
N LEU A 232 18.64 -1.66 9.63
CA LEU A 232 17.58 -1.47 8.60
C LEU A 232 16.20 -1.26 9.24
N LEU A 233 15.44 -0.28 8.75
CA LEU A 233 14.08 -0.06 9.20
C LEU A 233 13.20 -0.20 8.00
N PHE A 234 12.06 -0.90 8.14
CA PHE A 234 11.05 -1.06 7.11
C PHE A 234 9.73 -0.78 7.77
N ALA A 235 8.79 -0.24 7.03
CA ALA A 235 7.48 0.01 7.60
C ALA A 235 6.39 0.03 6.53
N ASN A 236 5.24 -0.45 6.91
CA ASN A 236 4.06 -0.34 6.12
C ASN A 236 3.07 0.44 6.96
N PRO A 237 2.75 1.69 6.58
CA PRO A 237 1.88 2.46 7.47
C PRO A 237 0.42 2.04 7.51
N ASN A 238 -0.01 1.16 6.60
CA ASN A 238 -1.45 0.83 6.50
C ASN A 238 -1.77 -0.63 6.26
N ASN A 239 -1.59 -1.47 7.31
CA ASN A 239 -2.06 -2.84 7.37
C ASN A 239 -3.40 -2.81 8.12
N ASN A 240 -4.48 -2.77 7.36
CA ASN A 240 -5.80 -2.60 7.92
C ASN A 240 -5.76 -1.56 9.08
N GLY A 241 -5.22 -0.37 8.81
CA GLY A 241 -5.22 0.71 9.77
C GLY A 241 -4.12 0.73 10.81
N ALA A 242 -3.41 -0.40 10.98
CA ALA A 242 -2.24 -0.44 11.89
C ALA A 242 -0.90 -0.17 11.13
N LEU A 243 0.01 0.55 11.75
CA LEU A 243 1.37 0.58 11.20
C LEU A 243 2.18 -0.65 11.63
N HIS A 244 2.77 -1.40 10.69
CA HIS A 244 3.68 -2.46 11.06
C HIS A 244 5.08 -2.01 10.71
N PHE A 245 5.98 -2.03 11.68
CA PHE A 245 7.42 -1.86 11.33
C PHE A 245 8.34 -3.00 11.73
N GLY A 246 9.44 -3.12 11.01
CA GLY A 246 10.52 -4.08 11.34
C GLY A 246 11.87 -3.43 11.41
N ILE A 247 12.64 -3.76 12.41
CA ILE A 247 14.03 -3.29 12.53
C ILE A 247 14.93 -4.51 12.52
N SER A 248 15.84 -4.57 11.55
CA SER A 248 16.73 -5.73 11.35
C SER A 248 18.23 -5.33 11.42
N PHE A 249 19.06 -6.22 11.95
CA PHE A 249 20.51 -5.96 12.15
C PHE A 249 21.22 -7.28 12.33
N LYS A 250 22.57 -7.26 12.19
CA LYS A 250 23.44 -8.42 12.45
C LYS A 250 23.34 -8.74 13.91
N THR A 251 23.22 -9.99 14.27
CA THR A 251 23.03 -10.33 15.67
C THR A 251 24.24 -9.84 16.42
N PRO A 252 24.04 -9.10 17.53
CA PRO A 252 25.20 -8.68 18.33
C PRO A 252 25.88 -9.89 18.96
N ASP A 253 27.20 -9.91 18.93
CA ASP A 253 28.01 -11.03 19.42
C ASP A 253 27.67 -11.40 20.88
N GLU A 254 27.33 -10.39 21.66
CA GLU A 254 26.95 -10.54 23.06
C GLU A 254 25.77 -11.51 23.31
N TRP A 255 25.03 -11.89 22.27
CA TRP A 255 23.80 -12.67 22.45
C TRP A 255 24.04 -14.13 22.20
N THR A 259 19.21 -12.10 23.12
CA THR A 259 19.07 -12.80 24.40
C THR A 259 19.41 -11.91 25.64
N GLN A 260 20.37 -10.98 25.52
CA GLN A 260 20.75 -10.03 26.60
C GLN A 260 19.77 -8.86 26.60
N VAL A 261 18.76 -8.96 25.73
CA VAL A 261 17.56 -8.13 25.79
C VAL A 261 16.38 -9.09 25.96
N ASP A 262 15.42 -8.71 26.79
CA ASP A 262 14.27 -9.53 27.09
C ASP A 262 13.05 -9.00 26.36
N PHE A 263 12.51 -9.78 25.42
CA PHE A 263 11.37 -9.31 24.61
C PHE A 263 10.03 -9.25 25.35
N GLN A 264 9.98 -9.83 26.54
CA GLN A 264 8.85 -9.66 27.48
C GLN A 264 8.83 -8.28 28.17
N ASN A 265 9.98 -7.65 28.32
CA ASN A 265 10.08 -6.35 28.97
C ASN A 265 10.32 -5.24 27.93
N ARG A 266 9.29 -4.43 27.70
CA ARG A 266 9.38 -3.36 26.70
C ARG A 266 10.48 -2.32 27.05
N ASN A 267 10.77 -2.15 28.34
CA ASN A 267 11.85 -1.25 28.75
C ASN A 267 13.22 -1.65 28.22
N SER A 268 13.56 -2.94 28.26
CA SER A 268 14.87 -3.36 27.78
C SER A 268 14.99 -3.32 26.27
N VAL A 269 13.89 -3.55 25.56
CA VAL A 269 13.88 -3.47 24.10
C VAL A 269 13.97 -2.03 23.69
N VAL A 270 13.17 -1.16 24.31
CA VAL A 270 13.29 0.28 24.10
C VAL A 270 14.70 0.81 24.34
N ASP A 271 15.33 0.40 25.44
CA ASP A 271 16.67 0.90 25.78
C ASP A 271 17.65 0.54 24.70
N PHE A 272 17.66 -0.75 24.34
CA PHE A 272 18.54 -1.25 23.30
C PHE A 272 18.37 -0.50 21.98
N LEU A 273 17.12 -0.23 21.59
CA LEU A 273 16.81 0.35 20.31
C LEU A 273 17.15 1.83 20.30
N LEU A 274 16.81 2.54 21.38
CA LEU A 274 17.22 3.97 21.50
C LEU A 274 18.75 4.12 21.43
N LYS A 275 19.52 3.24 22.08
CA LYS A 275 21.01 3.22 21.91
C LYS A 275 21.38 3.03 20.43
N GLU A 276 20.88 1.98 19.79
CA GLU A 276 21.22 1.68 18.41
C GLU A 276 20.78 2.78 17.46
N PHE A 277 19.64 3.42 17.77
CA PHE A 277 19.07 4.50 16.95
C PHE A 277 19.34 5.90 17.46
N SER A 278 20.38 6.07 18.29
CA SER A 278 20.73 7.41 18.83
C SER A 278 20.93 8.45 17.71
N ASP A 279 21.53 8.03 16.59
CA ASP A 279 21.81 8.89 15.41
C ASP A 279 20.59 9.34 14.61
N TRP A 280 19.47 8.61 14.73
CA TRP A 280 18.31 8.77 13.87
C TRP A 280 17.41 9.88 14.30
N ASP A 281 16.75 10.52 13.33
CA ASP A 281 15.79 11.58 13.58
C ASP A 281 14.76 11.23 14.67
N LYS A 282 14.21 12.25 15.29
CA LYS A 282 13.31 12.09 16.40
C LYS A 282 12.06 11.31 15.98
N ARG A 283 11.59 11.54 14.75
CA ARG A 283 10.46 10.77 14.22
C ARG A 283 10.62 9.24 14.33
N TYR A 284 11.81 8.70 14.10
CA TYR A 284 12.00 7.25 14.22
C TYR A 284 12.03 6.85 15.69
N LYS A 285 12.67 7.65 16.51
CA LYS A 285 12.72 7.38 17.97
C LYS A 285 11.33 7.31 18.56
N GLU A 286 10.46 8.21 18.07
CA GLU A 286 9.10 8.33 18.55
C GLU A 286 8.37 7.01 18.27
N LEU A 287 8.73 6.40 17.15
CA LEU A 287 8.20 5.14 16.73
C LEU A 287 8.52 4.11 17.80
N ILE A 288 9.77 4.03 18.18
CA ILE A 288 10.23 3.07 19.18
C ILE A 288 9.59 3.36 20.56
N HIS A 289 9.47 4.64 20.91
CA HIS A 289 8.98 5.07 22.24
C HIS A 289 7.52 4.77 22.47
N THR A 290 6.72 4.79 21.41
CA THR A 290 5.29 4.63 21.47
C THR A 290 4.81 3.18 21.29
N THR A 291 5.68 2.29 20.87
CA THR A 291 5.33 0.90 20.72
C THR A 291 5.08 0.24 22.08
N LEU A 292 4.00 -0.52 22.16
CA LEU A 292 3.64 -1.16 23.41
C LEU A 292 4.40 -2.47 23.58
N SER A 293 4.51 -3.27 22.52
CA SER A 293 5.17 -4.56 22.60
C SER A 293 5.88 -4.90 21.31
N PHE A 294 7.03 -5.59 21.45
CA PHE A 294 7.92 -5.95 20.39
C PHE A 294 8.09 -7.44 20.31
N VAL A 295 8.21 -7.94 19.10
CA VAL A 295 8.57 -9.31 18.93
C VAL A 295 9.98 -9.35 18.33
N GLY A 296 10.84 -10.12 18.98
CA GLY A 296 12.17 -10.40 18.49
C GLY A 296 12.25 -11.81 17.93
N LEU A 297 12.89 -11.96 16.76
CA LEU A 297 13.22 -13.32 16.24
C LEU A 297 14.52 -13.32 15.36
N ALA A 298 15.38 -14.28 15.63
CA ALA A 298 16.59 -14.51 14.85
C ALA A 298 16.16 -14.93 13.48
N THR A 299 16.75 -14.37 12.43
CA THR A 299 16.50 -14.90 11.08
C THR A 299 17.05 -16.34 10.98
N ARG A 300 16.28 -17.16 10.25
CA ARG A 300 16.60 -18.55 10.05
C ARG A 300 16.40 -18.99 8.59
N ILE A 301 16.99 -20.13 8.30
CA ILE A 301 16.92 -20.78 7.00
C ILE A 301 16.83 -22.29 7.28
N PHE A 302 15.96 -22.98 6.57
CA PHE A 302 15.98 -24.40 6.42
C PHE A 302 16.67 -24.73 5.10
N PRO A 303 17.96 -25.03 5.14
CA PRO A 303 18.70 -25.02 3.91
C PRO A 303 18.44 -26.30 3.06
N LEU A 304 18.20 -26.10 1.76
CA LEU A 304 18.10 -27.16 0.74
C LEU A 304 19.51 -27.60 0.27
N GLU A 305 20.28 -28.12 1.20
CA GLU A 305 21.73 -28.34 1.02
C GLU A 305 21.97 -29.74 0.47
N LYS A 306 21.16 -30.70 0.89
CA LYS A 306 21.31 -32.10 0.52
C LYS A 306 19.96 -32.72 0.25
N PRO A 307 19.91 -33.75 -0.62
CA PRO A 307 18.62 -34.39 -0.96
C PRO A 307 17.91 -34.94 0.27
N TRP A 308 16.59 -35.03 0.19
CA TRP A 308 15.80 -35.59 1.31
C TRP A 308 15.84 -37.10 1.23
N LYS A 309 15.29 -37.76 2.24
CA LYS A 309 15.38 -39.22 2.32
C LYS A 309 14.61 -39.90 1.22
N SER A 310 15.30 -40.77 0.47
CA SER A 310 14.63 -41.63 -0.53
C SER A 310 13.97 -42.83 0.11
N LYS A 311 14.47 -43.30 1.25
CA LYS A 311 13.79 -44.38 1.94
C LYS A 311 12.77 -43.73 2.85
N ARG A 312 11.47 -43.96 2.58
CA ARG A 312 10.36 -43.45 3.41
C ARG A 312 9.23 -44.46 3.70
N PRO A 313 8.85 -44.60 4.96
CA PRO A 313 7.89 -45.65 5.27
C PRO A 313 6.55 -45.54 4.50
N LEU A 314 6.00 -44.32 4.46
CA LEU A 314 4.74 -44.03 3.77
C LEU A 314 4.86 -42.67 3.08
N PRO A 315 3.98 -42.36 2.12
CA PRO A 315 4.04 -41.04 1.48
C PRO A 315 3.87 -39.87 2.46
N ILE A 316 4.92 -39.05 2.57
CA ILE A 316 4.96 -37.82 3.33
C ILE A 316 5.81 -36.78 2.59
N THR A 317 5.38 -35.50 2.60
CA THR A 317 6.17 -34.41 2.06
C THR A 317 6.01 -33.05 2.79
N MET A 318 6.72 -32.03 2.31
CA MET A 318 6.72 -30.69 2.90
C MET A 318 6.60 -29.63 1.83
N ILE A 319 5.80 -28.57 2.17
CA ILE A 319 5.58 -27.39 1.35
C ILE A 319 5.68 -26.09 2.21
N GLY A 320 5.91 -24.97 1.54
CA GLY A 320 6.00 -23.71 2.20
C GLY A 320 7.27 -23.59 3.03
N ASP A 321 7.19 -22.91 4.18
CA ASP A 321 8.36 -22.66 5.01
C ASP A 321 8.85 -23.95 5.68
N ALA A 322 7.97 -24.91 5.89
CA ALA A 322 8.41 -26.30 6.33
C ALA A 322 9.51 -26.86 5.39
N ALA A 323 9.40 -26.58 4.09
CA ALA A 323 10.33 -27.13 3.10
C ALA A 323 11.60 -26.24 2.83
N HIS A 324 11.44 -24.91 2.82
CA HIS A 324 12.50 -23.97 2.45
C HIS A 324 12.45 -22.58 3.19
N LEU A 325 12.13 -22.55 4.47
CA LEU A 325 12.28 -21.32 5.27
C LEU A 325 13.50 -20.56 4.84
N MET A 326 13.37 -19.26 4.56
CA MET A 326 14.53 -18.50 4.17
C MET A 326 14.43 -17.03 4.63
N PRO A 327 15.54 -16.32 4.68
CA PRO A 327 15.40 -14.95 5.14
C PRO A 327 14.39 -14.17 4.30
N PRO A 328 13.59 -13.28 4.93
CA PRO A 328 12.59 -12.47 4.24
C PRO A 328 13.10 -11.10 3.66
N PHE A 329 14.23 -11.07 2.98
CA PHE A 329 14.80 -9.80 2.55
C PHE A 329 14.77 -9.56 1.05
N ALA A 330 14.23 -10.51 0.28
CA ALA A 330 14.04 -10.31 -1.17
C ALA A 330 12.64 -10.69 -1.63
N GLY A 331 11.68 -10.65 -0.69
CA GLY A 331 10.29 -11.00 -0.94
C GLY A 331 10.08 -12.42 -1.42
N GLN A 332 10.91 -13.35 -0.98
CA GLN A 332 10.90 -14.72 -1.55
C GLN A 332 9.84 -15.67 -0.97
N GLY A 333 9.51 -15.41 0.30
CA GLY A 333 8.76 -16.33 1.13
C GLY A 333 7.55 -17.08 0.66
N VAL A 334 6.36 -16.44 0.66
CA VAL A 334 5.08 -17.17 0.53
C VAL A 334 4.84 -17.63 -0.89
N ASN A 335 5.46 -16.91 -1.81
CA ASN A 335 5.28 -17.16 -3.24
C ASN A 335 5.86 -18.48 -3.67
N SER A 336 7.07 -18.76 -3.25
CA SER A 336 7.65 -20.03 -3.60
C SER A 336 6.83 -21.16 -2.96
N GLY A 337 6.28 -20.90 -1.76
CA GLY A 337 5.40 -21.87 -1.07
C GLY A 337 4.06 -22.10 -1.75
N LEU A 338 3.54 -21.05 -2.41
CA LEU A 338 2.34 -21.18 -3.17
C LEU A 338 2.56 -21.98 -4.47
N VAL A 339 3.71 -21.74 -5.08
CA VAL A 339 4.12 -22.52 -6.20
C VAL A 339 4.24 -24.00 -5.74
N ASP A 340 4.75 -24.28 -4.54
CA ASP A 340 4.85 -25.69 -4.14
C ASP A 340 3.45 -26.27 -4.18
N ALA A 341 2.51 -25.49 -3.69
CA ALA A 341 1.14 -25.93 -3.63
C ALA A 341 0.70 -26.33 -5.06
N LEU A 342 0.94 -25.46 -6.02
CA LEU A 342 0.42 -25.60 -7.34
C LEU A 342 1.02 -26.89 -7.97
N ILE A 343 2.35 -26.98 -7.93
CA ILE A 343 3.09 -28.10 -8.48
C ILE A 343 2.72 -29.45 -7.86
N LEU A 344 2.51 -29.46 -6.55
CA LEU A 344 2.19 -30.73 -5.85
C LEU A 344 0.77 -31.14 -6.22
N SER A 345 -0.14 -30.19 -6.29
CA SER A 345 -1.54 -30.56 -6.48
C SER A 345 -1.75 -31.05 -7.93
N ASP A 346 -1.15 -30.35 -8.89
CA ASP A 346 -1.13 -30.82 -10.26
C ASP A 346 -0.66 -32.27 -10.30
N ASN A 347 0.51 -32.51 -9.72
CA ASN A 347 1.05 -33.83 -9.63
C ASN A 347 0.13 -34.91 -9.00
N LEU A 348 -0.45 -34.62 -7.84
CA LEU A 348 -1.37 -35.56 -7.18
C LEU A 348 -2.75 -35.65 -7.87
N ALA A 349 -2.96 -34.82 -8.89
CA ALA A 349 -4.27 -34.68 -9.53
C ALA A 349 -4.48 -35.79 -10.54
N ASP A 350 -3.43 -36.09 -11.28
CA ASP A 350 -3.50 -36.99 -12.42
C ASP A 350 -3.18 -38.43 -12.05
N GLY A 351 -3.48 -39.32 -12.99
CA GLY A 351 -2.85 -40.64 -13.07
C GLY A 351 -1.63 -40.52 -13.97
N LYS A 352 -0.94 -39.38 -13.86
CA LYS A 352 0.21 -39.07 -14.69
C LYS A 352 1.42 -39.87 -14.22
N PHE A 353 1.41 -40.24 -12.94
CA PHE A 353 2.46 -41.03 -12.28
C PHE A 353 1.89 -42.36 -11.86
N ASN A 354 2.77 -43.29 -11.54
CA ASN A 354 2.33 -44.61 -11.10
C ASN A 354 1.95 -44.63 -9.63
N SER A 355 2.54 -43.74 -8.85
CA SER A 355 2.39 -43.78 -7.40
C SER A 355 2.44 -42.40 -6.79
N ILE A 356 1.80 -42.26 -5.63
CA ILE A 356 1.87 -41.03 -4.86
C ILE A 356 3.35 -40.72 -4.65
N GLU A 357 4.11 -41.77 -4.35
CA GLU A 357 5.55 -41.69 -4.11
C GLU A 357 6.28 -40.97 -5.25
N GLU A 358 5.99 -41.38 -6.47
CA GLU A 358 6.51 -40.72 -7.68
C GLU A 358 6.00 -39.29 -7.84
N ALA A 359 4.72 -39.04 -7.55
CA ALA A 359 4.18 -37.67 -7.63
C ALA A 359 4.93 -36.71 -6.66
N VAL A 360 5.10 -37.14 -5.41
CA VAL A 360 5.84 -36.41 -4.39
C VAL A 360 7.29 -36.17 -4.86
N LYS A 361 7.97 -37.24 -5.28
CA LYS A 361 9.38 -37.11 -5.76
C LYS A 361 9.54 -36.09 -6.87
N ASN A 362 8.63 -36.08 -7.82
CA ASN A 362 8.76 -35.18 -8.96
C ASN A 362 8.60 -33.77 -8.45
N TYR A 363 7.59 -33.53 -7.65
CA TYR A 363 7.45 -32.19 -7.01
C TYR A 363 8.76 -31.79 -6.28
N GLU A 364 9.28 -32.69 -5.47
CA GLU A 364 10.43 -32.35 -4.64
C GLU A 364 11.62 -31.96 -5.51
N GLN A 365 11.79 -32.66 -6.63
CA GLN A 365 12.80 -32.33 -7.62
C GLN A 365 12.71 -30.92 -8.24
N GLN A 366 11.52 -30.49 -8.62
CA GLN A 366 11.36 -29.13 -9.15
C GLN A 366 11.65 -28.12 -8.06
N MET A 367 11.13 -28.39 -6.86
CA MET A 367 11.17 -27.43 -5.75
C MET A 367 12.59 -27.19 -5.27
N PHE A 368 13.42 -28.21 -5.33
CA PHE A 368 14.82 -28.03 -5.02
C PHE A 368 15.45 -26.99 -5.95
N ILE A 369 14.98 -26.90 -7.17
CA ILE A 369 15.65 -26.06 -8.16
C ILE A 369 15.24 -24.61 -7.95
N TYR A 370 13.92 -24.36 -7.91
CA TYR A 370 13.48 -22.98 -7.72
C TYR A 370 13.62 -22.53 -6.29
N GLY A 371 13.40 -23.42 -5.32
CA GLY A 371 13.78 -23.20 -3.94
C GLY A 371 15.19 -22.71 -3.70
N LYS A 372 16.18 -23.47 -4.17
CA LYS A 372 17.59 -23.13 -4.00
C LYS A 372 17.97 -21.83 -4.67
N GLU A 373 17.34 -21.53 -5.80
CA GLU A 373 17.51 -20.23 -6.48
C GLU A 373 17.01 -19.11 -5.54
N ALA A 374 15.84 -19.31 -4.96
CA ALA A 374 15.28 -18.32 -4.03
C ALA A 374 16.21 -18.13 -2.80
N GLN A 375 16.71 -19.24 -2.24
CA GLN A 375 17.49 -19.18 -1.02
C GLN A 375 18.81 -18.47 -1.33
N GLU A 376 19.38 -18.73 -2.51
CA GLU A 376 20.61 -18.09 -2.91
C GLU A 376 20.40 -16.60 -2.98
N GLU A 377 19.23 -16.17 -3.45
CA GLU A 377 18.99 -14.75 -3.58
C GLU A 377 18.77 -14.09 -2.20
N SER A 378 17.98 -14.74 -1.32
CA SER A 378 17.76 -14.28 0.05
C SER A 378 19.03 -14.08 0.82
N THR A 379 19.86 -15.12 0.83
CA THR A 379 21.15 -15.15 1.46
C THR A 379 22.00 -14.02 0.89
N GLN A 380 22.05 -13.96 -0.43
CA GLN A 380 22.93 -13.00 -1.09
C GLN A 380 22.46 -11.61 -0.73
N ASN A 381 21.14 -11.37 -0.73
CA ASN A 381 20.64 -10.02 -0.42
C ASN A 381 20.80 -9.67 1.07
N GLU A 382 20.65 -10.68 1.91
CA GLU A 382 21.00 -10.58 3.31
C GLU A 382 22.46 -10.20 3.56
N ILE A 383 23.40 -10.84 2.86
CA ILE A 383 24.84 -10.48 2.94
C ILE A 383 24.96 -9.03 2.49
N GLU A 384 24.41 -8.77 1.32
CA GLU A 384 24.52 -7.45 0.69
C GLU A 384 24.02 -6.28 1.56
N MET A 385 22.86 -6.47 2.17
CA MET A 385 22.15 -5.37 2.86
C MET A 385 22.80 -4.93 4.17
N PHE A 386 23.42 -5.91 4.83
CA PHE A 386 24.05 -5.70 6.12
C PHE A 386 25.55 -5.44 6.03
N LYS A 387 26.04 -5.25 4.78
CA LYS A 387 27.35 -4.64 4.56
C LYS A 387 27.30 -3.28 5.21
N PRO A 388 28.25 -2.98 6.14
CA PRO A 388 28.30 -1.67 6.80
C PRO A 388 27.94 -0.46 5.92
N ASP A 389 28.39 -0.42 4.65
CA ASP A 389 28.13 0.73 3.76
C ASP A 389 27.00 0.50 2.71
N PHE A 390 25.95 -0.21 3.12
CA PHE A 390 24.82 -0.47 2.22
C PHE A 390 23.87 0.73 2.01
N THR A 391 23.44 0.91 0.76
CA THR A 391 22.57 2.00 0.37
C THR A 391 21.49 1.41 -0.56
N PHE A 392 20.21 1.55 -0.21
CA PHE A 392 19.09 1.00 -1.03
C PHE A 392 19.17 1.53 -2.47
N ASN B 22 27.90 -8.42 -24.56
CA ASN B 22 28.21 -7.06 -24.07
C ASN B 22 27.50 -6.00 -24.93
N LEU B 23 26.78 -5.07 -24.27
CA LEU B 23 26.08 -3.93 -24.92
C LEU B 23 26.95 -3.04 -25.84
N LEU B 24 28.23 -2.93 -25.51
CA LEU B 24 29.17 -2.03 -26.19
C LEU B 24 30.04 -2.70 -27.30
N SER B 25 29.70 -3.94 -27.65
CA SER B 25 30.59 -4.84 -28.42
C SER B 25 31.33 -4.28 -29.65
N ASP B 26 30.63 -3.60 -30.55
CA ASP B 26 31.31 -2.96 -31.66
C ASP B 26 31.39 -1.44 -31.47
N LYS B 27 31.61 -1.00 -30.21
CA LYS B 27 31.49 0.40 -29.88
C LYS B 27 32.63 0.89 -29.00
N ASN B 28 32.69 2.20 -28.82
CA ASN B 28 33.72 2.77 -27.97
C ASN B 28 33.17 3.83 -27.02
N VAL B 29 33.84 4.01 -25.88
CA VAL B 29 33.35 4.94 -24.86
C VAL B 29 34.36 6.11 -24.76
N ALA B 30 33.89 7.33 -24.60
CA ALA B 30 34.77 8.45 -24.38
C ALA B 30 34.49 8.97 -22.99
N ILE B 31 35.51 8.87 -22.10
CA ILE B 31 35.45 9.44 -20.77
C ILE B 31 36.10 10.79 -20.85
N ILE B 32 35.35 11.84 -20.57
CA ILE B 32 35.91 13.18 -20.54
C ILE B 32 36.39 13.48 -19.17
N GLY B 33 37.72 13.59 -19.02
CA GLY B 33 38.32 13.79 -17.67
C GLY B 33 39.02 12.60 -16.98
N GLY B 34 40.30 12.77 -16.63
CA GLY B 34 41.08 11.75 -15.96
C GLY B 34 41.40 12.13 -14.50
N GLY B 35 40.35 12.50 -13.75
CA GLY B 35 40.43 12.58 -12.33
C GLY B 35 40.48 11.14 -11.80
N PRO B 36 40.41 10.99 -10.48
CA PRO B 36 40.33 9.65 -9.85
C PRO B 36 39.07 8.93 -10.30
N VAL B 37 37.96 9.63 -10.45
CA VAL B 37 36.67 8.95 -10.88
C VAL B 37 36.71 8.48 -12.35
N GLY B 38 37.10 9.36 -13.25
CA GLY B 38 37.26 9.01 -14.62
C GLY B 38 38.27 7.92 -14.87
N LEU B 39 39.37 7.93 -14.16
CA LEU B 39 40.36 6.87 -14.40
C LEU B 39 39.89 5.54 -13.83
N THR B 40 39.23 5.54 -12.68
CA THR B 40 38.66 4.32 -12.18
C THR B 40 37.61 3.80 -13.20
N MET B 41 36.83 4.70 -13.78
CA MET B 41 35.82 4.30 -14.73
C MET B 41 36.47 3.55 -15.87
N ALA B 42 37.47 4.16 -16.47
CA ALA B 42 38.23 3.59 -17.55
C ALA B 42 38.82 2.21 -17.23
N LYS B 43 39.31 2.02 -16.02
CA LYS B 43 39.84 0.73 -15.60
C LYS B 43 38.76 -0.37 -15.56
N LEU B 44 37.62 -0.06 -14.93
CA LEU B 44 36.54 -1.07 -14.75
C LEU B 44 35.94 -1.45 -16.12
N LEU B 45 35.90 -0.50 -17.03
CA LEU B 45 35.40 -0.79 -18.34
C LEU B 45 36.45 -1.55 -19.12
N GLN B 46 37.70 -1.15 -19.00
CA GLN B 46 38.78 -1.80 -19.81
C GLN B 46 39.01 -3.27 -19.46
N GLN B 47 38.84 -3.62 -18.18
CA GLN B 47 39.03 -5.02 -17.74
C GLN B 47 37.86 -5.95 -18.20
N ASN B 48 36.76 -5.36 -18.70
CA ASN B 48 35.67 -6.13 -19.27
C ASN B 48 35.73 -6.11 -20.80
N GLY B 49 36.86 -5.67 -21.33
CA GLY B 49 37.11 -5.72 -22.77
C GLY B 49 36.41 -4.62 -23.53
N ILE B 50 35.88 -3.63 -22.80
CA ILE B 50 35.23 -2.53 -23.48
C ILE B 50 36.30 -1.55 -23.97
N ASP B 51 36.08 -0.95 -25.14
CA ASP B 51 37.04 0.00 -25.74
C ASP B 51 36.80 1.44 -25.24
N VAL B 52 37.68 1.94 -24.41
CA VAL B 52 37.47 3.27 -23.79
C VAL B 52 38.71 4.15 -24.06
N SER B 53 38.50 5.44 -24.19
CA SER B 53 39.60 6.40 -24.12
C SER B 53 39.29 7.44 -23.06
N VAL B 54 40.31 7.95 -22.40
CA VAL B 54 40.14 9.05 -21.45
C VAL B 54 40.78 10.27 -22.13
N TYR B 55 40.04 11.36 -22.20
CA TYR B 55 40.53 12.63 -22.75
C TYR B 55 40.73 13.60 -21.60
N GLU B 56 41.99 14.01 -21.37
CA GLU B 56 42.37 14.78 -20.19
C GLU B 56 43.07 16.09 -20.58
N ARG B 57 42.53 17.17 -20.05
CA ARG B 57 43.00 18.54 -20.23
C ARG B 57 44.46 18.71 -19.81
N ASP B 58 44.89 18.10 -18.71
CA ASP B 58 46.28 18.19 -18.24
C ASP B 58 47.31 17.86 -19.33
N ASN B 59 48.38 18.63 -19.33
CA ASN B 59 49.39 18.56 -20.39
C ASN B 59 50.05 17.19 -20.47
N ASP B 60 50.35 16.56 -19.34
CA ASP B 60 50.98 15.25 -19.34
C ASP B 60 50.81 14.66 -17.97
N ARG B 61 51.19 13.39 -17.81
CA ARG B 61 50.89 12.65 -16.59
C ARG B 61 51.60 13.10 -15.33
N GLU B 62 52.64 13.92 -15.47
CA GLU B 62 53.32 14.51 -14.34
C GLU B 62 52.88 15.91 -13.87
N ALA B 63 51.81 16.47 -14.43
CA ALA B 63 51.20 17.74 -13.91
C ALA B 63 50.85 17.57 -12.43
N ARG B 64 51.20 18.54 -11.61
CA ARG B 64 50.94 18.46 -10.16
C ARG B 64 49.43 18.69 -9.96
N ILE B 65 48.77 17.87 -9.12
CA ILE B 65 47.37 18.10 -8.74
C ILE B 65 47.39 18.83 -7.39
N PHE B 66 46.90 20.04 -7.36
CA PHE B 66 46.80 20.79 -6.12
C PHE B 66 45.61 20.26 -5.29
N GLY B 67 45.79 20.29 -3.98
CA GLY B 67 44.74 19.83 -3.11
C GLY B 67 45.30 19.02 -1.98
N GLY B 68 44.43 18.74 -1.00
CA GLY B 68 44.67 17.81 0.08
C GLY B 68 44.74 16.35 -0.42
N THR B 69 44.89 15.41 0.51
CA THR B 69 44.77 14.03 0.34
C THR B 69 43.32 13.60 0.19
N LEU B 70 43.10 12.40 -0.33
CA LEU B 70 41.79 11.70 -0.40
C LEU B 70 41.86 10.43 0.48
N ASP B 71 40.73 10.06 1.04
CA ASP B 71 40.56 8.86 1.80
C ASP B 71 39.43 8.02 1.24
N LEU B 72 39.73 6.77 0.94
CA LEU B 72 38.76 5.84 0.33
C LEU B 72 38.13 5.03 1.45
N HIS B 73 36.80 5.02 1.54
CA HIS B 73 36.14 4.31 2.65
C HIS B 73 35.79 2.89 2.32
N LYS B 74 35.81 2.00 3.30
CA LYS B 74 35.26 0.62 3.11
C LYS B 74 33.77 0.67 2.69
N GLY B 75 33.34 -0.24 1.83
CA GLY B 75 31.98 -0.21 1.29
C GLY B 75 31.77 0.68 0.05
N SER B 76 32.64 1.65 -0.18
CA SER B 76 32.45 2.49 -1.37
C SER B 76 33.72 2.63 -2.19
N GLY B 77 34.55 3.60 -1.78
CA GLY B 77 35.79 3.86 -2.45
C GLY B 77 36.63 2.60 -2.61
N GLN B 78 36.80 1.87 -1.49
CA GLN B 78 37.62 0.66 -1.46
C GLN B 78 37.01 -0.48 -2.28
N GLU B 79 35.67 -0.57 -2.31
CA GLU B 79 35.03 -1.53 -3.22
C GLU B 79 35.45 -1.25 -4.68
N ALA B 80 35.48 0.01 -5.11
CA ALA B 80 35.91 0.31 -6.49
C ALA B 80 37.33 -0.12 -6.71
N MET B 81 38.22 0.20 -5.76
CA MET B 81 39.63 -0.21 -5.90
C MET B 81 39.79 -1.75 -5.86
N LYS B 82 39.05 -2.44 -4.98
CA LYS B 82 39.03 -3.92 -4.95
C LYS B 82 38.59 -4.48 -6.28
N LYS B 83 37.47 -4.01 -6.83
CA LYS B 83 37.00 -4.42 -8.16
C LYS B 83 38.05 -4.21 -9.26
N ALA B 84 38.89 -3.18 -9.09
CA ALA B 84 39.94 -2.90 -10.05
C ALA B 84 41.24 -3.68 -9.76
N GLY B 85 41.30 -4.46 -8.67
CA GLY B 85 42.52 -5.16 -8.28
C GLY B 85 43.62 -4.25 -7.73
N LEU B 86 43.23 -3.06 -7.20
CA LEU B 86 44.15 -2.00 -6.78
C LEU B 86 44.14 -1.64 -5.25
N LEU B 87 43.38 -2.40 -4.46
CA LEU B 87 43.18 -2.04 -3.08
C LEU B 87 44.49 -2.05 -2.32
N GLN B 88 45.24 -3.13 -2.49
CA GLN B 88 46.53 -3.28 -1.83
C GLN B 88 47.48 -2.19 -2.27
N THR B 89 47.49 -1.86 -3.57
CA THR B 89 48.33 -0.75 -4.01
C THR B 89 47.92 0.57 -3.29
N TYR B 90 46.62 0.80 -3.14
CA TYR B 90 46.14 1.95 -2.41
C TYR B 90 46.71 1.91 -0.96
N TYR B 91 46.52 0.81 -0.26
CA TYR B 91 47.05 0.66 1.05
C TYR B 91 48.57 0.88 1.15
N ASP B 92 49.32 0.29 0.23
CA ASP B 92 50.78 0.48 0.21
C ASP B 92 51.16 1.93 0.16
N LEU B 93 50.40 2.76 -0.56
CA LEU B 93 50.85 4.10 -0.81
C LEU B 93 50.21 5.11 0.15
N ALA B 94 49.15 4.67 0.85
CA ALA B 94 48.33 5.51 1.72
C ALA B 94 48.84 5.46 3.15
N LEU B 95 48.43 6.46 3.93
CA LEU B 95 49.07 6.78 5.23
C LEU B 95 47.90 6.99 6.20
N PRO B 96 47.71 6.09 7.13
CA PRO B 96 46.66 6.35 8.07
C PRO B 96 47.07 7.44 9.03
N MET B 97 46.12 8.20 9.53
CA MET B 97 46.45 9.34 10.38
C MET B 97 45.48 9.59 11.54
N GLY B 98 46.04 10.06 12.63
CA GLY B 98 45.25 10.50 13.72
C GLY B 98 44.59 11.82 13.45
N VAL B 99 43.74 12.25 14.38
CA VAL B 99 43.09 13.57 14.35
C VAL B 99 43.17 14.28 15.69
N ASN B 100 43.74 15.47 15.65
CA ASN B 100 43.79 16.37 16.81
C ASN B 100 42.73 17.48 16.62
N ILE B 101 41.92 17.71 17.63
CA ILE B 101 41.04 18.89 17.63
C ILE B 101 41.63 19.86 18.63
N ALA B 102 41.88 21.08 18.17
CA ALA B 102 42.52 22.13 18.97
C ALA B 102 41.67 23.40 19.02
N ASP B 103 41.92 24.26 20.01
CA ASP B 103 41.23 25.55 20.10
C ASP B 103 42.07 26.65 19.46
N GLU B 104 41.52 27.86 19.39
CA GLU B 104 42.26 28.97 18.81
C GLU B 104 43.51 29.39 19.64
N LYS B 105 43.66 28.86 20.85
CA LYS B 105 44.84 29.06 21.65
C LYS B 105 45.87 27.95 21.55
N GLY B 106 45.59 26.91 20.80
CA GLY B 106 46.53 25.83 20.62
C GLY B 106 46.47 24.80 21.70
N ASN B 107 45.43 24.83 22.49
CA ASN B 107 45.23 23.74 23.42
C ASN B 107 44.66 22.57 22.60
N ILE B 108 45.27 21.38 22.73
CA ILE B 108 44.72 20.17 22.15
C ILE B 108 43.55 19.76 23.02
N LEU B 109 42.33 19.81 22.49
CA LEU B 109 41.11 19.40 23.18
C LEU B 109 40.86 17.88 23.07
N SER B 110 41.36 17.25 22.03
CA SER B 110 41.07 15.84 21.80
C SER B 110 42.05 15.31 20.76
N THR B 111 42.66 14.15 21.04
CA THR B 111 43.55 13.39 20.15
C THR B 111 42.85 12.06 19.89
N LYS B 112 42.73 11.66 18.62
CA LYS B 112 42.23 10.32 18.28
C LYS B 112 43.26 9.61 17.41
N ASN B 113 44.07 8.73 17.98
CA ASN B 113 45.15 8.10 17.22
C ASN B 113 44.67 6.96 16.37
N VAL B 114 45.45 6.57 15.37
CA VAL B 114 45.14 5.35 14.59
C VAL B 114 45.36 4.12 15.50
N LYS B 115 44.32 3.32 15.68
CA LYS B 115 44.43 2.02 16.30
C LYS B 115 44.78 0.96 15.21
N PRO B 116 45.65 -0.01 15.55
CA PRO B 116 46.08 -1.00 14.56
C PRO B 116 44.94 -1.68 13.79
N GLU B 117 43.79 -1.85 14.43
CA GLU B 117 42.65 -2.54 13.82
C GLU B 117 41.85 -1.61 12.91
N ASN B 118 42.01 -0.29 13.07
CA ASN B 118 41.37 0.70 12.19
C ASN B 118 42.27 1.22 11.08
N ARG B 119 43.52 0.76 11.04
CA ARG B 119 44.53 1.21 10.07
C ARG B 119 43.96 1.38 8.66
N PHE B 120 43.12 0.44 8.24
CA PHE B 120 42.68 0.32 6.85
C PHE B 120 41.29 0.91 6.55
N ASP B 121 40.70 1.59 7.53
CA ASP B 121 39.35 2.12 7.41
C ASP B 121 39.32 3.16 6.31
N ASN B 122 40.28 4.09 6.37
CA ASN B 122 40.36 5.22 5.43
C ASN B 122 41.70 5.99 5.36
N PRO B 123 42.78 5.26 4.98
CA PRO B 123 44.11 5.88 4.91
C PRO B 123 44.24 6.95 3.84
N GLU B 124 44.86 8.08 4.21
CA GLU B 124 45.04 9.23 3.36
C GLU B 124 46.02 8.90 2.20
N ILE B 125 45.57 9.14 0.96
CA ILE B 125 46.48 9.08 -0.17
C ILE B 125 46.57 10.37 -0.93
N ASN B 126 47.80 10.67 -1.33
CA ASN B 126 48.09 11.85 -2.12
C ASN B 126 47.49 11.68 -3.52
N ARG B 127 47.03 12.79 -4.11
CA ARG B 127 46.26 12.70 -5.36
C ARG B 127 47.06 12.26 -6.57
N ASN B 128 48.30 12.69 -6.67
CA ASN B 128 49.17 12.23 -7.78
C ASN B 128 49.49 10.77 -7.58
N ASP B 129 49.70 10.36 -6.31
CA ASP B 129 49.89 8.94 -5.98
C ASP B 129 48.69 8.11 -6.52
N LEU B 130 47.46 8.50 -6.18
CA LEU B 130 46.30 7.77 -6.61
C LEU B 130 46.32 7.71 -8.14
N ARG B 131 46.51 8.86 -8.78
CA ARG B 131 46.53 8.92 -10.25
C ARG B 131 47.57 8.02 -10.90
N ALA B 132 48.76 8.00 -10.35
CA ALA B 132 49.77 7.13 -10.82
C ALA B 132 49.33 5.66 -10.70
N ILE B 133 48.60 5.28 -9.63
CA ILE B 133 48.08 3.92 -9.44
C ILE B 133 47.07 3.63 -10.53
N LEU B 134 46.12 4.51 -10.71
CA LEU B 134 45.15 4.32 -11.76
C LEU B 134 45.81 4.27 -13.15
N LEU B 135 46.56 5.30 -13.51
CA LEU B 135 47.23 5.30 -14.83
C LEU B 135 47.99 4.01 -15.14
N ASN B 136 48.81 3.55 -14.20
CA ASN B 136 49.57 2.30 -14.32
C ASN B 136 48.63 1.10 -14.57
N SER B 137 47.43 1.13 -14.02
CA SER B 137 46.52 -0.02 -14.12
C SER B 137 45.99 -0.21 -15.56
N LEU B 138 45.98 0.88 -16.33
CA LEU B 138 45.37 0.91 -17.67
C LEU B 138 46.34 0.49 -18.81
N GLU B 139 45.81 0.10 -19.95
CA GLU B 139 46.66 -0.22 -21.08
C GLU B 139 47.27 1.04 -21.63
N ASN B 140 48.35 0.91 -22.39
CA ASN B 140 49.04 2.09 -22.91
C ASN B 140 48.11 2.90 -23.84
N ASP B 141 48.23 4.24 -23.78
CA ASP B 141 47.46 5.12 -24.65
C ASP B 141 45.93 5.06 -24.45
N THR B 142 45.50 4.53 -23.32
CA THR B 142 44.13 4.67 -22.93
C THR B 142 43.88 6.17 -22.72
N VAL B 143 44.73 6.85 -21.95
CA VAL B 143 44.61 8.30 -21.66
C VAL B 143 45.30 9.15 -22.74
N ILE B 144 44.59 10.15 -23.27
CA ILE B 144 45.11 11.00 -24.31
C ILE B 144 45.22 12.40 -23.75
N TRP B 145 46.45 12.88 -23.55
CA TRP B 145 46.72 14.07 -22.72
C TRP B 145 46.57 15.27 -23.62
N ASP B 146 46.52 16.44 -23.00
CA ASP B 146 46.42 17.71 -23.70
C ASP B 146 45.18 17.73 -24.57
N ARG B 147 44.08 17.20 -24.04
CA ARG B 147 42.78 17.21 -24.67
C ARG B 147 41.75 17.89 -23.79
N LYS B 148 41.38 19.10 -24.17
CA LYS B 148 40.42 19.90 -23.45
C LYS B 148 39.13 19.91 -24.26
N LEU B 149 38.14 19.10 -23.88
CA LEU B 149 36.86 19.10 -24.57
C LEU B 149 36.20 20.42 -24.40
N VAL B 150 35.88 21.10 -25.53
CA VAL B 150 35.17 22.38 -25.50
C VAL B 150 33.74 22.24 -26.03
N MET B 151 33.47 21.22 -26.85
CA MET B 151 32.16 21.04 -27.44
C MET B 151 31.78 19.59 -27.75
N LEU B 152 30.49 19.35 -27.70
CA LEU B 152 29.94 18.03 -27.86
C LEU B 152 28.80 18.16 -28.87
N GLU B 153 28.75 17.26 -29.85
CA GLU B 153 27.75 17.40 -30.90
C GLU B 153 27.26 16.01 -31.24
N PRO B 154 25.92 15.80 -31.22
CA PRO B 154 25.37 14.49 -31.54
C PRO B 154 25.14 14.27 -33.03
N GLY B 155 25.70 13.18 -33.55
CA GLY B 155 25.52 12.83 -34.94
C GLY B 155 24.49 11.74 -35.15
N LYS B 156 24.52 11.15 -36.33
CA LYS B 156 23.68 10.00 -36.69
C LYS B 156 23.69 8.93 -35.60
N LYS B 157 24.85 8.30 -35.40
CA LYS B 157 25.07 7.18 -34.46
C LYS B 157 26.23 7.48 -33.49
N LYS B 158 26.90 8.62 -33.66
CA LYS B 158 28.05 8.95 -32.82
C LYS B 158 28.10 10.41 -32.39
N TRP B 159 28.60 10.61 -31.18
CA TRP B 159 28.99 11.93 -30.71
C TRP B 159 30.24 12.37 -31.43
N THR B 160 30.24 13.63 -31.87
CA THR B 160 31.44 14.27 -32.31
C THR B 160 31.93 15.11 -31.16
N LEU B 161 33.20 14.91 -30.82
CA LEU B 161 33.86 15.55 -29.71
C LEU B 161 34.88 16.56 -30.21
N THR B 162 34.73 17.83 -29.80
CA THR B 162 35.64 18.91 -30.18
C THR B 162 36.66 19.26 -29.10
N PHE B 163 37.97 19.28 -29.45
CA PHE B 163 39.04 19.59 -28.48
C PHE B 163 39.82 20.79 -28.94
N GLU B 164 40.21 21.65 -28.01
CA GLU B 164 40.85 22.89 -28.32
C GLU B 164 42.15 22.60 -29.05
N ASN B 165 42.30 23.14 -30.24
CA ASN B 165 43.49 23.00 -31.08
C ASN B 165 44.02 21.57 -31.28
N LYS B 166 43.14 20.59 -31.26
CA LYS B 166 43.54 19.19 -31.50
C LYS B 166 42.49 18.48 -32.37
N PRO B 167 42.85 17.34 -32.97
CA PRO B 167 41.88 16.67 -33.81
C PRO B 167 40.58 16.31 -33.08
N SER B 168 39.45 16.36 -33.79
CA SER B 168 38.19 15.90 -33.26
C SER B 168 38.18 14.40 -33.25
N GLU B 169 37.30 13.80 -32.45
CA GLU B 169 37.21 12.35 -32.28
C GLU B 169 35.74 12.01 -32.18
N THR B 170 35.42 10.72 -32.17
CA THR B 170 34.04 10.32 -32.08
C THR B 170 33.85 9.16 -31.13
N ALA B 171 32.63 9.04 -30.60
CA ALA B 171 32.31 8.02 -29.59
C ALA B 171 30.83 7.62 -29.57
N ASP B 172 30.57 6.36 -29.19
CA ASP B 172 29.18 5.86 -29.08
C ASP B 172 28.52 6.22 -27.78
N LEU B 173 29.34 6.48 -26.74
CA LEU B 173 28.90 6.81 -25.37
C LEU B 173 29.92 7.80 -24.77
N VAL B 174 29.41 8.95 -24.31
CA VAL B 174 30.21 9.90 -23.61
C VAL B 174 29.88 9.79 -22.14
N ILE B 175 30.92 9.65 -21.30
CA ILE B 175 30.79 9.72 -19.87
C ILE B 175 31.49 11.01 -19.44
N LEU B 176 30.73 11.94 -18.87
CA LEU B 176 31.31 13.19 -18.39
C LEU B 176 31.86 12.88 -17.00
N ALA B 177 33.19 13.03 -16.84
CA ALA B 177 33.92 12.84 -15.57
C ALA B 177 34.82 14.08 -15.31
N ASN B 178 34.41 15.22 -15.85
CA ASN B 178 35.34 16.34 -15.90
C ASN B 178 35.18 17.39 -14.75
N GLY B 179 34.70 16.92 -13.62
CA GLY B 179 34.65 17.72 -12.41
C GLY B 179 33.44 18.61 -12.27
N GLY B 180 33.36 19.29 -11.12
CA GLY B 180 32.14 20.03 -10.75
C GLY B 180 31.79 21.26 -11.58
N MET B 181 32.74 21.75 -12.37
CA MET B 181 32.49 22.95 -13.20
C MET B 181 32.37 22.59 -14.68
N SER B 182 32.10 21.32 -14.99
CA SER B 182 31.88 20.90 -16.40
C SER B 182 30.91 21.83 -17.14
N LYS B 183 31.29 22.21 -18.34
CA LYS B 183 30.60 23.19 -19.18
C LYS B 183 29.78 22.52 -20.27
N VAL B 184 29.83 21.20 -20.33
CA VAL B 184 29.37 20.50 -21.48
C VAL B 184 28.30 19.51 -20.99
N ARG B 185 27.47 19.97 -20.05
CA ARG B 185 26.44 19.13 -19.42
C ARG B 185 25.03 19.26 -20.04
N LYS B 186 24.84 20.19 -20.98
CA LYS B 186 23.51 20.56 -21.43
C LYS B 186 22.70 19.35 -21.95
N PHE B 187 23.34 18.40 -22.64
CA PHE B 187 22.58 17.27 -23.17
C PHE B 187 22.01 16.33 -22.08
N VAL B 188 22.61 16.35 -20.90
CA VAL B 188 22.09 15.56 -19.76
C VAL B 188 21.09 16.36 -18.90
N THR B 189 21.41 17.62 -18.59
CA THR B 189 20.60 18.41 -17.71
C THR B 189 20.95 19.89 -17.85
N ASP B 190 19.96 20.75 -17.59
CA ASP B 190 20.13 22.24 -17.56
C ASP B 190 20.38 22.75 -16.13
N THR B 191 20.39 21.87 -15.14
CA THR B 191 20.69 22.30 -13.79
C THR B 191 22.05 23.02 -13.74
N GLU B 192 22.18 24.06 -12.93
CA GLU B 192 23.45 24.77 -12.81
C GLU B 192 24.03 24.71 -11.42
N VAL B 193 25.36 24.76 -11.37
CA VAL B 193 26.10 24.73 -10.16
C VAL B 193 25.66 25.92 -9.37
N GLU B 194 25.57 25.78 -8.05
CA GLU B 194 25.19 26.88 -7.14
C GLU B 194 26.25 27.04 -6.05
N GLU B 195 26.33 28.27 -5.53
CA GLU B 195 27.20 28.61 -4.41
C GLU B 195 26.42 28.36 -3.16
N THR B 196 27.05 27.81 -2.14
CA THR B 196 26.29 27.43 -0.97
C THR B 196 26.33 28.47 0.12
N GLY B 197 27.22 29.46 0.01
CA GLY B 197 27.37 30.49 1.02
C GLY B 197 28.62 30.43 1.87
N THR B 198 29.41 29.35 1.75
CA THR B 198 30.73 29.30 2.39
C THR B 198 31.84 29.48 1.34
N PHE B 199 33.05 29.64 1.80
CA PHE B 199 34.22 29.94 1.01
C PHE B 199 35.49 29.33 1.64
N ASN B 200 36.41 28.80 0.84
CA ASN B 200 37.56 28.03 1.31
C ASN B 200 38.80 28.65 0.75
N ILE B 201 39.82 28.79 1.59
CA ILE B 201 41.13 29.21 1.19
C ILE B 201 42.05 28.04 1.49
N GLN B 202 42.86 27.65 0.51
CA GLN B 202 43.78 26.50 0.64
C GLN B 202 45.21 26.86 0.26
N ALA B 203 46.19 26.17 0.86
CA ALA B 203 47.60 26.38 0.60
C ALA B 203 48.46 25.18 1.00
N ASP B 204 49.69 25.19 0.46
CA ASP B 204 50.72 24.24 0.79
C ASP B 204 51.91 24.95 1.42
N ILE B 205 52.57 24.28 2.33
CA ILE B 205 53.77 24.79 2.95
C ILE B 205 54.74 23.62 2.90
N HIS B 206 55.86 23.84 2.23
CA HIS B 206 56.95 22.91 2.17
C HIS B 206 57.92 23.09 3.31
N GLN B 207 58.61 22.01 3.65
CA GLN B 207 59.40 21.91 4.88
C GLN B 207 58.70 22.52 6.08
N PRO B 208 57.51 22.01 6.37
CA PRO B 208 56.73 22.61 7.45
C PRO B 208 57.43 22.51 8.82
N GLU B 209 58.30 21.52 8.99
CA GLU B 209 59.09 21.44 10.22
C GLU B 209 60.00 22.67 10.39
N ILE B 210 60.36 23.30 9.26
CA ILE B 210 61.23 24.52 9.24
C ILE B 210 60.40 25.76 9.15
N ASN B 211 59.33 25.72 8.33
CA ASN B 211 58.63 26.96 7.95
C ASN B 211 57.44 27.34 8.85
N CYS B 212 56.74 26.35 9.40
CA CYS B 212 55.80 26.59 10.48
C CYS B 212 56.01 25.56 11.67
N PRO B 213 57.16 25.68 12.36
CA PRO B 213 57.49 24.68 13.38
C PRO B 213 56.42 24.53 14.48
N GLY B 214 56.00 25.66 15.05
CA GLY B 214 55.02 25.62 16.10
C GLY B 214 53.80 24.86 15.61
N PHE B 215 53.24 25.31 14.49
CA PHE B 215 52.06 24.67 14.00
C PHE B 215 52.31 23.23 13.73
N PHE B 216 53.43 22.95 13.07
CA PHE B 216 53.81 21.59 12.71
C PHE B 216 53.81 20.71 14.00
N GLN B 217 54.40 21.23 15.08
CA GLN B 217 54.44 20.47 16.38
C GLN B 217 53.09 20.32 17.06
N LEU B 218 52.20 21.29 16.90
CA LEU B 218 50.79 21.18 17.34
C LEU B 218 50.01 19.99 16.65
N CYS B 219 50.29 19.77 15.38
CA CYS B 219 49.72 18.65 14.59
C CYS B 219 50.31 17.33 15.05
N ASN B 220 51.60 17.38 15.35
CA ASN B 220 52.31 16.22 15.89
C ASN B 220 51.95 14.92 15.14
N GLY B 221 52.00 14.98 13.82
CA GLY B 221 51.87 13.82 12.96
C GLY B 221 50.42 13.51 12.68
N ASN B 222 49.51 14.16 13.38
CA ASN B 222 48.08 13.99 13.06
C ASN B 222 47.48 15.13 12.25
N ARG B 223 46.36 14.87 11.63
CA ARG B 223 45.53 15.91 11.09
C ARG B 223 45.01 16.79 12.19
N LEU B 224 44.64 18.03 11.85
CA LEU B 224 44.29 19.01 12.88
C LEU B 224 43.08 19.80 12.43
N MET B 225 42.15 20.04 13.36
CA MET B 225 40.94 20.81 13.12
C MET B 225 40.71 21.79 14.29
N ALA B 226 40.40 23.03 13.97
CA ALA B 226 40.10 24.00 15.00
C ALA B 226 38.99 24.85 14.48
N SER B 227 38.23 25.44 15.41
CA SER B 227 36.99 26.16 15.15
C SER B 227 36.84 27.34 16.09
N HIS B 228 36.66 28.55 15.57
CA HIS B 228 36.49 29.72 16.43
C HIS B 228 35.75 30.82 15.72
N GLN B 229 34.61 31.19 16.29
CA GLN B 229 33.84 32.35 15.85
C GLN B 229 33.60 32.37 14.34
N GLY B 230 33.24 31.21 13.80
CA GLY B 230 32.86 31.12 12.40
C GLY B 230 33.99 30.85 11.43
N ASN B 231 35.24 30.77 11.90
CA ASN B 231 36.40 30.40 11.04
C ASN B 231 36.89 29.04 11.42
N LEU B 232 36.84 28.13 10.45
CA LEU B 232 37.35 26.74 10.61
C LEU B 232 38.75 26.60 9.99
N LEU B 233 39.71 25.95 10.67
CA LEU B 233 41.01 25.65 10.09
C LEU B 233 41.18 24.14 10.14
N PHE B 234 41.66 23.55 9.05
CA PHE B 234 41.95 22.11 8.93
C PHE B 234 43.36 21.99 8.39
N ALA B 235 44.07 20.95 8.75
CA ALA B 235 45.42 20.76 8.23
C ALA B 235 45.82 19.28 8.25
N ASN B 236 46.55 18.92 7.23
CA ASN B 236 47.20 17.67 7.16
C ASN B 236 48.69 18.02 7.10
N PRO B 237 49.48 17.64 8.12
CA PRO B 237 50.88 18.04 8.12
C PRO B 237 51.79 17.23 7.27
N ASN B 238 51.33 16.10 6.72
CA ASN B 238 52.19 15.22 5.87
C ASN B 238 51.50 14.64 4.57
N ASN B 239 51.36 15.48 3.55
CA ASN B 239 50.97 15.11 2.21
C ASN B 239 52.27 14.99 1.38
N ASN B 240 52.81 13.79 1.30
CA ASN B 240 54.13 13.60 0.76
C ASN B 240 55.10 14.78 1.19
N GLY B 241 55.20 15.01 2.50
CA GLY B 241 56.18 15.94 3.02
C GLY B 241 55.81 17.41 3.05
N ALA B 242 54.72 17.76 2.37
CA ALA B 242 54.17 19.15 2.49
C ALA B 242 53.02 19.24 3.51
N LEU B 243 52.91 20.36 4.16
CA LEU B 243 51.69 20.61 4.93
C LEU B 243 50.61 21.22 4.04
N HIS B 244 49.41 20.62 3.98
CA HIS B 244 48.25 21.25 3.33
C HIS B 244 47.26 21.79 4.36
N PHE B 245 46.99 23.12 4.32
CA PHE B 245 45.87 23.62 5.23
C PHE B 245 44.75 24.32 4.53
N GLY B 246 43.54 24.17 5.09
CA GLY B 246 42.36 24.88 4.57
C GLY B 246 41.74 25.73 5.63
N ILE B 247 41.38 26.95 5.27
CA ILE B 247 40.62 27.83 6.12
C ILE B 247 39.26 28.15 5.48
N SER B 248 38.16 27.82 6.16
CA SER B 248 36.79 27.99 5.67
C SER B 248 35.93 28.93 6.52
N PHE B 249 35.01 29.61 5.86
CA PHE B 249 34.13 30.58 6.55
C PHE B 249 32.96 30.95 5.67
N LYS B 250 31.89 31.51 6.28
CA LYS B 250 30.74 32.02 5.53
C LYS B 250 31.17 33.17 4.64
N THR B 251 30.75 33.19 3.39
CA THR B 251 31.25 34.21 2.50
C THR B 251 30.89 35.56 3.12
N PRO B 252 31.87 36.46 3.28
CA PRO B 252 31.51 37.80 3.73
C PRO B 252 30.57 38.54 2.73
N ASP B 253 29.54 39.20 3.26
CA ASP B 253 28.50 39.83 2.45
C ASP B 253 29.10 40.86 1.46
N GLU B 254 30.24 41.43 1.82
CA GLU B 254 31.00 42.38 1.00
C GLU B 254 31.47 41.85 -0.38
N TRP B 255 31.45 40.53 -0.59
CA TRP B 255 32.04 39.93 -1.80
C TRP B 255 31.00 39.62 -2.84
N THR B 259 35.95 38.55 -3.94
CA THR B 259 35.65 39.71 -4.77
C THR B 259 36.32 40.99 -4.27
N GLN B 260 36.58 41.08 -2.95
CA GLN B 260 37.30 42.24 -2.37
C GLN B 260 38.66 41.84 -1.79
N VAL B 261 39.02 40.57 -1.95
CA VAL B 261 40.39 40.12 -1.80
C VAL B 261 40.85 39.50 -3.11
N ASP B 262 42.11 39.72 -3.47
CA ASP B 262 42.65 39.24 -4.74
C ASP B 262 43.60 38.06 -4.50
N PHE B 263 43.23 36.89 -4.98
CA PHE B 263 44.01 35.67 -4.68
C PHE B 263 45.31 35.56 -5.46
N GLN B 264 45.52 36.48 -6.41
CA GLN B 264 46.82 36.68 -7.08
C GLN B 264 47.84 37.44 -6.22
N ASN B 265 47.35 38.28 -5.31
CA ASN B 265 48.21 39.05 -4.43
C ASN B 265 48.22 38.44 -3.00
N ARG B 266 49.35 37.84 -2.64
CA ARG B 266 49.47 37.24 -1.34
C ARG B 266 49.30 38.25 -0.19
N ASN B 267 49.70 39.51 -0.42
CA ASN B 267 49.52 40.56 0.60
C ASN B 267 48.04 40.75 0.99
N SER B 268 47.14 40.83 0.03
CA SER B 268 45.73 41.05 0.37
C SER B 268 45.05 39.82 1.03
N VAL B 269 45.53 38.62 0.71
CA VAL B 269 45.03 37.42 1.36
C VAL B 269 45.56 37.37 2.77
N VAL B 270 46.87 37.52 2.91
CA VAL B 270 47.47 37.64 4.25
C VAL B 270 46.74 38.68 5.14
N ASP B 271 46.51 39.87 4.61
CA ASP B 271 45.90 40.95 5.41
C ASP B 271 44.56 40.55 5.95
N PHE B 272 43.73 40.04 5.03
CA PHE B 272 42.39 39.58 5.37
C PHE B 272 42.43 38.48 6.44
N LEU B 273 43.37 37.54 6.31
CA LEU B 273 43.40 36.36 7.17
C LEU B 273 43.93 36.73 8.54
N LEU B 274 44.96 37.58 8.57
CA LEU B 274 45.44 38.12 9.86
C LEU B 274 44.33 38.87 10.61
N LYS B 275 43.55 39.71 9.92
CA LYS B 275 42.38 40.36 10.56
C LYS B 275 41.40 39.31 11.08
N GLU B 276 41.01 38.33 10.26
CA GLU B 276 40.06 37.31 10.70
C GLU B 276 40.62 36.48 11.83
N PHE B 277 41.93 36.21 11.77
CA PHE B 277 42.62 35.37 12.78
C PHE B 277 43.31 36.14 13.94
N SER B 278 42.95 37.43 14.14
CA SER B 278 43.62 38.26 15.18
C SER B 278 43.60 37.58 16.55
N ASP B 279 42.46 36.96 16.89
CA ASP B 279 42.27 36.24 18.18
C ASP B 279 43.16 34.97 18.37
N TRP B 280 43.63 34.34 17.28
CA TRP B 280 44.27 33.02 17.34
C TRP B 280 45.70 33.13 17.82
N ASP B 281 46.16 32.06 18.45
CA ASP B 281 47.57 31.90 18.83
C ASP B 281 48.52 32.21 17.66
N GLU B 282 49.73 32.63 18.02
CA GLU B 282 50.78 32.97 17.05
C GLU B 282 51.14 31.79 16.14
N ARG B 283 51.14 30.58 16.66
CA ARG B 283 51.40 29.43 15.81
C ARG B 283 50.52 29.36 14.55
N TYR B 284 49.23 29.70 14.63
CA TYR B 284 48.38 29.71 13.44
C TYR B 284 48.69 30.93 12.53
N LYS B 285 48.98 32.07 13.14
CA LYS B 285 49.35 33.29 12.37
C LYS B 285 50.61 33.05 11.58
N GLU B 286 51.52 32.28 12.14
CA GLU B 286 52.81 32.01 11.53
C GLU B 286 52.53 31.21 10.26
N LEU B 287 51.53 30.34 10.35
CA LEU B 287 51.07 29.54 9.24
C LEU B 287 50.68 30.45 8.08
N ILE B 288 49.82 31.41 8.35
CA ILE B 288 49.37 32.38 7.34
C ILE B 288 50.53 33.22 6.77
N HIS B 289 51.46 33.62 7.63
CA HIS B 289 52.54 34.55 7.26
C HIS B 289 53.55 33.90 6.36
N THR B 290 53.76 32.58 6.50
CA THR B 290 54.81 31.88 5.83
C THR B 290 54.36 31.28 4.49
N THR B 291 53.07 31.25 4.25
CA THR B 291 52.53 30.72 2.99
C THR B 291 52.91 31.61 1.83
N LEU B 292 53.33 30.99 0.73
CA LEU B 292 53.74 31.75 -0.44
C LEU B 292 52.57 32.12 -1.35
N SER B 293 51.66 31.18 -1.58
CA SER B 293 50.49 31.42 -2.42
C SER B 293 49.28 30.63 -1.94
N PHE B 294 48.10 31.25 -2.08
CA PHE B 294 46.80 30.78 -1.58
C PHE B 294 45.84 30.58 -2.73
N VAL B 295 45.01 29.58 -2.61
CA VAL B 295 43.95 29.41 -3.58
C VAL B 295 42.66 29.62 -2.85
N GLY B 296 41.85 30.56 -3.37
CA GLY B 296 40.49 30.79 -2.89
C GLY B 296 39.46 30.13 -3.79
N LEU B 297 38.44 29.48 -3.21
CA LEU B 297 37.28 29.05 -3.97
C LEU B 297 35.97 28.94 -3.14
N ALA B 298 34.91 29.53 -3.68
CA ALA B 298 33.59 29.48 -3.11
C ALA B 298 33.17 28.04 -3.10
N THR B 299 32.60 27.58 -1.99
CA THR B 299 31.97 26.28 -2.00
C THR B 299 30.74 26.29 -2.92
N ARG B 300 30.60 25.14 -3.62
CA ARG B 300 29.55 24.91 -4.62
C ARG B 300 28.95 23.51 -4.53
N ILE B 301 27.79 23.39 -5.13
CA ILE B 301 26.96 22.19 -5.15
C ILE B 301 26.32 22.13 -6.54
N PHE B 302 26.39 20.97 -7.17
CA PHE B 302 25.56 20.66 -8.31
C PHE B 302 24.35 19.90 -7.77
N PRO B 303 23.26 20.60 -7.52
CA PRO B 303 22.18 19.92 -6.77
C PRO B 303 21.37 18.88 -7.56
N LEU B 304 21.18 17.69 -6.98
CA LEU B 304 20.30 16.62 -7.53
C LEU B 304 18.83 16.89 -7.14
N GLU B 305 18.33 18.01 -7.64
CA GLU B 305 17.05 18.57 -7.22
C GLU B 305 15.91 18.01 -8.06
N LYS B 306 16.17 17.82 -9.35
CA LYS B 306 15.17 17.40 -10.33
C LYS B 306 15.77 16.35 -11.24
N PRO B 307 14.93 15.44 -11.78
CA PRO B 307 15.43 14.41 -12.67
C PRO B 307 16.19 15.01 -13.87
N TRP B 308 17.07 14.21 -14.47
CA TRP B 308 17.78 14.65 -15.68
C TRP B 308 16.91 14.38 -16.88
N LYS B 309 17.33 14.83 -18.06
CA LYS B 309 16.53 14.73 -19.25
C LYS B 309 16.32 13.27 -19.68
N SER B 310 15.06 12.90 -19.87
CA SER B 310 14.74 11.59 -20.46
C SER B 310 14.85 11.60 -21.96
N LYS B 311 14.65 12.75 -22.60
CA LYS B 311 14.84 12.82 -24.06
C LYS B 311 16.32 13.13 -24.29
N ARG B 312 17.05 12.18 -24.88
CA ARG B 312 18.49 12.37 -25.20
C ARG B 312 18.95 11.86 -26.57
N PRO B 313 19.56 12.73 -27.36
CA PRO B 313 19.90 12.32 -28.73
C PRO B 313 20.71 11.01 -28.85
N LEU B 314 21.73 10.85 -28.01
CA LEU B 314 22.56 9.63 -27.99
C LEU B 314 22.90 9.29 -26.53
N PRO B 315 23.41 8.07 -26.28
CA PRO B 315 23.82 7.77 -24.89
C PRO B 315 24.96 8.68 -24.37
N ILE B 316 24.65 9.43 -23.32
CA ILE B 316 25.57 10.26 -22.55
C ILE B 316 25.15 10.21 -21.07
N THR B 317 26.16 10.21 -20.19
CA THR B 317 25.97 10.35 -18.75
C THR B 317 27.11 11.06 -17.99
N MET B 318 26.92 11.13 -16.67
CA MET B 318 27.83 11.85 -15.78
C MET B 318 28.12 11.03 -14.53
N ILE B 319 29.38 11.07 -14.10
CA ILE B 319 29.87 10.45 -12.87
C ILE B 319 30.79 11.38 -12.08
N GLY B 320 30.98 11.10 -10.80
CA GLY B 320 31.84 11.94 -9.96
C GLY B 320 31.27 13.32 -9.67
N ASP B 321 32.13 14.35 -9.55
CA ASP B 321 31.70 15.70 -9.26
C ASP B 321 30.88 16.32 -10.37
N ALA B 322 31.08 15.87 -11.61
CA ALA B 322 30.22 16.30 -12.77
C ALA B 322 28.77 16.00 -12.45
N ALA B 323 28.50 14.88 -11.76
CA ALA B 323 27.13 14.45 -11.43
C ALA B 323 26.55 15.04 -10.09
N HIS B 324 27.40 15.20 -9.08
CA HIS B 324 26.93 15.58 -7.77
C HIS B 324 27.96 16.33 -6.91
N LEU B 325 28.72 17.26 -7.51
CA LEU B 325 29.55 18.19 -6.74
C LEU B 325 28.82 18.55 -5.45
N MET B 326 29.52 18.47 -4.32
CA MET B 326 28.93 18.90 -3.07
C MET B 326 30.01 19.46 -2.14
N PRO B 327 29.59 20.19 -1.10
CA PRO B 327 30.58 20.70 -0.17
C PRO B 327 31.41 19.58 0.45
N PRO B 328 32.73 19.83 0.68
CA PRO B 328 33.65 18.82 1.21
C PRO B 328 33.78 18.77 2.76
N PHE B 329 32.69 18.86 3.47
CA PHE B 329 32.75 18.97 4.91
C PHE B 329 32.33 17.72 5.71
N ALA B 330 31.92 16.66 5.00
CA ALA B 330 31.62 15.41 5.68
C ALA B 330 32.34 14.23 5.04
N GLY B 331 33.44 14.50 4.34
CA GLY B 331 34.17 13.50 3.55
C GLY B 331 33.36 12.75 2.50
N GLN B 332 32.42 13.42 1.83
CA GLN B 332 31.51 12.73 0.91
C GLN B 332 32.03 12.51 -0.55
N GLY B 333 32.92 13.45 -0.97
CA GLY B 333 33.29 13.64 -2.32
C GLY B 333 33.62 12.48 -3.25
N VAL B 334 34.86 11.98 -3.23
CA VAL B 334 35.38 11.05 -4.27
C VAL B 334 34.79 9.68 -4.14
N ASN B 335 34.36 9.31 -2.93
CA ASN B 335 33.85 7.98 -2.68
C ASN B 335 32.53 7.73 -3.40
N SER B 336 31.60 8.68 -3.35
CA SER B 336 30.33 8.51 -4.02
C SER B 336 30.59 8.48 -5.54
N GLY B 337 31.55 9.26 -5.99
CA GLY B 337 31.96 9.18 -7.43
C GLY B 337 32.63 7.89 -7.86
N LEU B 338 33.31 7.22 -6.90
CA LEU B 338 33.90 5.94 -7.18
C LEU B 338 32.83 4.85 -7.21
N VAL B 339 31.82 4.99 -6.35
CA VAL B 339 30.65 4.14 -6.41
C VAL B 339 29.95 4.32 -7.77
N ASP B 340 29.86 5.54 -8.30
CA ASP B 340 29.23 5.76 -9.58
C ASP B 340 29.94 4.89 -10.60
N ALA B 341 31.26 4.94 -10.54
CA ALA B 341 32.08 4.20 -11.44
C ALA B 341 31.74 2.71 -11.38
N LEU B 342 31.56 2.18 -10.17
CA LEU B 342 31.40 0.73 -9.99
C LEU B 342 30.00 0.32 -10.54
N ILE B 343 28.98 1.07 -10.13
CA ILE B 343 27.63 0.85 -10.58
C ILE B 343 27.46 0.96 -12.11
N LEU B 344 28.08 1.98 -12.73
CA LEU B 344 27.90 2.22 -14.16
C LEU B 344 28.61 1.13 -14.93
N SER B 345 29.77 0.71 -14.44
CA SER B 345 30.57 -0.25 -15.21
C SER B 345 29.94 -1.63 -15.14
N ASP B 346 29.48 -2.04 -13.97
CA ASP B 346 28.69 -3.25 -13.82
C ASP B 346 27.52 -3.26 -14.83
N ASN B 347 26.74 -2.19 -14.81
CA ASN B 347 25.62 -2.03 -15.74
C ASN B 347 25.99 -2.18 -17.23
N LEU B 348 27.01 -1.45 -17.69
CA LEU B 348 27.49 -1.50 -19.07
C LEU B 348 28.26 -2.80 -19.39
N ALA B 349 28.48 -3.65 -18.38
CA ALA B 349 29.28 -4.87 -18.54
C ALA B 349 28.44 -5.97 -19.13
N ASP B 350 27.18 -6.08 -18.67
CA ASP B 350 26.34 -7.21 -19.00
C ASP B 350 25.44 -6.97 -20.22
N GLY B 351 24.84 -8.05 -20.71
CA GLY B 351 23.64 -7.98 -21.53
C GLY B 351 22.44 -8.09 -20.61
N LYS B 352 22.58 -7.47 -19.43
CA LYS B 352 21.56 -7.48 -18.39
C LYS B 352 20.40 -6.56 -18.78
N PHE B 353 20.72 -5.55 -19.60
CA PHE B 353 19.77 -4.57 -20.10
C PHE B 353 19.67 -4.69 -21.61
N ASN B 354 18.60 -4.14 -22.17
CA ASN B 354 18.38 -4.21 -23.61
C ASN B 354 19.21 -3.16 -24.35
N SER B 355 19.54 -2.06 -23.68
CA SER B 355 20.19 -0.94 -24.34
C SER B 355 21.13 -0.20 -23.42
N ILE B 356 22.12 0.46 -24.00
CA ILE B 356 23.02 1.33 -23.26
C ILE B 356 22.18 2.36 -22.52
N GLU B 357 21.17 2.87 -23.20
CA GLU B 357 20.20 3.83 -22.65
C GLU B 357 19.60 3.35 -21.32
N GLU B 358 19.11 2.12 -21.29
CA GLU B 358 18.60 1.49 -20.06
C GLU B 358 19.71 1.32 -19.00
N ALA B 359 20.90 0.89 -19.41
CA ALA B 359 22.00 0.71 -18.47
C ALA B 359 22.34 2.05 -17.77
N VAL B 360 22.44 3.15 -18.55
CA VAL B 360 22.68 4.49 -18.01
C VAL B 360 21.53 4.88 -17.07
N LYS B 361 20.28 4.77 -17.52
CA LYS B 361 19.11 5.16 -16.69
C LYS B 361 19.15 4.46 -15.33
N ASN B 362 19.44 3.17 -15.31
CA ASN B 362 19.40 2.41 -14.04
C ASN B 362 20.46 2.94 -13.10
N TYR B 363 21.67 3.12 -13.62
CA TYR B 363 22.74 3.77 -12.83
C TYR B 363 22.28 5.12 -12.29
N GLU B 364 21.73 5.99 -13.15
CA GLU B 364 21.33 7.31 -12.73
C GLU B 364 20.26 7.23 -11.58
N GLN B 365 19.32 6.30 -11.68
CA GLN B 365 18.34 6.06 -10.62
C GLN B 365 18.94 5.69 -9.25
N GLN B 366 19.91 4.79 -9.23
CA GLN B 366 20.56 4.48 -7.95
C GLN B 366 21.35 5.69 -7.40
N MET B 367 22.07 6.34 -8.30
CA MET B 367 22.94 7.46 -7.92
C MET B 367 22.17 8.63 -7.38
N PHE B 368 20.95 8.84 -7.83
CA PHE B 368 20.11 9.91 -7.27
C PHE B 368 19.88 9.63 -5.79
N ILE B 369 19.77 8.36 -5.43
CA ILE B 369 19.38 7.99 -4.08
C ILE B 369 20.56 8.18 -3.09
N TYR B 370 21.69 7.57 -3.40
CA TYR B 370 22.85 7.75 -2.53
C TYR B 370 23.53 9.09 -2.70
N GLY B 371 23.54 9.61 -3.89
CA GLY B 371 23.90 11.02 -4.09
C GLY B 371 23.17 12.01 -3.23
N LYS B 372 21.85 12.00 -3.27
CA LYS B 372 21.06 12.99 -2.55
C LYS B 372 21.25 12.80 -1.04
N GLU B 373 21.45 11.56 -0.61
CA GLU B 373 21.78 11.27 0.80
C GLU B 373 23.14 11.92 1.22
N ALA B 374 24.11 11.77 0.36
CA ALA B 374 25.38 12.43 0.55
C ALA B 374 25.24 13.98 0.56
N GLN B 375 24.44 14.52 -0.35
CA GLN B 375 24.34 15.99 -0.44
C GLN B 375 23.60 16.51 0.78
N GLU B 376 22.58 15.77 1.22
CA GLU B 376 21.87 16.19 2.40
C GLU B 376 22.82 16.27 3.55
N GLU B 377 23.73 15.30 3.64
CA GLU B 377 24.62 15.28 4.78
C GLU B 377 25.65 16.43 4.76
N SER B 378 26.28 16.64 3.59
CA SER B 378 27.20 17.76 3.33
C SER B 378 26.65 19.12 3.65
N THR B 379 25.47 19.41 3.06
CA THR B 379 24.69 20.62 3.33
C THR B 379 24.40 20.71 4.82
N GLN B 380 23.95 19.63 5.41
CA GLN B 380 23.53 19.70 6.83
C GLN B 380 24.75 19.98 7.68
N ASN B 381 25.87 19.32 7.38
CA ASN B 381 27.06 19.54 8.17
C ASN B 381 27.63 20.94 7.97
N GLU B 382 27.57 21.42 6.73
CA GLU B 382 27.93 22.77 6.42
C GLU B 382 27.07 23.78 7.23
N ILE B 383 25.77 23.59 7.28
CA ILE B 383 24.91 24.47 8.11
C ILE B 383 25.41 24.43 9.54
N GLU B 384 25.52 23.22 10.04
CA GLU B 384 25.89 22.92 11.42
C GLU B 384 27.22 23.59 11.81
N MET B 385 28.26 23.42 10.97
CA MET B 385 29.64 23.77 11.35
C MET B 385 29.86 25.26 11.42
N PHE B 386 29.11 25.98 10.60
CA PHE B 386 29.24 27.43 10.48
C PHE B 386 28.21 28.19 11.25
N LYS B 387 27.46 27.51 12.12
CA LYS B 387 26.71 28.21 13.16
C LYS B 387 27.78 28.82 14.06
N PRO B 388 27.59 30.10 14.42
CA PRO B 388 28.49 30.87 15.27
C PRO B 388 29.08 30.12 16.49
N ASP B 389 28.27 29.29 17.18
CA ASP B 389 28.70 28.59 18.40
C ASP B 389 29.00 27.09 18.18
N PHE B 390 29.63 26.75 17.04
CA PHE B 390 30.02 25.36 16.73
C PHE B 390 31.30 24.87 17.48
N THR B 391 31.24 23.61 17.91
CA THR B 391 32.31 22.97 18.64
C THR B 391 32.47 21.55 18.10
N PHE B 392 33.66 21.19 17.56
CA PHE B 392 33.88 19.83 17.01
C PHE B 392 33.54 18.77 18.07
N ASN C 22 -12.21 21.63 -8.26
CA ASN C 22 -12.67 20.86 -9.46
C ASN C 22 -12.32 21.60 -10.77
N LEU C 23 -11.65 20.92 -11.70
CA LEU C 23 -11.31 21.47 -13.04
C LEU C 23 -12.49 22.06 -13.84
N LEU C 24 -13.68 21.48 -13.66
CA LEU C 24 -14.90 21.82 -14.45
C LEU C 24 -15.82 22.86 -13.80
N SER C 25 -15.35 23.51 -12.73
CA SER C 25 -16.20 24.26 -11.79
C SER C 25 -17.26 25.20 -12.39
N ASP C 26 -16.88 26.07 -13.31
CA ASP C 26 -17.88 26.95 -13.94
C ASP C 26 -18.20 26.46 -15.33
N LYS C 27 -18.19 25.13 -15.52
CA LYS C 27 -18.27 24.56 -16.87
C LYS C 27 -19.32 23.46 -16.99
N ASN C 28 -19.54 23.01 -18.22
CA ASN C 28 -20.46 21.88 -18.46
C ASN C 28 -19.92 20.84 -19.45
N VAL C 29 -20.37 19.61 -19.31
CA VAL C 29 -19.85 18.54 -20.12
C VAL C 29 -20.98 18.01 -21.01
N ALA C 30 -20.69 17.76 -22.28
CA ALA C 30 -21.69 17.18 -23.18
C ALA C 30 -21.23 15.78 -23.48
N ILE C 31 -22.02 14.79 -23.05
CA ILE C 31 -21.82 13.40 -23.44
C ILE C 31 -22.70 13.14 -24.65
N ILE C 32 -22.10 12.80 -25.78
CA ILE C 32 -22.87 12.39 -26.95
C ILE C 32 -23.07 10.89 -26.86
N GLY C 33 -24.31 10.50 -26.64
CA GLY C 33 -24.68 9.10 -26.57
C GLY C 33 -24.99 8.57 -25.20
N GLY C 34 -26.22 8.05 -25.05
CA GLY C 34 -26.67 7.44 -23.82
C GLY C 34 -26.76 5.93 -23.86
N GLY C 35 -25.65 5.30 -24.30
CA GLY C 35 -25.47 3.86 -24.16
C GLY C 35 -25.12 3.57 -22.71
N PRO C 36 -24.78 2.32 -22.39
CA PRO C 36 -24.35 1.98 -21.03
C PRO C 36 -23.12 2.75 -20.66
N VAL C 37 -22.17 2.91 -21.58
CA VAL C 37 -20.95 3.72 -21.25
C VAL C 37 -21.21 5.19 -21.00
N GLY C 38 -21.91 5.84 -21.90
CA GLY C 38 -22.22 7.22 -21.73
C GLY C 38 -23.07 7.54 -20.53
N LEU C 39 -24.00 6.65 -20.17
CA LEU C 39 -24.83 6.92 -18.99
C LEU C 39 -24.04 6.71 -17.70
N THR C 40 -23.16 5.70 -17.69
CA THR C 40 -22.29 5.51 -16.56
C THR C 40 -21.38 6.75 -16.42
N MET C 41 -20.88 7.27 -17.54
CA MET C 41 -20.06 8.47 -17.49
C MET C 41 -20.83 9.59 -16.83
N ALA C 42 -22.00 9.89 -17.35
CA ALA C 42 -22.87 10.92 -16.77
C ALA C 42 -23.14 10.75 -15.25
N LYS C 43 -23.27 9.52 -14.78
CA LYS C 43 -23.49 9.26 -13.34
C LYS C 43 -22.27 9.57 -12.49
N LEU C 44 -21.11 9.10 -12.94
CA LEU C 44 -19.86 9.30 -12.18
C LEU C 44 -19.46 10.80 -12.13
N LEU C 45 -19.77 11.56 -13.16
CA LEU C 45 -19.53 12.98 -13.17
C LEU C 45 -20.57 13.66 -12.33
N GLN C 46 -21.83 13.27 -12.47
CA GLN C 46 -22.91 13.98 -11.76
C GLN C 46 -22.83 13.86 -10.23
N GLN C 47 -22.33 12.72 -9.73
CA GLN C 47 -22.17 12.51 -8.26
C GLN C 47 -20.96 13.27 -7.66
N ASN C 48 -20.12 13.86 -8.52
CA ASN C 48 -19.07 14.78 -8.10
C ASN C 48 -19.47 16.24 -8.30
N GLY C 49 -20.74 16.48 -8.58
CA GLY C 49 -21.25 17.84 -8.73
C GLY C 49 -20.91 18.52 -10.04
N ILE C 50 -20.40 17.76 -11.01
CA ILE C 50 -20.08 18.30 -12.31
C ILE C 50 -21.40 18.37 -13.13
N ASP C 51 -21.56 19.44 -13.91
CA ASP C 51 -22.75 19.70 -14.73
C ASP C 51 -22.64 19.02 -16.12
N VAL C 52 -23.40 17.96 -16.32
CA VAL C 52 -23.30 17.13 -17.52
C VAL C 52 -24.70 16.99 -18.11
N SER C 53 -24.77 16.86 -19.44
CA SER C 53 -25.97 16.47 -20.17
C SER C 53 -25.62 15.30 -21.09
N VAL C 54 -26.57 14.42 -21.28
CA VAL C 54 -26.41 13.35 -22.25
C VAL C 54 -27.38 13.61 -23.35
N TYR C 55 -26.87 13.64 -24.56
CA TYR C 55 -27.66 13.85 -25.77
C TYR C 55 -27.80 12.53 -26.50
N GLU C 56 -29.03 12.03 -26.59
CA GLU C 56 -29.31 10.67 -27.10
C GLU C 56 -30.29 10.68 -28.25
N ARG C 57 -29.85 10.11 -29.37
CA ARG C 57 -30.59 9.95 -30.62
C ARG C 57 -31.96 9.28 -30.40
N ASP C 58 -32.02 8.21 -29.60
CA ASP C 58 -33.27 7.49 -29.33
C ASP C 58 -34.42 8.42 -28.96
N ASN C 59 -35.59 8.11 -29.48
CA ASN C 59 -36.72 9.00 -29.34
C ASN C 59 -37.14 9.21 -27.89
N ASP C 60 -37.08 8.18 -27.08
CA ASP C 60 -37.51 8.28 -25.69
C ASP C 60 -36.97 7.10 -24.94
N ARG C 61 -37.09 7.13 -23.61
CA ARG C 61 -36.43 6.14 -22.79
C ARG C 61 -36.98 4.73 -22.91
N GLU C 62 -38.12 4.54 -23.54
CA GLU C 62 -38.65 3.20 -23.75
C GLU C 62 -38.31 2.54 -25.07
N ALA C 63 -37.53 3.16 -25.93
CA ALA C 63 -37.04 2.54 -27.19
C ALA C 63 -36.43 1.19 -26.91
N ARG C 64 -36.74 0.17 -27.67
CA ARG C 64 -36.17 -1.12 -27.42
C ARG C 64 -34.73 -1.07 -27.93
N ILE C 65 -33.79 -1.72 -27.20
CA ILE C 65 -32.38 -1.86 -27.63
C ILE C 65 -32.21 -3.30 -28.12
N PHE C 66 -31.94 -3.46 -29.40
CA PHE C 66 -31.73 -4.78 -30.00
C PHE C 66 -30.34 -5.29 -29.63
N GLY C 67 -30.26 -6.59 -29.37
CA GLY C 67 -29.01 -7.19 -29.00
C GLY C 67 -29.15 -8.22 -27.92
N GLY C 68 -28.08 -8.97 -27.69
CA GLY C 68 -27.97 -9.88 -26.55
C GLY C 68 -27.82 -9.13 -25.22
N THR C 69 -27.62 -9.90 -24.17
CA THR C 69 -27.34 -9.43 -22.83
C THR C 69 -25.91 -8.96 -22.70
N LEU C 70 -25.64 -8.19 -21.67
CA LEU C 70 -24.32 -7.75 -21.29
C LEU C 70 -23.99 -8.40 -19.92
N ASP C 71 -22.70 -8.71 -19.72
CA ASP C 71 -22.17 -9.21 -18.48
C ASP C 71 -21.02 -8.32 -17.98
N LEU C 72 -21.17 -7.79 -16.76
CA LEU C 72 -20.20 -6.88 -16.19
C LEU C 72 -19.26 -7.73 -15.35
N HIS C 73 -17.93 -7.63 -15.59
CA HIS C 73 -16.94 -8.42 -14.86
C HIS C 73 -16.49 -7.73 -13.61
N LYS C 74 -16.11 -8.53 -12.60
CA LYS C 74 -15.39 -8.02 -11.42
C LYS C 74 -14.04 -7.43 -11.84
N GLY C 75 -13.64 -6.34 -11.18
CA GLY C 75 -12.41 -5.59 -11.54
C GLY C 75 -12.65 -4.46 -12.56
N SER C 76 -13.65 -4.59 -13.42
CA SER C 76 -13.88 -3.57 -14.45
C SER C 76 -15.31 -3.03 -14.42
N GLY C 77 -16.19 -3.75 -15.13
CA GLY C 77 -17.55 -3.33 -15.25
C GLY C 77 -18.18 -3.11 -13.89
N GLN C 78 -18.02 -4.11 -13.01
CA GLN C 78 -18.58 -4.04 -11.65
C GLN C 78 -17.95 -2.90 -10.84
N GLU C 79 -16.64 -2.66 -11.01
CA GLU C 79 -16.03 -1.49 -10.38
C GLU C 79 -16.80 -0.21 -10.71
N ALA C 80 -17.13 0.00 -11.99
CA ALA C 80 -17.83 1.22 -12.35
C ALA C 80 -19.15 1.32 -11.63
N MET C 81 -19.88 0.19 -11.63
CA MET C 81 -21.20 0.12 -11.01
C MET C 81 -21.11 0.31 -9.49
N LYS C 82 -20.07 -0.26 -8.86
CA LYS C 82 -19.77 -0.06 -7.41
C LYS C 82 -19.49 1.43 -7.15
N LYS C 83 -18.65 2.05 -7.95
CA LYS C 83 -18.40 3.51 -7.85
C LYS C 83 -19.70 4.32 -7.96
N ALA C 84 -20.62 3.85 -8.80
CA ALA C 84 -21.92 4.51 -9.00
C ALA C 84 -22.97 4.16 -7.91
N GLY C 85 -22.67 3.20 -7.03
CA GLY C 85 -23.62 2.76 -6.03
C GLY C 85 -24.72 1.87 -6.56
N LEU C 86 -24.49 1.24 -7.73
CA LEU C 86 -25.51 0.50 -8.48
C LEU C 86 -25.27 -1.04 -8.57
N LEU C 87 -24.25 -1.53 -7.88
CA LEU C 87 -23.80 -2.90 -8.09
C LEU C 87 -24.94 -3.84 -7.71
N GLN C 88 -25.50 -3.60 -6.52
CA GLN C 88 -26.57 -4.46 -6.03
C GLN C 88 -27.80 -4.41 -6.94
N THR C 89 -28.11 -3.23 -7.48
CA THR C 89 -29.19 -3.12 -8.43
C THR C 89 -28.89 -3.97 -9.68
N TYR C 90 -27.64 -3.92 -10.16
CA TYR C 90 -27.20 -4.76 -11.28
C TYR C 90 -27.45 -6.24 -10.92
N TYR C 91 -26.94 -6.67 -9.77
CA TYR C 91 -27.15 -8.04 -9.32
C TYR C 91 -28.64 -8.41 -9.25
N ASP C 92 -29.47 -7.53 -8.69
CA ASP C 92 -30.91 -7.78 -8.53
C ASP C 92 -31.62 -8.04 -9.84
N LEU C 93 -31.16 -7.38 -10.91
CA LEU C 93 -31.85 -7.51 -12.20
C LEU C 93 -31.17 -8.51 -13.16
N ALA C 94 -29.93 -8.90 -12.84
CA ALA C 94 -29.12 -9.77 -13.69
C ALA C 94 -29.40 -11.22 -13.35
N LEU C 95 -29.06 -12.10 -14.28
CA LEU C 95 -29.38 -13.52 -14.22
C LEU C 95 -28.09 -14.28 -14.54
N PRO C 96 -27.56 -15.03 -13.56
CA PRO C 96 -26.37 -15.80 -13.89
C PRO C 96 -26.79 -16.99 -14.74
N MET C 97 -25.89 -17.46 -15.59
CA MET C 97 -26.21 -18.55 -16.52
C MET C 97 -25.12 -19.55 -16.78
N GLY C 98 -25.52 -20.81 -16.96
CA GLY C 98 -24.58 -21.86 -17.35
C GLY C 98 -24.28 -21.74 -18.82
N VAL C 99 -23.30 -22.52 -19.28
CA VAL C 99 -22.91 -22.59 -20.69
C VAL C 99 -22.83 -24.04 -21.14
N ASN C 100 -23.57 -24.35 -22.17
CA ASN C 100 -23.51 -25.65 -22.83
C ASN C 100 -22.69 -25.46 -24.10
N ILE C 101 -21.75 -26.36 -24.36
CA ILE C 101 -21.16 -26.46 -25.70
C ILE C 101 -21.75 -27.70 -26.39
N ALA C 102 -22.25 -27.51 -27.60
CA ALA C 102 -22.90 -28.61 -28.36
C ALA C 102 -22.33 -28.71 -29.76
N ASP C 103 -22.45 -29.89 -30.39
CA ASP C 103 -21.99 -30.09 -31.75
C ASP C 103 -23.10 -29.79 -32.72
N GLU C 104 -22.82 -29.88 -34.02
CA GLU C 104 -23.85 -29.66 -35.05
C GLU C 104 -24.96 -30.73 -35.03
N LYS C 105 -24.74 -31.84 -34.34
CA LYS C 105 -25.77 -32.88 -34.21
C LYS C 105 -26.65 -32.71 -32.99
N GLY C 106 -26.35 -31.75 -32.13
CA GLY C 106 -27.12 -31.53 -30.89
C GLY C 106 -26.68 -32.37 -29.69
N ASN C 107 -25.50 -32.94 -29.79
CA ASN C 107 -24.94 -33.60 -28.65
C ASN C 107 -24.40 -32.48 -27.78
N ILE C 108 -24.74 -32.51 -26.50
CA ILE C 108 -24.06 -31.65 -25.53
C ILE C 108 -22.69 -32.23 -25.23
N LEU C 109 -21.64 -31.51 -25.59
CA LEU C 109 -20.23 -31.92 -25.37
C LEU C 109 -19.74 -31.49 -23.98
N SER C 110 -20.32 -30.45 -23.42
CA SER C 110 -19.86 -29.93 -22.15
C SER C 110 -20.92 -28.97 -21.56
N THR C 111 -21.25 -29.16 -20.29
CA THR C 111 -22.15 -28.32 -19.50
C THR C 111 -21.34 -27.70 -18.35
N LYS C 112 -21.36 -26.39 -18.20
CA LYS C 112 -20.69 -25.74 -17.07
C LYS C 112 -21.78 -24.95 -16.36
N ASN C 113 -22.28 -25.45 -15.23
CA ASN C 113 -23.35 -24.75 -14.50
C ASN C 113 -22.84 -23.59 -13.64
N VAL C 114 -23.76 -22.72 -13.23
CA VAL C 114 -23.41 -21.68 -12.25
C VAL C 114 -23.25 -22.34 -10.86
N LYS C 115 -22.06 -22.21 -10.30
CA LYS C 115 -21.81 -22.61 -8.91
C LYS C 115 -22.21 -21.45 -8.01
N PRO C 116 -22.78 -21.74 -6.83
CA PRO C 116 -23.22 -20.66 -5.92
C PRO C 116 -22.14 -19.60 -5.62
N GLU C 117 -20.87 -19.99 -5.61
CA GLU C 117 -19.79 -19.07 -5.26
C GLU C 117 -19.40 -18.21 -6.47
N ASN C 118 -19.74 -18.65 -7.68
CA ASN C 118 -19.45 -17.89 -8.91
C ASN C 118 -20.65 -17.11 -9.41
N ARG C 119 -21.75 -17.15 -8.67
CA ARG C 119 -23.01 -16.44 -9.03
C ARG C 119 -22.82 -15.01 -9.49
N PHE C 120 -21.90 -14.29 -8.85
CA PHE C 120 -21.72 -12.86 -9.04
C PHE C 120 -20.58 -12.47 -9.97
N ASP C 121 -19.92 -13.45 -10.59
CA ASP C 121 -18.71 -13.20 -11.39
C ASP C 121 -19.07 -12.31 -12.57
N ASN C 122 -20.15 -12.68 -13.25
CA ASN C 122 -20.60 -11.99 -14.47
C ASN C 122 -22.05 -12.31 -14.94
N PRO C 123 -23.05 -11.94 -14.10
CA PRO C 123 -24.46 -12.24 -14.44
C PRO C 123 -24.99 -11.43 -15.61
N GLU C 124 -25.70 -12.11 -16.52
CA GLU C 124 -26.25 -11.55 -17.75
C GLU C 124 -27.38 -10.57 -17.44
N ILE C 125 -27.26 -9.35 -17.96
CA ILE C 125 -28.29 -8.35 -17.81
C ILE C 125 -28.77 -7.90 -19.18
N ASN C 126 -30.07 -7.69 -19.26
CA ASN C 126 -30.73 -7.18 -20.45
C ASN C 126 -30.34 -5.68 -20.60
N ARG C 127 -30.19 -5.22 -21.83
CA ARG C 127 -29.68 -3.88 -22.08
C ARG C 127 -30.65 -2.76 -21.69
N ASN C 128 -31.94 -2.96 -21.91
CA ASN C 128 -32.95 -2.02 -21.44
C ASN C 128 -32.97 -1.98 -19.95
N ASP C 129 -32.87 -3.17 -19.31
CA ASP C 129 -32.72 -3.25 -17.88
C ASP C 129 -31.54 -2.40 -17.38
N LEU C 130 -30.35 -2.58 -17.97
CA LEU C 130 -29.18 -1.82 -17.56
C LEU C 130 -29.48 -0.33 -17.72
N ARG C 131 -29.94 0.07 -18.89
CA ARG C 131 -30.23 1.49 -19.17
C ARG C 131 -31.17 2.05 -18.14
N ALA C 132 -32.22 1.29 -17.77
CA ALA C 132 -33.19 1.71 -16.76
C ALA C 132 -32.49 1.98 -15.42
N ILE C 133 -31.54 1.13 -15.06
CA ILE C 133 -30.79 1.31 -13.80
C ILE C 133 -29.96 2.58 -13.89
N LEU C 134 -29.26 2.76 -14.97
CA LEU C 134 -28.50 4.02 -15.15
C LEU C 134 -29.43 5.21 -15.16
N LEU C 135 -30.43 5.23 -16.02
CA LEU C 135 -31.30 6.42 -16.09
C LEU C 135 -31.83 6.81 -14.73
N ASN C 136 -32.33 5.82 -14.00
CA ASN C 136 -32.94 6.04 -12.69
C ASN C 136 -31.91 6.65 -11.70
N SER C 137 -30.62 6.32 -11.90
CA SER C 137 -29.55 6.80 -11.04
C SER C 137 -29.27 8.30 -11.22
N LEU C 138 -29.58 8.85 -12.40
CA LEU C 138 -29.30 10.28 -12.73
C LEU C 138 -30.38 11.27 -12.26
N GLU C 139 -30.05 12.55 -12.19
CA GLU C 139 -31.07 13.58 -11.85
C GLU C 139 -31.99 13.75 -13.02
N ASN C 140 -33.16 14.34 -12.81
CA ASN C 140 -34.12 14.53 -13.89
C ASN C 140 -33.53 15.46 -14.99
N ASP C 141 -33.88 15.17 -16.25
CA ASP C 141 -33.44 15.97 -17.41
C ASP C 141 -31.93 16.04 -17.62
N THR C 142 -31.20 15.09 -17.05
CA THR C 142 -29.83 14.88 -17.40
C THR C 142 -29.81 14.47 -18.85
N VAL C 143 -30.58 13.44 -19.21
CA VAL C 143 -30.65 12.93 -20.60
C VAL C 143 -31.66 13.70 -21.43
N ILE C 144 -31.25 14.17 -22.61
CA ILE C 144 -32.12 14.90 -23.53
C ILE C 144 -32.36 14.03 -24.77
N TRP C 145 -33.60 13.60 -24.97
CA TRP C 145 -33.92 12.52 -25.91
C TRP C 145 -34.18 13.12 -27.26
N ASP C 146 -34.18 12.30 -28.31
CA ASP C 146 -34.43 12.81 -29.68
C ASP C 146 -33.41 13.91 -30.06
N ARG C 147 -32.14 13.65 -29.74
CA ARG C 147 -31.02 14.51 -30.08
C ARG C 147 -29.94 13.71 -30.80
N LYS C 148 -29.86 13.90 -32.10
CA LYS C 148 -28.95 13.19 -32.97
C LYS C 148 -27.91 14.19 -33.40
N LEU C 149 -26.73 14.15 -32.77
CA LEU C 149 -25.63 15.07 -33.11
C LEU C 149 -25.19 14.78 -34.51
N VAL C 150 -25.28 15.78 -35.38
CA VAL C 150 -24.78 15.61 -36.74
C VAL C 150 -23.49 16.40 -36.98
N MET C 151 -23.23 17.46 -36.21
CA MET C 151 -22.03 18.29 -36.41
C MET C 151 -21.51 18.92 -35.12
N LEU C 152 -20.20 19.10 -35.09
CA LEU C 152 -19.46 19.62 -33.96
C LEU C 152 -18.61 20.79 -34.48
N GLU C 153 -18.59 21.90 -33.78
CA GLU C 153 -17.83 23.06 -34.25
C GLU C 153 -17.17 23.72 -33.06
N PRO C 154 -15.85 23.94 -33.12
CA PRO C 154 -15.17 24.58 -32.01
C PRO C 154 -15.24 26.10 -32.06
N GLY C 155 -15.64 26.73 -30.96
CA GLY C 155 -15.70 28.18 -30.88
C GLY C 155 -14.56 28.76 -30.05
N LYS C 156 -14.72 30.01 -29.68
CA LYS C 156 -13.79 30.73 -28.78
C LYS C 156 -13.39 29.87 -27.56
N LYS C 157 -14.37 29.61 -26.68
CA LYS C 157 -14.19 28.86 -25.43
C LYS C 157 -15.16 27.64 -25.35
N LYS C 158 -16.03 27.48 -26.35
CA LYS C 158 -17.04 26.42 -26.31
C LYS C 158 -17.24 25.70 -27.65
N TRP C 159 -17.51 24.41 -27.54
CA TRP C 159 -18.01 23.65 -28.67
C TRP C 159 -19.43 24.06 -28.94
N THR C 160 -19.74 24.28 -30.23
CA THR C 160 -21.13 24.34 -30.69
C THR C 160 -21.54 22.98 -31.26
N LEU C 161 -22.65 22.50 -30.73
CA LEU C 161 -23.18 21.19 -31.03
C LEU C 161 -24.46 21.29 -31.87
N THR C 162 -24.44 20.72 -33.07
CA THR C 162 -25.58 20.75 -34.00
C THR C 162 -26.40 19.46 -33.97
N PHE C 163 -27.72 19.55 -33.73
CA PHE C 163 -28.60 18.36 -33.68
C PHE C 163 -29.70 18.43 -34.72
N GLU C 164 -30.02 17.29 -35.33
CA GLU C 164 -30.95 17.26 -36.46
C GLU C 164 -32.32 17.77 -36.05
N ASN C 165 -32.76 18.82 -36.71
CA ASN C 165 -34.03 19.47 -36.43
C ASN C 165 -34.33 19.81 -34.96
N LYS C 166 -33.31 20.18 -34.20
CA LYS C 166 -33.50 20.65 -32.83
C LYS C 166 -32.56 21.81 -32.51
N PRO C 167 -32.82 22.52 -31.41
CA PRO C 167 -31.90 23.60 -31.07
C PRO C 167 -30.45 23.17 -30.89
N SER C 168 -29.51 24.04 -31.27
CA SER C 168 -28.11 23.84 -31.00
C SER C 168 -27.84 24.09 -29.54
N GLU C 169 -26.75 23.53 -29.04
CA GLU C 169 -26.35 23.67 -27.63
C GLU C 169 -24.86 23.90 -27.58
N THR C 170 -24.34 24.17 -26.39
CA THR C 170 -22.92 24.43 -26.26
C THR C 170 -22.33 23.75 -25.04
N ALA C 171 -21.02 23.45 -25.08
CA ALA C 171 -20.36 22.71 -24.00
C ALA C 171 -18.84 23.02 -23.94
N ASP C 172 -18.28 22.94 -22.73
CA ASP C 172 -16.84 23.17 -22.50
C ASP C 172 -15.98 21.94 -22.80
N LEU C 173 -16.59 20.76 -22.71
CA LEU C 173 -15.94 19.47 -22.92
C LEU C 173 -16.98 18.55 -23.56
N VAL C 174 -16.61 17.95 -24.69
CA VAL C 174 -17.44 16.95 -25.36
C VAL C 174 -16.83 15.59 -25.09
N ILE C 175 -17.64 14.65 -24.63
CA ILE C 175 -17.20 13.28 -24.53
C ILE C 175 -18.01 12.50 -25.54
N LEU C 176 -17.36 11.94 -26.54
CA LEU C 176 -18.04 11.16 -27.56
C LEU C 176 -18.18 9.79 -26.93
N ALA C 177 -19.44 9.33 -26.78
CA ALA C 177 -19.82 7.99 -26.29
C ALA C 177 -20.87 7.39 -27.23
N ASN C 178 -20.77 7.71 -28.52
CA ASN C 178 -21.89 7.43 -29.43
C ASN C 178 -21.66 6.20 -30.31
N GLY C 179 -20.93 5.24 -29.77
CA GLY C 179 -20.80 3.92 -30.38
C GLY C 179 -19.78 3.83 -31.50
N GLY C 180 -19.59 2.60 -32.00
CA GLY C 180 -18.47 2.29 -32.91
C GLY C 180 -18.47 2.95 -34.27
N MET C 181 -19.63 3.47 -34.69
CA MET C 181 -19.78 4.09 -36.02
C MET C 181 -19.89 5.62 -35.93
N SER C 182 -19.49 6.20 -34.81
CA SER C 182 -19.54 7.65 -34.65
C SER C 182 -18.94 8.36 -35.86
N LYS C 183 -19.62 9.39 -36.31
CA LYS C 183 -19.24 10.14 -37.52
C LYS C 183 -18.56 11.46 -37.19
N VAL C 184 -18.39 11.73 -35.91
CA VAL C 184 -18.02 13.08 -35.50
C VAL C 184 -16.73 13.00 -34.67
N ARG C 185 -15.81 12.15 -35.13
CA ARG C 185 -14.54 11.85 -34.46
C ARG C 185 -13.34 12.64 -34.99
N LYS C 186 -13.50 13.39 -36.10
CA LYS C 186 -12.36 14.04 -36.77
C LYS C 186 -11.49 14.91 -35.86
N PHE C 187 -12.10 15.62 -34.92
CA PHE C 187 -11.28 16.48 -34.06
C PHE C 187 -10.36 15.69 -33.12
N VAL C 188 -10.72 14.44 -32.81
CA VAL C 188 -9.86 13.58 -31.99
C VAL C 188 -8.84 12.83 -32.90
N THR C 189 -9.32 12.21 -33.97
CA THR C 189 -8.46 11.35 -34.77
C THR C 189 -9.07 11.16 -36.16
N ASP C 190 -8.22 10.90 -37.15
CA ASP C 190 -8.62 10.57 -38.51
C ASP C 190 -8.70 9.05 -38.73
N THR C 191 -8.31 8.25 -37.75
CA THR C 191 -8.42 6.81 -37.92
C THR C 191 -9.86 6.41 -38.33
N GLU C 192 -9.99 5.40 -39.18
CA GLU C 192 -11.31 4.92 -39.57
C GLU C 192 -11.56 3.48 -39.17
N VAL C 193 -12.83 3.19 -38.94
CA VAL C 193 -13.33 1.89 -38.61
C VAL C 193 -12.94 0.97 -39.76
N GLU C 194 -12.58 -0.26 -39.44
CA GLU C 194 -12.21 -1.27 -40.43
C GLU C 194 -13.04 -2.52 -40.22
N GLU C 195 -13.24 -3.24 -41.31
CA GLU C 195 -13.87 -4.53 -41.27
C GLU C 195 -12.80 -5.58 -40.97
N THR C 196 -13.12 -6.58 -40.20
CA THR C 196 -12.10 -7.53 -39.79
C THR C 196 -12.10 -8.79 -40.65
N GLY C 197 -13.15 -9.00 -41.43
CA GLY C 197 -13.27 -10.23 -42.22
C GLY C 197 -14.27 -11.28 -41.75
N THR C 198 -14.89 -11.06 -40.58
CA THR C 198 -16.02 -11.90 -40.18
C THR C 198 -17.31 -11.12 -40.32
N PHE C 199 -18.43 -11.81 -40.13
CA PHE C 199 -19.77 -11.29 -40.30
C PHE C 199 -20.71 -11.99 -39.31
N ASN C 200 -21.66 -11.24 -38.73
CA ASN C 200 -22.60 -11.75 -37.71
C ASN C 200 -24.05 -11.55 -38.13
N ILE C 201 -24.86 -12.59 -37.98
CA ILE C 201 -26.28 -12.51 -38.20
C ILE C 201 -26.93 -12.76 -36.83
N GLN C 202 -27.82 -11.86 -36.41
CA GLN C 202 -28.48 -11.92 -35.08
C GLN C 202 -30.01 -11.87 -35.20
N ALA C 203 -30.71 -12.48 -34.26
CA ALA C 203 -32.17 -12.48 -34.25
C ALA C 203 -32.69 -12.79 -32.86
N ASP C 204 -33.98 -12.47 -32.68
CA ASP C 204 -34.75 -12.79 -31.48
C ASP C 204 -35.86 -13.75 -31.85
N ILE C 205 -36.23 -14.59 -30.89
CA ILE C 205 -37.36 -15.48 -31.01
C ILE C 205 -38.13 -15.37 -29.70
N HIS C 206 -39.40 -14.96 -29.82
CA HIS C 206 -40.28 -14.89 -28.66
C HIS C 206 -41.00 -16.18 -28.49
N GLN C 207 -41.41 -16.46 -27.27
CA GLN C 207 -41.93 -17.76 -26.83
C GLN C 207 -41.12 -18.88 -27.42
N PRO C 208 -39.83 -18.89 -27.08
CA PRO C 208 -38.98 -19.91 -27.65
C PRO C 208 -39.45 -21.32 -27.27
N GLU C 209 -40.01 -21.48 -26.08
CA GLU C 209 -40.51 -22.80 -25.66
C GLU C 209 -41.60 -23.33 -26.60
N ILE C 210 -42.27 -22.43 -27.30
CA ILE C 210 -43.29 -22.78 -28.32
C ILE C 210 -42.75 -22.80 -29.76
N ASN C 211 -41.88 -21.83 -30.06
CA ASN C 211 -41.49 -21.54 -31.43
C ASN C 211 -40.20 -22.27 -31.90
N CYS C 212 -39.28 -22.58 -30.99
CA CYS C 212 -38.17 -23.48 -31.24
C CYS C 212 -37.96 -24.47 -30.05
N PRO C 213 -38.95 -25.34 -29.84
CA PRO C 213 -38.90 -26.19 -28.63
C PRO C 213 -37.61 -26.99 -28.55
N GLY C 214 -37.29 -27.69 -29.63
CA GLY C 214 -36.12 -28.55 -29.66
C GLY C 214 -34.92 -27.75 -29.23
N PHE C 215 -34.64 -26.67 -29.95
CA PHE C 215 -33.49 -25.85 -29.64
C PHE C 215 -33.60 -25.33 -28.22
N PHE C 216 -34.78 -24.86 -27.85
CA PHE C 216 -34.96 -24.31 -26.50
C PHE C 216 -34.56 -25.36 -25.44
N GLN C 217 -34.99 -26.62 -25.64
CA GLN C 217 -34.64 -27.75 -24.74
C GLN C 217 -33.16 -28.20 -24.79
N LEU C 218 -32.51 -28.05 -25.92
CA LEU C 218 -31.06 -28.23 -26.03
C LEU C 218 -30.27 -27.23 -25.14
N CYS C 219 -30.75 -25.98 -25.05
CA CYS C 219 -30.14 -24.94 -24.22
C CYS C 219 -30.36 -25.23 -22.75
N ASN C 220 -31.57 -25.73 -22.45
CA ASN C 220 -31.93 -26.16 -21.13
C ASN C 220 -31.54 -25.12 -20.09
N GLY C 221 -31.93 -23.88 -20.33
CA GLY C 221 -31.72 -22.82 -19.35
C GLY C 221 -30.31 -22.26 -19.32
N ASN C 222 -29.40 -22.88 -20.07
CA ASN C 222 -28.06 -22.33 -20.25
C ASN C 222 -27.90 -21.61 -21.57
N ARG C 223 -26.87 -20.79 -21.66
CA ARG C 223 -26.37 -20.32 -22.92
C ARG C 223 -25.87 -21.48 -23.71
N LEU C 224 -25.75 -21.33 -25.03
CA LEU C 224 -25.31 -22.41 -25.90
C LEU C 224 -24.33 -21.90 -26.95
N MET C 225 -23.32 -22.70 -27.26
CA MET C 225 -22.31 -22.41 -28.30
C MET C 225 -22.06 -23.69 -29.08
N ALA C 226 -22.05 -23.58 -30.39
CA ALA C 226 -21.68 -24.70 -31.23
C ALA C 226 -20.86 -24.20 -32.40
N SER C 227 -20.01 -25.07 -32.93
CA SER C 227 -18.99 -24.71 -33.92
C SER C 227 -18.85 -25.83 -34.95
N HIS C 228 -18.99 -25.54 -36.25
CA HIS C 228 -18.86 -26.57 -37.30
C HIS C 228 -18.52 -25.96 -38.61
N GLN C 229 -17.36 -26.34 -39.12
CA GLN C 229 -16.91 -26.01 -40.47
C GLN C 229 -16.99 -24.52 -40.78
N GLY C 230 -16.50 -23.73 -39.82
CA GLY C 230 -16.39 -22.29 -39.99
C GLY C 230 -17.64 -21.49 -39.64
N ASN C 231 -18.75 -22.16 -39.29
CA ASN C 231 -19.96 -21.46 -38.82
C ASN C 231 -20.12 -21.59 -37.33
N LEU C 232 -20.12 -20.47 -36.61
CA LEU C 232 -20.34 -20.46 -35.13
C LEU C 232 -21.79 -20.09 -34.80
N LEU C 233 -22.43 -20.79 -33.85
CA LEU C 233 -23.75 -20.44 -33.33
C LEU C 233 -23.65 -20.15 -31.84
N PHE C 234 -24.27 -19.09 -31.39
CA PHE C 234 -24.34 -18.73 -29.97
C PHE C 234 -25.80 -18.43 -29.63
N ALA C 235 -26.22 -18.74 -28.41
CA ALA C 235 -27.61 -18.45 -28.05
C ALA C 235 -27.79 -18.26 -26.57
N ASN C 236 -28.61 -17.28 -26.23
CA ASN C 236 -29.03 -17.11 -24.89
C ASN C 236 -30.53 -17.34 -24.88
N PRO C 237 -31.00 -18.44 -24.26
CA PRO C 237 -32.44 -18.77 -24.35
C PRO C 237 -33.39 -17.97 -23.47
N ASN C 238 -32.85 -17.13 -22.56
CA ASN C 238 -33.65 -16.32 -21.65
C ASN C 238 -33.18 -14.84 -21.44
N ASN C 239 -33.31 -14.00 -22.48
CA ASN C 239 -33.14 -12.53 -22.37
C ASN C 239 -34.53 -11.96 -22.11
N ASN C 240 -34.85 -11.72 -20.84
CA ASN C 240 -36.23 -11.39 -20.48
C ASN C 240 -37.25 -12.17 -21.37
N GLY C 241 -37.17 -13.50 -21.35
CA GLY C 241 -38.18 -14.33 -22.00
C GLY C 241 -38.04 -14.56 -23.50
N ALA C 242 -37.21 -13.75 -24.15
CA ALA C 242 -36.83 -13.96 -25.58
C ALA C 242 -35.54 -14.78 -25.75
N LEU C 243 -35.52 -15.64 -26.77
CA LEU C 243 -34.27 -16.24 -27.16
C LEU C 243 -33.49 -15.32 -28.09
N HIS C 244 -32.24 -15.03 -27.79
CA HIS C 244 -31.37 -14.29 -28.72
C HIS C 244 -30.28 -15.16 -29.23
N PHE C 245 -30.22 -15.32 -30.56
CA PHE C 245 -29.10 -16.09 -31.16
C PHE C 245 -28.26 -15.31 -32.16
N GLY C 246 -27.00 -15.72 -32.26
CA GLY C 246 -26.06 -15.16 -33.23
C GLY C 246 -25.41 -16.25 -34.05
N ILE C 247 -25.35 -16.05 -35.35
CA ILE C 247 -24.58 -16.93 -36.23
C ILE C 247 -23.49 -16.11 -36.90
N SER C 248 -22.24 -16.53 -36.73
CA SER C 248 -21.06 -15.79 -37.20
C SER C 248 -20.22 -16.66 -38.12
N PHE C 249 -19.54 -16.04 -39.09
CA PHE C 249 -18.72 -16.74 -40.09
C PHE C 249 -17.81 -15.76 -40.81
N LYS C 250 -16.73 -16.25 -41.45
CA LYS C 250 -15.85 -15.42 -42.28
C LYS C 250 -16.67 -14.88 -43.42
N THR C 251 -16.51 -13.60 -43.74
CA THR C 251 -17.34 -13.00 -44.79
C THR C 251 -17.08 -13.78 -46.07
N PRO C 252 -18.16 -14.31 -46.72
CA PRO C 252 -17.96 -14.92 -48.04
C PRO C 252 -17.39 -13.94 -49.05
N ASP C 253 -16.37 -14.38 -49.78
CA ASP C 253 -15.67 -13.56 -50.78
C ASP C 253 -16.60 -12.90 -51.83
N GLU C 254 -17.77 -13.52 -52.08
CA GLU C 254 -18.83 -12.99 -53.00
C GLU C 254 -19.46 -11.64 -52.60
N TRP C 255 -19.27 -11.21 -51.35
CA TRP C 255 -19.97 -10.04 -50.82
C TRP C 255 -19.12 -8.80 -50.93
N GLN C 260 -24.77 -9.87 -51.24
CA GLN C 260 -25.56 -10.74 -52.10
C GLN C 260 -26.69 -11.47 -51.35
N VAL C 261 -26.87 -11.17 -50.06
CA VAL C 261 -28.07 -11.52 -49.30
C VAL C 261 -28.68 -10.20 -48.81
N ASP C 262 -30.00 -10.10 -48.84
CA ASP C 262 -30.70 -8.88 -48.46
C ASP C 262 -31.34 -9.05 -47.09
N PHE C 263 -30.87 -8.30 -46.10
CA PHE C 263 -31.37 -8.50 -44.73
C PHE C 263 -32.78 -7.94 -44.50
N GLN C 264 -33.29 -7.14 -45.44
CA GLN C 264 -34.72 -6.79 -45.47
C GLN C 264 -35.64 -7.95 -45.86
N ASN C 265 -35.13 -8.90 -46.64
CA ASN C 265 -35.91 -10.05 -47.09
C ASN C 265 -35.53 -11.30 -46.30
N ARG C 266 -36.43 -11.74 -45.43
CA ARG C 266 -36.20 -12.94 -44.62
C ARG C 266 -36.00 -14.22 -45.48
N ASN C 267 -36.65 -14.28 -46.64
CA ASN C 267 -36.46 -15.42 -47.56
C ASN C 267 -35.00 -15.60 -47.99
N SER C 268 -34.32 -14.52 -48.35
CA SER C 268 -32.94 -14.66 -48.82
C SER C 268 -31.98 -14.96 -47.70
N VAL C 269 -32.26 -14.50 -46.47
CA VAL C 269 -31.43 -14.83 -45.31
C VAL C 269 -31.64 -16.29 -44.95
N VAL C 270 -32.89 -16.69 -44.81
CA VAL C 270 -33.23 -18.08 -44.55
C VAL C 270 -32.55 -19.02 -45.55
N ASP C 271 -32.64 -18.70 -46.85
CA ASP C 271 -32.07 -19.56 -47.91
C ASP C 271 -30.59 -19.76 -47.71
N PHE C 272 -29.86 -18.65 -47.58
CA PHE C 272 -28.43 -18.67 -47.34
C PHE C 272 -28.06 -19.49 -46.08
N LEU C 273 -28.83 -19.34 -45.01
CA LEU C 273 -28.49 -19.98 -43.76
C LEU C 273 -28.82 -21.47 -43.84
N LEU C 274 -29.94 -21.83 -44.47
CA LEU C 274 -30.27 -23.25 -44.64
C LEU C 274 -29.20 -23.95 -45.49
N LYS C 275 -28.70 -23.31 -46.55
CA LYS C 275 -27.51 -23.84 -47.29
C LYS C 275 -26.30 -24.00 -46.37
N GLU C 276 -25.92 -22.96 -45.64
CA GLU C 276 -24.76 -23.03 -44.75
C GLU C 276 -24.94 -24.06 -43.66
N PHE C 277 -26.18 -24.17 -43.16
CA PHE C 277 -26.50 -25.09 -42.09
C PHE C 277 -27.06 -26.47 -42.52
N SER C 278 -26.87 -26.86 -43.78
CA SER C 278 -27.45 -28.11 -44.30
C SER C 278 -27.03 -29.34 -43.47
N ASP C 279 -25.76 -29.35 -43.02
CA ASP C 279 -25.19 -30.42 -42.17
C ASP C 279 -25.79 -30.54 -40.75
N TRP C 280 -26.35 -29.43 -40.22
CA TRP C 280 -26.75 -29.33 -38.79
C TRP C 280 -28.04 -30.02 -38.51
N ASP C 281 -28.19 -30.52 -37.29
CA ASP C 281 -29.45 -31.12 -36.78
C ASP C 281 -30.66 -30.24 -37.02
N GLU C 282 -31.83 -30.92 -37.08
CA GLU C 282 -33.11 -30.30 -37.40
C GLU C 282 -33.53 -29.22 -36.39
N ARG C 283 -33.13 -29.39 -35.14
CA ARG C 283 -33.34 -28.37 -34.12
C ARG C 283 -32.75 -26.99 -34.43
N TYR C 284 -31.55 -26.95 -35.02
CA TYR C 284 -30.94 -25.65 -35.36
C TYR C 284 -31.62 -25.05 -36.59
N LYS C 285 -31.96 -25.89 -37.56
CA LYS C 285 -32.69 -25.43 -38.76
C LYS C 285 -34.03 -24.83 -38.38
N GLU C 286 -34.66 -25.41 -37.38
CA GLU C 286 -35.98 -25.00 -36.95
C GLU C 286 -35.84 -23.60 -36.40
N LEU C 287 -34.70 -23.34 -35.76
CA LEU C 287 -34.35 -22.02 -35.25
C LEU C 287 -34.36 -20.99 -36.40
N ILE C 288 -33.65 -21.29 -37.47
CA ILE C 288 -33.57 -20.40 -38.62
C ILE C 288 -34.94 -20.21 -39.30
N HIS C 289 -35.71 -21.29 -39.38
CA HIS C 289 -37.00 -21.28 -40.09
C HIS C 289 -38.05 -20.44 -39.38
N THR C 290 -37.97 -20.38 -38.06
CA THR C 290 -39.00 -19.77 -37.25
C THR C 290 -38.73 -18.27 -36.98
N THR C 291 -37.54 -17.80 -37.26
CA THR C 291 -37.18 -16.39 -37.07
C THR C 291 -37.90 -15.44 -38.01
N LEU C 292 -38.47 -14.37 -37.46
CA LEU C 292 -39.23 -13.48 -38.29
C LEU C 292 -38.29 -12.52 -39.01
N SER C 293 -37.31 -11.97 -38.31
CA SER C 293 -36.40 -10.97 -38.92
C SER C 293 -34.98 -11.11 -38.37
N PHE C 294 -33.99 -10.92 -39.27
CA PHE C 294 -32.55 -11.09 -38.99
C PHE C 294 -31.77 -9.79 -39.19
N VAL C 295 -30.80 -9.54 -38.32
CA VAL C 295 -29.96 -8.39 -38.49
C VAL C 295 -28.58 -8.89 -38.87
N GLY C 296 -28.10 -8.43 -40.01
CA GLY C 296 -26.74 -8.74 -40.44
C GLY C 296 -25.80 -7.56 -40.20
N LEU C 297 -24.62 -7.82 -39.67
CA LEU C 297 -23.58 -6.79 -39.57
C LEU C 297 -22.14 -7.39 -39.64
N ALA C 298 -21.34 -6.79 -40.51
CA ALA C 298 -19.91 -7.07 -40.63
C ALA C 298 -19.21 -6.72 -39.31
N THR C 299 -18.41 -7.63 -38.75
CA THR C 299 -17.55 -7.29 -37.63
C THR C 299 -16.54 -6.17 -38.01
N ARG C 300 -16.37 -5.24 -37.06
CA ARG C 300 -15.54 -4.10 -37.22
C ARG C 300 -14.73 -3.85 -35.99
N ILE C 301 -13.68 -3.07 -36.22
CA ILE C 301 -12.72 -2.64 -35.21
C ILE C 301 -12.34 -1.17 -35.50
N PHE C 302 -12.33 -0.34 -34.48
CA PHE C 302 -11.71 0.96 -34.52
C PHE C 302 -10.29 0.85 -33.94
N PRO C 303 -9.30 0.64 -34.79
CA PRO C 303 -8.00 0.21 -34.24
C PRO C 303 -7.23 1.31 -33.49
N LEU C 304 -6.71 0.99 -32.30
CA LEU C 304 -5.82 1.85 -31.52
C LEU C 304 -4.37 1.69 -32.03
N GLU C 305 -4.18 2.02 -33.30
CA GLU C 305 -2.95 1.71 -34.05
C GLU C 305 -1.93 2.84 -33.90
N LYS C 306 -2.40 4.08 -33.85
CA LYS C 306 -1.56 5.26 -33.77
C LYS C 306 -2.13 6.27 -32.79
N PRO C 307 -1.27 7.10 -32.16
CA PRO C 307 -1.74 8.07 -31.17
C PRO C 307 -2.80 9.01 -31.75
N TRP C 308 -3.64 9.58 -30.90
CA TRP C 308 -4.65 10.52 -31.37
C TRP C 308 -4.01 11.85 -31.49
N LYS C 309 -4.74 12.85 -32.00
CA LYS C 309 -4.20 14.16 -32.24
C LYS C 309 -3.85 14.91 -30.96
N SER C 310 -2.60 15.36 -30.86
CA SER C 310 -2.17 16.21 -29.75
C SER C 310 -2.58 17.66 -29.96
N LYS C 311 -2.68 18.11 -31.20
CA LYS C 311 -3.20 19.46 -31.46
C LYS C 311 -4.72 19.37 -31.48
N ARG C 312 -5.39 19.97 -30.49
CA ARG C 312 -6.86 19.99 -30.43
C ARG C 312 -7.47 21.35 -30.06
N PRO C 313 -8.42 21.84 -30.84
CA PRO C 313 -8.93 23.19 -30.59
C PRO C 313 -9.51 23.42 -29.21
N LEU C 314 -10.30 22.47 -28.71
CA LEU C 314 -10.92 22.54 -27.38
C LEU C 314 -10.93 21.14 -26.77
N PRO C 315 -11.18 21.03 -25.45
CA PRO C 315 -11.21 19.68 -24.87
C PRO C 315 -12.32 18.80 -25.47
N ILE C 316 -11.90 17.68 -26.06
CA ILE C 316 -12.77 16.64 -26.55
C ILE C 316 -12.09 15.30 -26.37
N THR C 317 -12.87 14.29 -25.96
CA THR C 317 -12.39 12.91 -25.97
C THR C 317 -13.48 11.87 -26.26
N MET C 318 -13.10 10.60 -26.22
CA MET C 318 -13.97 9.48 -26.60
C MET C 318 -13.81 8.32 -25.58
N ILE C 319 -14.93 7.67 -25.27
CA ILE C 319 -15.00 6.52 -24.38
C ILE C 319 -15.91 5.44 -24.98
N GLY C 320 -15.78 4.22 -24.50
CA GLY C 320 -16.61 3.11 -25.03
C GLY C 320 -16.27 2.71 -26.47
N ASP C 321 -17.26 2.24 -27.24
CA ASP C 321 -16.99 1.76 -28.60
C ASP C 321 -16.50 2.90 -29.54
N ALA C 322 -16.85 4.15 -29.23
CA ALA C 322 -16.36 5.29 -30.00
C ALA C 322 -14.82 5.27 -29.94
N ALA C 323 -14.24 4.84 -28.84
CA ALA C 323 -12.78 4.86 -28.69
C ALA C 323 -12.08 3.57 -29.15
N HIS C 324 -12.71 2.42 -28.96
CA HIS C 324 -12.04 1.13 -29.22
C HIS C 324 -12.96 0.00 -29.59
N LEU C 325 -14.00 0.28 -30.38
CA LEU C 325 -14.82 -0.78 -31.04
C LEU C 325 -13.94 -1.94 -31.38
N MET C 326 -14.37 -3.15 -30.99
CA MET C 326 -13.61 -4.38 -31.29
C MET C 326 -14.52 -5.62 -31.43
N PRO C 327 -14.03 -6.65 -32.12
CA PRO C 327 -14.91 -7.81 -32.29
C PRO C 327 -15.43 -8.34 -30.93
N PRO C 328 -16.69 -8.80 -30.88
CA PRO C 328 -17.31 -9.30 -29.63
C PRO C 328 -17.09 -10.81 -29.31
N PHE C 329 -15.88 -11.32 -29.50
CA PHE C 329 -15.69 -12.76 -29.39
C PHE C 329 -14.92 -13.21 -28.16
N ALA C 330 -14.49 -12.26 -27.32
CA ALA C 330 -13.86 -12.62 -26.04
C ALA C 330 -14.48 -11.89 -24.86
N GLY C 331 -15.72 -11.42 -25.02
CA GLY C 331 -16.42 -10.64 -24.00
C GLY C 331 -15.72 -9.34 -23.59
N GLN C 332 -15.07 -8.67 -24.54
CA GLN C 332 -14.25 -7.50 -24.22
C GLN C 332 -15.01 -6.16 -24.14
N GLY C 333 -16.08 -6.07 -24.93
CA GLY C 333 -16.74 -4.81 -25.22
C GLY C 333 -17.06 -3.76 -24.17
N VAL C 334 -18.19 -3.91 -23.43
CA VAL C 334 -18.75 -2.83 -22.59
C VAL C 334 -17.88 -2.58 -21.39
N ASN C 335 -17.19 -3.63 -20.93
CA ASN C 335 -16.42 -3.57 -19.69
C ASN C 335 -15.28 -2.57 -19.85
N SER C 336 -14.48 -2.70 -20.91
CA SER C 336 -13.39 -1.76 -21.10
C SER C 336 -13.94 -0.34 -21.25
N GLY C 337 -15.12 -0.20 -21.84
CA GLY C 337 -15.82 1.09 -21.95
C GLY C 337 -16.25 1.66 -20.62
N LEU C 338 -16.60 0.76 -19.70
CA LEU C 338 -17.00 1.20 -18.36
C LEU C 338 -15.77 1.65 -17.54
N VAL C 339 -14.69 0.89 -17.69
CA VAL C 339 -13.42 1.30 -17.15
C VAL C 339 -13.05 2.71 -17.71
N ASP C 340 -13.26 2.97 -19.00
CA ASP C 340 -12.96 4.31 -19.52
C ASP C 340 -13.69 5.30 -18.69
N ALA C 341 -14.97 5.03 -18.48
CA ALA C 341 -15.84 5.89 -17.70
C ALA C 341 -15.19 6.20 -16.35
N LEU C 342 -14.72 5.16 -15.67
CA LEU C 342 -14.25 5.28 -14.28
C LEU C 342 -12.97 6.13 -14.23
N ILE C 343 -12.01 5.75 -15.07
CA ILE C 343 -10.75 6.46 -15.24
C ILE C 343 -10.91 7.93 -15.61
N LEU C 344 -11.84 8.25 -16.52
CA LEU C 344 -11.99 9.61 -17.01
C LEU C 344 -12.63 10.44 -15.92
N SER C 345 -13.59 9.87 -15.21
CA SER C 345 -14.34 10.67 -14.23
C SER C 345 -13.49 10.94 -13.00
N ASP C 346 -12.75 9.93 -12.54
CA ASP C 346 -11.73 10.14 -11.51
C ASP C 346 -10.84 11.32 -11.90
N ASN C 347 -10.26 11.24 -13.11
CA ASN C 347 -9.38 12.29 -13.63
C ASN C 347 -9.99 13.70 -13.66
N LEU C 348 -11.21 13.83 -14.20
CA LEU C 348 -11.94 15.12 -14.23
C LEU C 348 -12.47 15.56 -12.86
N ALA C 349 -12.36 14.70 -11.85
CA ALA C 349 -12.96 14.94 -10.54
C ALA C 349 -12.10 15.87 -9.72
N ASP C 350 -10.80 15.65 -9.79
CA ASP C 350 -9.84 16.33 -8.91
C ASP C 350 -9.28 17.60 -9.52
N GLY C 351 -8.61 18.39 -8.69
CA GLY C 351 -7.63 19.38 -9.13
C GLY C 351 -6.27 18.71 -9.17
N LYS C 352 -6.25 17.43 -9.54
CA LYS C 352 -5.04 16.60 -9.57
C LYS C 352 -4.15 16.98 -10.75
N PHE C 353 -4.79 17.53 -11.78
CA PHE C 353 -4.16 18.01 -13.00
C PHE C 353 -4.34 19.52 -13.11
N ASN C 354 -3.54 20.13 -13.96
CA ASN C 354 -3.61 21.57 -14.17
C ASN C 354 -4.72 21.97 -15.13
N SER C 355 -5.10 21.05 -16.03
CA SER C 355 -6.05 21.38 -17.09
C SER C 355 -6.90 20.18 -17.52
N ILE C 356 -8.10 20.46 -18.02
CA ILE C 356 -8.97 19.43 -18.56
C ILE C 356 -8.20 18.65 -19.60
N GLU C 357 -7.41 19.39 -20.37
CA GLU C 357 -6.56 18.83 -21.42
C GLU C 357 -5.66 17.73 -20.88
N GLU C 358 -4.97 18.00 -19.77
CA GLU C 358 -4.09 17.02 -19.08
C GLU C 358 -4.90 15.83 -18.52
N ALA C 359 -6.05 16.12 -17.91
CA ALA C 359 -6.94 15.06 -17.40
C ALA C 359 -7.34 14.10 -18.52
N VAL C 360 -7.74 14.65 -19.67
CA VAL C 360 -8.08 13.84 -20.86
C VAL C 360 -6.85 13.03 -21.34
N LYS C 361 -5.73 13.73 -21.58
CA LYS C 361 -4.49 13.05 -22.05
C LYS C 361 -4.13 11.85 -21.15
N ASN C 362 -4.25 12.00 -19.83
CA ASN C 362 -3.84 10.92 -18.91
C ASN C 362 -4.77 9.72 -19.00
N TYR C 363 -6.06 10.01 -19.05
CA TYR C 363 -7.02 8.96 -19.39
C TYR C 363 -6.62 8.27 -20.72
N GLU C 364 -6.43 9.04 -21.78
CA GLU C 364 -6.19 8.42 -23.09
C GLU C 364 -4.95 7.52 -23.08
N GLN C 365 -3.90 7.96 -22.37
CA GLN C 365 -2.72 7.14 -22.19
C GLN C 365 -3.00 5.77 -21.54
N GLN C 366 -3.77 5.73 -20.45
CA GLN C 366 -4.04 4.43 -19.79
C GLN C 366 -4.86 3.56 -20.73
N MET C 367 -5.89 4.17 -21.32
CA MET C 367 -6.85 3.47 -22.18
C MET C 367 -6.19 2.84 -23.39
N PHE C 368 -5.15 3.47 -23.94
CA PHE C 368 -4.41 2.87 -25.04
C PHE C 368 -3.79 1.55 -24.61
N ILE C 369 -3.42 1.44 -23.34
CA ILE C 369 -2.72 0.27 -22.87
C ILE C 369 -3.68 -0.89 -22.71
N TYR C 370 -4.74 -0.70 -21.94
CA TYR C 370 -5.68 -1.81 -21.72
C TYR C 370 -6.57 -2.04 -22.92
N GLY C 371 -6.91 -0.96 -23.61
CA GLY C 371 -7.57 -1.04 -24.91
C GLY C 371 -6.88 -1.94 -25.91
N LYS C 372 -5.62 -1.68 -26.14
CA LYS C 372 -4.86 -2.44 -27.13
C LYS C 372 -4.68 -3.90 -26.71
N GLU C 373 -4.55 -4.14 -25.41
CA GLU C 373 -4.53 -5.50 -24.86
C GLU C 373 -5.87 -6.20 -25.18
N ALA C 374 -6.98 -5.50 -24.96
CA ALA C 374 -8.27 -6.08 -25.30
C ALA C 374 -8.33 -6.40 -26.82
N GLN C 375 -7.95 -5.43 -27.63
CA GLN C 375 -8.13 -5.58 -29.07
C GLN C 375 -7.29 -6.74 -29.57
N GLU C 376 -6.09 -6.86 -29.01
CA GLU C 376 -5.23 -7.97 -29.35
C GLU C 376 -5.89 -9.28 -29.04
N GLU C 377 -6.62 -9.36 -27.93
CA GLU C 377 -7.24 -10.61 -27.55
C GLU C 377 -8.44 -10.93 -28.45
N SER C 378 -9.30 -9.94 -28.68
CA SER C 378 -10.43 -10.06 -29.61
C SER C 378 -10.03 -10.54 -30.99
N THR C 379 -9.10 -9.81 -31.58
CA THR C 379 -8.52 -10.15 -32.87
C THR C 379 -7.97 -11.56 -32.83
N GLN C 380 -7.20 -11.87 -31.78
CA GLN C 380 -6.56 -13.17 -31.70
C GLN C 380 -7.64 -14.24 -31.61
N ASN C 381 -8.65 -14.01 -30.77
CA ASN C 381 -9.66 -15.03 -30.60
C ASN C 381 -10.47 -15.19 -31.87
N GLU C 382 -10.73 -14.07 -32.53
CA GLU C 382 -11.38 -14.07 -33.84
C GLU C 382 -10.59 -14.89 -34.87
N ILE C 383 -9.27 -14.70 -34.94
CA ILE C 383 -8.44 -15.52 -35.83
C ILE C 383 -8.61 -16.99 -35.45
N GLU C 384 -8.39 -17.26 -34.19
CA GLU C 384 -8.45 -18.61 -33.63
C GLU C 384 -9.78 -19.34 -33.92
N MET C 385 -10.90 -18.65 -33.67
CA MET C 385 -12.24 -19.31 -33.68
C MET C 385 -12.70 -19.70 -35.08
N PHE C 386 -12.24 -18.93 -36.07
CA PHE C 386 -12.64 -19.13 -37.44
C PHE C 386 -11.62 -19.89 -38.29
N LYS C 387 -10.57 -20.43 -37.65
CA LYS C 387 -9.73 -21.42 -38.33
C LYS C 387 -10.64 -22.64 -38.54
N PRO C 388 -10.72 -23.12 -39.79
CA PRO C 388 -11.57 -24.25 -40.20
C PRO C 388 -11.76 -25.39 -39.18
N ASP C 389 -10.71 -25.78 -38.45
CA ASP C 389 -10.78 -26.89 -37.48
C ASP C 389 -10.86 -26.45 -36.01
N PHE C 390 -11.63 -25.40 -35.75
CA PHE C 390 -11.82 -24.93 -34.36
C PHE C 390 -12.81 -25.75 -33.52
N THR C 391 -12.45 -25.95 -32.26
CA THR C 391 -13.23 -26.72 -31.30
C THR C 391 -13.24 -25.94 -29.97
N PHE C 392 -14.43 -25.57 -29.47
CA PHE C 392 -14.54 -24.82 -28.21
C PHE C 392 -13.81 -25.57 -27.09
N ASN D 22 -8.16 27.60 43.43
CA ASN D 22 -8.68 26.24 43.11
C ASN D 22 -9.04 25.45 44.40
N LEU D 23 -10.27 24.93 44.45
CA LEU D 23 -10.76 24.06 45.55
C LEU D 23 -9.87 22.84 45.90
N LEU D 24 -9.22 22.27 44.88
CA LEU D 24 -8.44 21.02 45.00
C LEU D 24 -6.93 21.22 45.23
N SER D 25 -6.52 22.45 45.53
CA SER D 25 -5.11 22.89 45.47
C SER D 25 -4.05 21.96 46.06
N ASP D 26 -4.23 21.50 47.31
CA ASP D 26 -3.27 20.57 47.90
C ASP D 26 -3.84 19.17 47.94
N LYS D 27 -4.62 18.81 46.91
CA LYS D 27 -5.38 17.57 46.94
C LYS D 27 -5.23 16.77 45.64
N ASN D 28 -5.79 15.56 45.64
CA ASN D 28 -5.80 14.72 44.44
C ASN D 28 -7.14 14.02 44.20
N VAL D 29 -7.43 13.75 42.94
CA VAL D 29 -8.71 13.19 42.57
C VAL D 29 -8.48 11.78 42.01
N ALA D 30 -9.31 10.82 42.39
CA ALA D 30 -9.21 9.46 41.85
C ALA D 30 -10.45 9.26 41.00
N ILE D 31 -10.24 9.08 39.70
CA ILE D 31 -11.29 8.64 38.78
C ILE D 31 -11.23 7.14 38.69
N ILE D 32 -12.28 6.45 39.08
CA ILE D 32 -12.39 5.00 38.92
C ILE D 32 -13.02 4.70 37.56
N GLY D 33 -12.19 4.21 36.65
CA GLY D 33 -12.63 3.86 35.30
C GLY D 33 -12.12 4.76 34.21
N GLY D 34 -11.45 4.16 33.22
CA GLY D 34 -10.94 4.86 32.05
C GLY D 34 -11.70 4.57 30.77
N GLY D 35 -13.02 4.72 30.84
CA GLY D 35 -13.87 4.73 29.65
C GLY D 35 -13.77 6.12 28.99
N PRO D 36 -14.61 6.38 28.00
CA PRO D 36 -14.54 7.70 27.36
C PRO D 36 -14.88 8.79 28.34
N VAL D 37 -15.90 8.58 29.16
CA VAL D 37 -16.26 9.59 30.19
C VAL D 37 -15.19 9.85 31.27
N GLY D 38 -14.64 8.80 31.84
CA GLY D 38 -13.58 8.92 32.83
C GLY D 38 -12.31 9.55 32.29
N LEU D 39 -11.92 9.21 31.06
CA LEU D 39 -10.71 9.81 30.47
C LEU D 39 -10.93 11.29 30.04
N THR D 40 -12.12 11.60 29.55
CA THR D 40 -12.47 13.01 29.31
C THR D 40 -12.43 13.75 30.68
N MET D 41 -12.97 13.16 31.74
CA MET D 41 -12.92 13.82 33.03
C MET D 41 -11.48 14.15 33.40
N ALA D 42 -10.62 13.14 33.38
CA ALA D 42 -9.23 13.31 33.74
C ALA D 42 -8.51 14.38 32.89
N LYS D 43 -8.85 14.52 31.61
CA LYS D 43 -8.26 15.59 30.75
C LYS D 43 -8.67 16.96 31.16
N LEU D 44 -9.98 17.15 31.35
CA LEU D 44 -10.52 18.48 31.71
C LEU D 44 -10.04 18.97 33.10
N LEU D 45 -9.77 18.02 34.01
CA LEU D 45 -9.18 18.33 35.29
C LEU D 45 -7.70 18.59 35.12
N GLN D 46 -7.01 17.73 34.41
CA GLN D 46 -5.55 17.86 34.29
C GLN D 46 -5.10 19.19 33.63
N GLN D 47 -5.87 19.69 32.66
CA GLN D 47 -5.54 20.96 31.96
C GLN D 47 -5.81 22.23 32.82
N ASN D 48 -6.45 22.05 33.98
CA ASN D 48 -6.59 23.10 35.00
C ASN D 48 -5.59 22.94 36.15
N GLY D 49 -4.59 22.08 35.96
CA GLY D 49 -3.56 21.87 36.97
C GLY D 49 -3.96 21.04 38.17
N ILE D 50 -5.13 20.42 38.12
CA ILE D 50 -5.56 19.54 39.20
C ILE D 50 -4.86 18.17 39.07
N ASP D 51 -4.51 17.58 40.21
CA ASP D 51 -3.81 16.28 40.27
C ASP D 51 -4.78 15.10 40.28
N VAL D 52 -4.83 14.37 39.18
CA VAL D 52 -5.81 13.29 38.99
C VAL D 52 -5.10 12.03 38.55
N SER D 53 -5.61 10.88 38.98
CA SER D 53 -5.20 9.57 38.46
C SER D 53 -6.46 8.82 37.97
N VAL D 54 -6.31 8.06 36.92
CA VAL D 54 -7.37 7.17 36.45
C VAL D 54 -6.94 5.75 36.77
N TYR D 55 -7.78 5.03 37.46
CA TYR D 55 -7.55 3.63 37.80
C TYR D 55 -8.44 2.76 36.93
N GLU D 56 -7.82 1.95 36.07
CA GLU D 56 -8.52 1.18 35.04
C GLU D 56 -8.22 -0.34 35.10
N ARG D 57 -9.30 -1.11 35.24
CA ARG D 57 -9.33 -2.56 35.28
C ARG D 57 -8.61 -3.22 34.07
N ASP D 58 -8.80 -2.72 32.86
CA ASP D 58 -8.11 -3.25 31.66
C ASP D 58 -6.59 -3.43 31.86
N ASN D 59 -6.10 -4.52 31.33
CA ASN D 59 -4.71 -4.91 31.59
C ASN D 59 -3.71 -3.93 31.03
N ASP D 60 -3.99 -3.33 29.89
CA ASP D 60 -3.09 -2.37 29.25
C ASP D 60 -3.82 -1.65 28.17
N ARG D 61 -3.19 -0.61 27.62
CA ARG D 61 -3.92 0.32 26.74
C ARG D 61 -4.32 -0.25 25.39
N GLU D 62 -3.79 -1.42 25.03
CA GLU D 62 -4.20 -2.06 23.81
C GLU D 62 -5.34 -3.09 23.93
N ALA D 63 -5.91 -3.31 25.11
CA ALA D 63 -7.07 -4.22 25.25
C ALA D 63 -8.19 -3.81 24.25
N ARG D 64 -8.80 -4.76 23.58
CA ARG D 64 -9.82 -4.46 22.61
C ARG D 64 -11.14 -4.13 23.35
N ILE D 65 -11.82 -3.06 22.93
CA ILE D 65 -13.12 -2.65 23.55
C ILE D 65 -14.21 -3.17 22.60
N PHE D 66 -14.95 -4.14 23.06
CA PHE D 66 -16.05 -4.69 22.30
C PHE D 66 -17.20 -3.68 22.24
N GLY D 67 -17.88 -3.64 21.11
CA GLY D 67 -19.00 -2.77 20.97
C GLY D 67 -19.04 -2.10 19.61
N GLY D 68 -20.14 -1.40 19.34
CA GLY D 68 -20.27 -0.51 18.21
C GLY D 68 -19.47 0.78 18.34
N THR D 69 -19.63 1.64 17.36
CA THR D 69 -19.05 2.97 17.33
C THR D 69 -19.82 3.92 18.28
N LEU D 70 -19.20 5.02 18.65
CA LEU D 70 -19.84 6.09 19.36
C LEU D 70 -19.90 7.31 18.41
N ASP D 71 -20.94 8.15 18.58
CA ASP D 71 -21.12 9.43 17.88
C ASP D 71 -21.32 10.57 18.89
N LEU D 72 -20.48 11.58 18.78
CA LEU D 72 -20.48 12.70 19.69
C LEU D 72 -21.33 13.80 19.04
N HIS D 73 -22.36 14.30 19.74
CA HIS D 73 -23.23 15.33 19.16
C HIS D 73 -22.72 16.71 19.44
N LYS D 74 -22.97 17.65 18.50
CA LYS D 74 -22.79 19.09 18.74
C LYS D 74 -23.64 19.52 19.94
N GLY D 75 -23.12 20.45 20.74
CA GLY D 75 -23.81 20.90 21.96
C GLY D 75 -23.47 20.10 23.20
N SER D 76 -23.13 18.82 23.06
CA SER D 76 -22.80 18.00 24.21
C SER D 76 -21.42 17.32 24.05
N GLY D 77 -21.41 16.14 23.43
CA GLY D 77 -20.18 15.39 23.32
C GLY D 77 -19.06 16.22 22.73
N GLN D 78 -19.36 16.88 21.61
CA GLN D 78 -18.38 17.74 20.91
C GLN D 78 -17.93 18.93 21.79
N GLU D 79 -18.85 19.51 22.56
CA GLU D 79 -18.44 20.54 23.52
C GLU D 79 -17.31 20.00 24.42
N ALA D 80 -17.48 18.79 24.96
CA ALA D 80 -16.44 18.24 25.84
C ALA D 80 -15.11 18.13 25.13
N MET D 81 -15.15 17.62 23.90
CA MET D 81 -13.94 17.46 23.08
C MET D 81 -13.34 18.79 22.65
N LYS D 82 -14.18 19.79 22.35
CA LYS D 82 -13.69 21.15 22.08
C LYS D 82 -13.01 21.72 23.32
N LYS D 83 -13.64 21.61 24.49
CA LYS D 83 -13.01 22.07 25.76
C LYS D 83 -11.65 21.41 25.98
N ALA D 84 -11.54 20.14 25.58
CA ALA D 84 -10.30 19.39 25.72
C ALA D 84 -9.27 19.67 24.58
N GLY D 85 -9.66 20.44 23.56
CA GLY D 85 -8.79 20.70 22.41
C GLY D 85 -8.66 19.54 21.43
N LEU D 86 -9.61 18.59 21.48
CA LEU D 86 -9.57 17.32 20.75
C LEU D 86 -10.58 17.14 19.59
N LEU D 87 -11.37 18.18 19.32
CA LEU D 87 -12.50 18.06 18.41
C LEU D 87 -11.98 17.67 17.03
N GLN D 88 -10.99 18.40 16.55
CA GLN D 88 -10.43 18.11 15.24
C GLN D 88 -9.85 16.68 15.16
N THR D 89 -9.18 16.24 16.22
CA THR D 89 -8.69 14.86 16.28
C THR D 89 -9.88 13.86 16.17
N TYR D 90 -10.97 14.15 16.88
CA TYR D 90 -12.19 13.34 16.78
C TYR D 90 -12.68 13.28 15.33
N TYR D 91 -12.83 14.46 14.70
CA TYR D 91 -13.21 14.53 13.30
C TYR D 91 -12.25 13.74 12.39
N ASP D 92 -10.93 13.89 12.58
CA ASP D 92 -9.95 13.22 11.73
C ASP D 92 -10.13 11.72 11.72
N LEU D 93 -10.51 11.14 12.86
CA LEU D 93 -10.53 9.68 13.01
C LEU D 93 -11.93 9.11 12.83
N ALA D 94 -12.93 10.00 12.85
CA ALA D 94 -14.33 9.61 12.77
C ALA D 94 -14.74 9.50 11.31
N LEU D 95 -15.87 8.82 11.10
CA LEU D 95 -16.37 8.50 9.78
C LEU D 95 -17.88 8.81 9.77
N PRO D 96 -18.29 9.82 9.00
CA PRO D 96 -19.73 10.06 8.93
C PRO D 96 -20.38 8.96 8.08
N MET D 97 -21.61 8.62 8.41
CA MET D 97 -22.30 7.52 7.72
C MET D 97 -23.77 7.78 7.42
N GLY D 98 -24.20 7.25 6.28
CA GLY D 98 -25.60 7.28 5.92
C GLY D 98 -26.31 6.24 6.74
N VAL D 99 -27.66 6.27 6.65
CA VAL D 99 -28.55 5.29 7.29
C VAL D 99 -29.56 4.75 6.25
N ASN D 100 -29.59 3.44 6.12
CA ASN D 100 -30.57 2.73 5.32
C ASN D 100 -31.59 2.13 6.29
N ILE D 101 -32.87 2.28 6.02
CA ILE D 101 -33.87 1.48 6.73
C ILE D 101 -34.35 0.42 5.75
N ALA D 102 -34.36 -0.84 6.18
CA ALA D 102 -34.77 -1.96 5.33
C ALA D 102 -35.86 -2.82 5.97
N ASP D 103 -36.60 -3.59 5.18
CA ASP D 103 -37.59 -4.52 5.73
C ASP D 103 -36.98 -5.88 5.91
N GLU D 104 -37.74 -6.81 6.46
CA GLU D 104 -37.25 -8.18 6.64
C GLU D 104 -36.95 -8.90 5.31
N LYS D 105 -37.44 -8.38 4.20
CA LYS D 105 -37.18 -8.99 2.88
C LYS D 105 -35.94 -8.40 2.20
N GLY D 106 -35.33 -7.39 2.80
CA GLY D 106 -34.16 -6.75 2.20
C GLY D 106 -34.45 -5.61 1.23
N ASN D 107 -35.70 -5.15 1.23
CA ASN D 107 -36.02 -4.00 0.45
C ASN D 107 -35.45 -2.83 1.25
N ILE D 108 -34.75 -1.93 0.58
CA ILE D 108 -34.42 -0.66 1.19
C ILE D 108 -35.65 0.24 1.14
N LEU D 109 -36.22 0.59 2.29
CA LEU D 109 -37.38 1.48 2.38
C LEU D 109 -36.98 2.95 2.39
N SER D 110 -35.76 3.25 2.80
CA SER D 110 -35.34 4.64 2.93
C SER D 110 -33.81 4.70 3.10
N THR D 111 -33.17 5.57 2.31
CA THR D 111 -31.73 5.85 2.35
C THR D 111 -31.55 7.32 2.72
N LYS D 112 -30.77 7.63 3.74
CA LYS D 112 -30.48 9.01 4.10
C LYS D 112 -28.98 9.17 4.07
N ASN D 113 -28.43 9.76 3.01
CA ASN D 113 -26.97 9.89 2.87
C ASN D 113 -26.40 11.04 3.66
N VAL D 114 -25.09 11.00 3.92
CA VAL D 114 -24.41 12.15 4.53
C VAL D 114 -24.35 13.29 3.51
N LYS D 115 -24.95 14.43 3.87
CA LYS D 115 -24.80 15.65 3.08
C LYS D 115 -23.54 16.38 3.56
N PRO D 116 -22.80 17.02 2.63
CA PRO D 116 -21.56 17.71 3.00
C PRO D 116 -21.67 18.67 4.18
N GLU D 117 -22.84 19.29 4.35
CA GLU D 117 -23.03 20.29 5.41
C GLU D 117 -23.36 19.63 6.75
N ASN D 118 -23.78 18.36 6.72
CA ASN D 118 -24.07 17.60 7.94
C ASN D 118 -22.95 16.65 8.31
N ARG D 119 -21.84 16.69 7.57
CA ARG D 119 -20.68 15.81 7.81
C ARG D 119 -20.24 15.70 9.26
N PHE D 120 -20.28 16.83 9.96
CA PHE D 120 -19.73 16.98 11.29
C PHE D 120 -20.75 16.93 12.43
N ASP D 121 -22.01 16.63 12.10
CA ASP D 121 -23.08 16.59 13.10
C ASP D 121 -22.79 15.51 14.17
N ASN D 122 -22.44 14.32 13.69
CA ASN D 122 -22.22 13.17 14.58
C ASN D 122 -21.46 11.96 13.92
N PRO D 123 -20.19 12.17 13.55
CA PRO D 123 -19.45 11.11 12.87
C PRO D 123 -19.08 9.95 13.80
N GLU D 124 -19.29 8.73 13.30
CA GLU D 124 -19.04 7.48 14.05
C GLU D 124 -17.53 7.29 14.28
N ILE D 125 -17.18 7.10 15.56
CA ILE D 125 -15.81 6.80 15.92
C ILE D 125 -15.74 5.48 16.63
N ASN D 126 -14.66 4.76 16.36
CA ASN D 126 -14.39 3.48 16.99
C ASN D 126 -13.97 3.78 18.45
N ARG D 127 -14.31 2.89 19.36
CA ARG D 127 -14.05 3.11 20.76
C ARG D 127 -12.56 3.08 21.16
N ASN D 128 -11.78 2.18 20.56
CA ASN D 128 -10.34 2.18 20.77
C ASN D 128 -9.75 3.42 20.20
N ASP D 129 -10.17 3.81 18.99
CA ASP D 129 -9.77 5.10 18.42
C ASP D 129 -10.05 6.27 19.41
N LEU D 130 -11.26 6.36 19.99
CA LEU D 130 -11.58 7.44 20.92
C LEU D 130 -10.63 7.38 22.11
N ARG D 131 -10.53 6.18 22.72
CA ARG D 131 -9.63 5.96 23.86
C ARG D 131 -8.21 6.39 23.58
N ALA D 132 -7.69 6.03 22.40
CA ALA D 132 -6.36 6.44 21.97
C ALA D 132 -6.22 7.96 21.97
N ILE D 133 -7.25 8.66 21.49
CA ILE D 133 -7.22 10.16 21.41
C ILE D 133 -7.18 10.72 22.82
N LEU D 134 -8.05 10.25 23.68
CA LEU D 134 -8.02 10.65 25.09
C LEU D 134 -6.69 10.31 25.75
N LEU D 135 -6.28 9.05 25.75
CA LEU D 135 -5.01 8.70 26.40
C LEU D 135 -3.87 9.61 25.99
N ASN D 136 -3.71 9.81 24.69
CA ASN D 136 -2.62 10.63 24.12
C ASN D 136 -2.72 12.10 24.63
N SER D 137 -3.93 12.55 24.93
CA SER D 137 -4.13 13.89 25.44
C SER D 137 -3.59 14.11 26.87
N LEU D 138 -3.49 13.04 27.65
CA LEU D 138 -3.11 13.13 29.10
C LEU D 138 -1.59 13.12 29.32
N GLU D 139 -1.14 13.47 30.52
CA GLU D 139 0.30 13.36 30.84
C GLU D 139 0.62 11.92 31.09
N ASN D 140 1.91 11.58 31.02
CA ASN D 140 2.32 10.17 31.20
C ASN D 140 1.94 9.67 32.60
N ASP D 141 1.53 8.41 32.71
CA ASP D 141 1.18 7.79 34.00
C ASP D 141 0.00 8.44 34.75
N THR D 142 -0.83 9.19 34.05
CA THR D 142 -2.12 9.58 34.54
C THR D 142 -2.96 8.32 34.73
N VAL D 143 -3.03 7.47 33.70
CA VAL D 143 -3.80 6.18 33.80
C VAL D 143 -2.97 5.04 34.33
N ILE D 144 -3.48 4.38 35.37
CA ILE D 144 -2.78 3.25 36.02
C ILE D 144 -3.55 1.98 35.68
N TRP D 145 -2.91 1.09 34.92
CA TRP D 145 -3.60 -0.03 34.27
C TRP D 145 -3.60 -1.21 35.20
N ASP D 146 -4.43 -2.21 34.93
CA ASP D 146 -4.54 -3.40 35.74
C ASP D 146 -4.89 -3.04 37.20
N ARG D 147 -5.84 -2.12 37.37
CA ARG D 147 -6.32 -1.69 38.67
C ARG D 147 -7.85 -1.84 38.73
N LYS D 148 -8.30 -2.91 39.37
CA LYS D 148 -9.70 -3.19 39.50
C LYS D 148 -10.11 -2.80 40.92
N LEU D 149 -10.80 -1.64 41.09
CA LEU D 149 -11.29 -1.23 42.42
C LEU D 149 -12.30 -2.23 42.93
N VAL D 150 -12.05 -2.82 44.10
CA VAL D 150 -13.02 -3.71 44.70
C VAL D 150 -13.69 -3.14 45.95
N MET D 151 -13.03 -2.17 46.62
CA MET D 151 -13.56 -1.59 47.86
C MET D 151 -13.10 -0.16 48.06
N LEU D 152 -13.96 0.60 48.73
CA LEU D 152 -13.78 2.00 49.00
C LEU D 152 -14.02 2.16 50.49
N GLU D 153 -13.18 2.95 51.16
CA GLU D 153 -13.30 3.12 52.60
C GLU D 153 -12.96 4.56 52.97
N PRO D 154 -13.87 5.23 53.70
CA PRO D 154 -13.60 6.62 54.05
C PRO D 154 -12.76 6.75 55.31
N GLY D 155 -11.69 7.54 55.25
CA GLY D 155 -10.84 7.79 56.40
C GLY D 155 -11.07 9.16 57.02
N LYS D 156 -10.13 9.58 57.87
CA LYS D 156 -10.10 10.93 58.47
C LYS D 156 -10.36 12.04 57.44
N LYS D 157 -9.44 12.21 56.49
CA LYS D 157 -9.49 13.23 55.42
C LYS D 157 -9.37 12.60 54.01
N LYS D 158 -9.19 11.28 53.94
CA LYS D 158 -8.99 10.63 52.65
C LYS D 158 -9.77 9.31 52.49
N TRP D 159 -10.20 9.07 51.26
CA TRP D 159 -10.66 7.76 50.87
C TRP D 159 -9.50 6.83 50.77
N THR D 160 -9.65 5.62 51.34
CA THR D 160 -8.74 4.52 51.04
C THR D 160 -9.38 3.63 49.98
N LEU D 161 -8.61 3.43 48.92
CA LEU D 161 -9.04 2.71 47.73
C LEU D 161 -8.36 1.33 47.64
N THR D 162 -9.16 0.26 47.66
CA THR D 162 -8.64 -1.13 47.59
C THR D 162 -8.69 -1.71 46.19
N PHE D 163 -7.56 -2.22 45.66
CA PHE D 163 -7.51 -2.80 44.28
C PHE D 163 -7.06 -4.26 44.29
N GLU D 164 -7.65 -5.09 43.46
CA GLU D 164 -7.42 -6.52 43.53
C GLU D 164 -5.95 -6.82 43.28
N ASN D 165 -5.33 -7.51 44.23
CA ASN D 165 -3.93 -7.87 44.15
C ASN D 165 -3.00 -6.73 43.72
N LYS D 166 -3.24 -5.51 44.16
CA LYS D 166 -2.29 -4.40 43.93
C LYS D 166 -2.26 -3.46 45.12
N PRO D 167 -1.26 -2.60 45.18
CA PRO D 167 -1.23 -1.68 46.32
C PRO D 167 -2.48 -0.83 46.45
N SER D 168 -2.86 -0.53 47.70
CA SER D 168 -3.95 0.41 47.97
C SER D 168 -3.42 1.79 47.69
N GLU D 169 -4.34 2.73 47.50
CA GLU D 169 -4.02 4.15 47.21
C GLU D 169 -5.00 5.04 47.97
N THR D 170 -4.76 6.34 47.95
CA THR D 170 -5.66 7.25 48.66
C THR D 170 -6.02 8.48 47.83
N ALA D 171 -7.16 9.10 48.12
CA ALA D 171 -7.63 10.26 47.34
C ALA D 171 -8.56 11.18 48.15
N ASP D 172 -8.54 12.47 47.83
CA ASP D 172 -9.42 13.47 48.52
C ASP D 172 -10.83 13.51 47.95
N LEU D 173 -10.97 13.07 46.68
CA LEU D 173 -12.23 13.06 45.94
C LEU D 173 -12.20 11.84 44.98
N VAL D 174 -13.21 10.99 45.06
CA VAL D 174 -13.34 9.84 44.19
C VAL D 174 -14.44 10.18 43.24
N ILE D 175 -14.16 10.06 41.95
CA ILE D 175 -15.19 10.20 40.94
C ILE D 175 -15.40 8.80 40.42
N LEU D 176 -16.61 8.28 40.51
CA LEU D 176 -16.88 6.95 40.01
C LEU D 176 -17.26 7.18 38.55
N ALA D 177 -16.52 6.51 37.64
CA ALA D 177 -16.74 6.54 36.17
C ALA D 177 -16.64 5.12 35.60
N ASN D 178 -17.04 4.14 36.42
CA ASN D 178 -16.73 2.74 36.13
C ASN D 178 -17.91 1.95 35.54
N GLY D 179 -18.77 2.67 34.85
CA GLY D 179 -19.81 2.05 34.03
C GLY D 179 -21.07 1.67 34.76
N GLY D 180 -22.04 1.16 34.02
CA GLY D 180 -23.39 0.96 34.56
C GLY D 180 -23.56 -0.07 35.66
N MET D 181 -22.59 -0.99 35.77
CA MET D 181 -22.66 -2.08 36.74
C MET D 181 -21.68 -1.86 37.90
N SER D 182 -21.24 -0.63 38.11
CA SER D 182 -20.42 -0.30 39.28
C SER D 182 -20.99 -0.90 40.55
N LYS D 183 -20.10 -1.51 41.33
CA LYS D 183 -20.44 -2.19 42.59
C LYS D 183 -20.09 -1.36 43.81
N VAL D 184 -19.54 -0.17 43.62
CA VAL D 184 -18.96 0.55 44.72
C VAL D 184 -19.66 1.92 44.82
N ARG D 185 -20.98 1.90 44.67
CA ARG D 185 -21.81 3.10 44.65
C ARG D 185 -22.47 3.42 45.99
N LYS D 186 -22.38 2.53 46.97
CA LYS D 186 -23.17 2.67 48.21
C LYS D 186 -23.00 4.02 48.91
N PHE D 187 -21.81 4.57 48.94
CA PHE D 187 -21.64 5.84 49.61
C PHE D 187 -22.40 7.02 48.94
N VAL D 188 -22.70 6.91 47.66
CA VAL D 188 -23.48 7.93 46.98
C VAL D 188 -24.99 7.63 47.11
N THR D 189 -25.37 6.40 46.80
CA THR D 189 -26.78 6.04 46.72
C THR D 189 -26.98 4.54 46.87
N ASP D 190 -28.14 4.15 47.38
CA ASP D 190 -28.53 2.73 47.47
C ASP D 190 -29.36 2.29 46.27
N THR D 191 -29.69 3.20 45.35
CA THR D 191 -30.46 2.84 44.16
C THR D 191 -29.77 1.64 43.48
N GLU D 192 -30.55 0.75 42.87
CA GLU D 192 -29.96 -0.37 42.11
C GLU D 192 -30.38 -0.41 40.66
N VAL D 193 -29.47 -0.95 39.87
CA VAL D 193 -29.67 -1.12 38.47
C VAL D 193 -30.95 -1.97 38.31
N GLU D 194 -31.75 -1.65 37.30
CA GLU D 194 -32.94 -2.44 36.99
C GLU D 194 -32.89 -2.87 35.53
N GLU D 195 -33.52 -4.00 35.26
CA GLU D 195 -33.73 -4.50 33.91
C GLU D 195 -34.99 -3.83 33.35
N THR D 196 -34.97 -3.47 32.09
CA THR D 196 -36.07 -2.72 31.55
C THR D 196 -37.10 -3.60 30.83
N GLY D 197 -36.74 -4.86 30.53
CA GLY D 197 -37.62 -5.76 29.77
C GLY D 197 -37.23 -6.06 28.32
N THR D 198 -36.20 -5.40 27.79
CA THR D 198 -35.64 -5.78 26.49
C THR D 198 -34.27 -6.42 26.68
N PHE D 199 -33.74 -7.00 25.61
CA PHE D 199 -32.52 -7.80 25.61
C PHE D 199 -31.80 -7.57 24.28
N ASN D 200 -30.45 -7.48 24.30
CA ASN D 200 -29.63 -7.18 23.11
C ASN D 200 -28.60 -8.26 22.87
N ILE D 201 -28.47 -8.72 21.62
CA ILE D 201 -27.45 -9.66 21.22
C ILE D 201 -26.56 -8.92 20.20
N GLN D 202 -25.27 -8.88 20.46
CA GLN D 202 -24.28 -8.15 19.65
C GLN D 202 -23.16 -9.08 19.13
N ALA D 203 -22.61 -8.78 17.96
CA ALA D 203 -21.49 -9.56 17.41
C ALA D 203 -20.72 -8.75 16.42
N ASP D 204 -19.52 -9.24 16.12
CA ASP D 204 -18.66 -8.68 15.08
C ASP D 204 -18.47 -9.70 14.00
N ILE D 205 -18.31 -9.22 12.78
CA ILE D 205 -17.96 -10.08 11.62
C ILE D 205 -16.83 -9.37 10.90
N HIS D 206 -15.71 -10.10 10.77
CA HIS D 206 -14.55 -9.63 10.04
C HIS D 206 -14.59 -10.04 8.60
N GLN D 207 -13.96 -9.24 7.75
CA GLN D 207 -14.10 -9.33 6.28
C GLN D 207 -15.55 -9.53 5.86
N PRO D 208 -16.40 -8.59 6.26
CA PRO D 208 -17.79 -8.77 5.96
C PRO D 208 -18.04 -8.93 4.43
N GLU D 209 -17.24 -8.26 3.61
CA GLU D 209 -17.41 -8.34 2.16
C GLU D 209 -17.22 -9.79 1.67
N ILE D 210 -16.51 -10.59 2.44
CA ILE D 210 -16.34 -12.02 2.15
C ILE D 210 -17.32 -12.92 2.90
N ASN D 211 -17.58 -12.58 4.15
CA ASN D 211 -18.26 -13.49 5.08
C ASN D 211 -19.79 -13.31 5.14
N CYS D 212 -20.30 -12.10 4.93
CA CYS D 212 -21.72 -11.86 4.72
C CYS D 212 -21.93 -10.86 3.52
N PRO D 213 -21.58 -11.31 2.30
CA PRO D 213 -21.57 -10.40 1.15
C PRO D 213 -22.94 -9.78 0.94
N GLY D 214 -23.99 -10.60 0.91
CA GLY D 214 -25.34 -10.11 0.66
C GLY D 214 -25.63 -8.99 1.64
N PHE D 215 -25.50 -9.30 2.93
CA PHE D 215 -25.82 -8.31 3.94
C PHE D 215 -24.93 -7.13 3.81
N PHE D 216 -23.66 -7.37 3.57
CA PHE D 216 -22.71 -6.28 3.44
C PHE D 216 -23.15 -5.32 2.31
N GLN D 217 -23.63 -5.88 1.18
CA GLN D 217 -24.12 -5.10 0.00
C GLN D 217 -25.46 -4.42 0.19
N LEU D 218 -26.32 -4.99 1.02
CA LEU D 218 -27.54 -4.34 1.47
C LEU D 218 -27.23 -3.04 2.27
N CYS D 219 -26.15 -3.04 3.05
CA CYS D 219 -25.76 -1.88 3.85
C CYS D 219 -25.19 -0.82 2.95
N ASN D 220 -24.45 -1.30 1.94
CA ASN D 220 -23.90 -0.44 0.94
C ASN D 220 -23.25 0.79 1.57
N GLY D 221 -22.37 0.56 2.54
CA GLY D 221 -21.58 1.64 3.11
C GLY D 221 -22.31 2.46 4.15
N ASN D 222 -23.62 2.28 4.28
CA ASN D 222 -24.38 2.93 5.32
C ASN D 222 -24.63 2.01 6.51
N ARG D 223 -25.00 2.61 7.63
CA ARG D 223 -25.63 1.88 8.70
C ARG D 223 -26.95 1.31 8.22
N LEU D 224 -27.49 0.33 8.93
CA LEU D 224 -28.72 -0.33 8.51
C LEU D 224 -29.58 -0.61 9.74
N MET D 225 -30.89 -0.43 9.60
CA MET D 225 -31.88 -0.74 10.64
C MET D 225 -33.05 -1.46 9.97
N ALA D 226 -33.53 -2.51 10.60
CA ALA D 226 -34.73 -3.17 10.14
C ALA D 226 -35.53 -3.62 11.33
N SER D 227 -36.84 -3.72 11.14
CA SER D 227 -37.81 -3.95 12.21
C SER D 227 -38.92 -4.90 11.73
N HIS D 228 -39.16 -6.01 12.44
CA HIS D 228 -40.21 -6.97 12.04
C HIS D 228 -40.64 -7.80 13.19
N GLN D 229 -41.93 -7.64 13.54
CA GLN D 229 -42.61 -8.49 14.50
C GLN D 229 -41.87 -8.56 15.82
N GLY D 230 -41.44 -7.39 16.30
CA GLY D 230 -40.82 -7.29 17.61
C GLY D 230 -39.32 -7.55 17.66
N ASN D 231 -38.69 -7.92 16.54
CA ASN D 231 -37.20 -8.08 16.47
C ASN D 231 -36.59 -6.95 15.69
N LEU D 232 -35.72 -6.19 16.34
CA LEU D 232 -34.96 -5.07 15.70
C LEU D 232 -33.54 -5.49 15.34
N LEU D 233 -33.09 -5.18 14.11
CA LEU D 233 -31.70 -5.42 13.69
C LEU D 233 -31.03 -4.10 13.37
N PHE D 234 -29.82 -3.88 13.85
CA PHE D 234 -29.05 -2.69 13.55
C PHE D 234 -27.65 -3.14 13.11
N ALA D 235 -27.01 -2.38 12.24
CA ALA D 235 -25.71 -2.79 11.78
C ALA D 235 -24.88 -1.64 11.25
N ASN D 236 -23.62 -1.65 11.59
CA ASN D 236 -22.71 -0.72 11.06
C ASN D 236 -21.70 -1.56 10.26
N PRO D 237 -21.68 -1.44 8.94
CA PRO D 237 -20.80 -2.34 8.17
C PRO D 237 -19.31 -1.99 8.18
N ASN D 238 -18.93 -0.82 8.72
CA ASN D 238 -17.53 -0.40 8.72
C ASN D 238 -17.08 0.24 10.04
N ASN D 239 -16.90 -0.58 11.09
CA ASN D 239 -16.17 -0.21 12.33
C ASN D 239 -14.71 -0.66 12.16
N ASN D 240 -13.86 0.25 11.71
CA ASN D 240 -12.49 -0.11 11.32
C ASN D 240 -12.47 -1.49 10.61
N GLY D 241 -13.27 -1.62 9.57
CA GLY D 241 -13.24 -2.80 8.72
C GLY D 241 -14.05 -4.01 9.17
N ALA D 242 -14.53 -3.99 10.40
CA ALA D 242 -15.44 -5.06 10.89
C ALA D 242 -16.87 -4.62 10.83
N LEU D 243 -17.76 -5.56 10.51
CA LEU D 243 -19.19 -5.30 10.65
C LEU D 243 -19.65 -5.56 12.09
N HIS D 244 -20.29 -4.57 12.71
CA HIS D 244 -20.92 -4.78 14.03
C HIS D 244 -22.41 -4.78 13.90
N PHE D 245 -23.05 -5.87 14.30
CA PHE D 245 -24.52 -5.84 14.37
C PHE D 245 -25.10 -6.12 15.75
N GLY D 246 -26.31 -5.57 15.96
CA GLY D 246 -27.10 -5.82 17.17
C GLY D 246 -28.49 -6.30 16.84
N ILE D 247 -28.93 -7.34 17.51
CA ILE D 247 -30.33 -7.75 17.45
C ILE D 247 -30.99 -7.56 18.83
N SER D 248 -32.11 -6.84 18.87
CA SER D 248 -32.79 -6.51 20.11
C SER D 248 -34.25 -6.97 20.10
N PHE D 249 -34.77 -7.33 21.28
CA PHE D 249 -36.15 -7.83 21.39
C PHE D 249 -36.56 -7.81 22.83
N LYS D 250 -37.88 -7.82 23.09
CA LYS D 250 -38.44 -7.94 24.46
C LYS D 250 -37.97 -9.25 25.05
N THR D 251 -37.55 -9.26 26.30
CA THR D 251 -37.03 -10.49 26.87
C THR D 251 -38.15 -11.55 26.81
N PRO D 252 -37.85 -12.72 26.24
CA PRO D 252 -38.84 -13.80 26.32
C PRO D 252 -39.13 -14.20 27.76
N ASP D 253 -40.41 -14.42 28.08
CA ASP D 253 -40.82 -14.71 29.46
C ASP D 253 -40.32 -16.07 30.01
N GLU D 254 -39.84 -16.93 29.12
CA GLU D 254 -39.13 -18.16 29.50
C GLU D 254 -37.75 -17.98 30.21
N TRP D 255 -37.19 -16.76 30.20
CA TRP D 255 -35.82 -16.51 30.70
C TRP D 255 -35.81 -15.92 32.09
N GLN D 260 -32.29 -19.39 29.11
CA GLN D 260 -32.52 -20.66 28.41
C GLN D 260 -31.76 -20.76 27.05
N VAL D 261 -30.97 -19.73 26.75
CA VAL D 261 -29.95 -19.78 25.69
C VAL D 261 -28.62 -19.50 26.38
N ASP D 262 -27.59 -20.22 25.97
CA ASP D 262 -26.25 -20.09 26.57
C ASP D 262 -25.34 -19.32 25.62
N PHE D 263 -24.90 -18.13 26.03
CA PHE D 263 -24.10 -17.29 25.15
C PHE D 263 -22.66 -17.75 24.96
N GLN D 264 -22.20 -18.72 25.77
CA GLN D 264 -20.95 -19.46 25.53
C GLN D 264 -21.01 -20.46 24.37
N ASN D 265 -22.21 -20.97 24.07
CA ASN D 265 -22.40 -21.92 22.99
C ASN D 265 -23.04 -21.23 21.78
N ARG D 266 -22.25 -21.04 20.72
CA ARG D 266 -22.75 -20.40 19.51
C ARG D 266 -23.92 -21.18 18.84
N ASN D 267 -23.95 -22.50 18.99
CA ASN D 267 -25.06 -23.32 18.46
C ASN D 267 -26.43 -22.94 19.07
N SER D 268 -26.50 -22.75 20.37
CA SER D 268 -27.80 -22.43 20.98
C SER D 268 -28.24 -21.01 20.64
N VAL D 269 -27.30 -20.07 20.44
CA VAL D 269 -27.64 -18.69 20.06
C VAL D 269 -28.10 -18.67 18.63
N VAL D 270 -27.35 -19.32 17.74
CA VAL D 270 -27.73 -19.50 16.35
C VAL D 270 -29.14 -20.10 16.22
N ASP D 271 -29.41 -21.19 16.97
CA ASP D 271 -30.70 -21.88 16.88
C ASP D 271 -31.85 -20.96 17.23
N PHE D 272 -31.72 -20.29 18.37
CA PHE D 272 -32.71 -19.32 18.80
C PHE D 272 -32.92 -18.21 17.75
N LEU D 273 -31.84 -17.70 17.19
CA LEU D 273 -31.95 -16.56 16.28
C LEU D 273 -32.54 -16.99 14.96
N LEU D 274 -32.16 -18.17 14.45
CA LEU D 274 -32.75 -18.71 13.21
C LEU D 274 -34.27 -18.94 13.39
N LYS D 275 -34.70 -19.47 14.53
CA LYS D 275 -36.14 -19.53 14.86
C LYS D 275 -36.76 -18.12 14.82
N GLU D 276 -36.23 -17.20 15.58
CA GLU D 276 -36.80 -15.85 15.64
C GLU D 276 -36.79 -15.14 14.32
N PHE D 277 -35.76 -15.41 13.50
CA PHE D 277 -35.58 -14.81 12.18
C PHE D 277 -36.02 -15.69 10.98
N SER D 278 -36.85 -16.71 11.22
CA SER D 278 -37.29 -17.62 10.14
C SER D 278 -37.94 -16.86 8.97
N ASP D 279 -38.70 -15.81 9.28
CA ASP D 279 -39.38 -14.94 8.29
C ASP D 279 -38.44 -14.10 7.39
N TRP D 280 -37.24 -13.80 7.89
CA TRP D 280 -36.34 -12.82 7.25
C TRP D 280 -35.62 -13.37 6.05
N ASP D 281 -35.31 -12.50 5.09
CA ASP D 281 -34.48 -12.82 3.91
C ASP D 281 -33.20 -13.56 4.27
N GLU D 282 -32.71 -14.37 3.33
CA GLU D 282 -31.52 -15.21 3.48
C GLU D 282 -30.24 -14.40 3.71
N ARG D 283 -30.23 -13.15 3.29
CA ARG D 283 -29.11 -12.28 3.63
C ARG D 283 -28.90 -12.04 5.14
N TYR D 284 -29.99 -11.88 5.88
CA TYR D 284 -29.88 -11.68 7.31
C TYR D 284 -29.53 -12.99 8.00
N LYS D 285 -30.11 -14.10 7.57
CA LYS D 285 -29.79 -15.42 8.14
C LYS D 285 -28.32 -15.78 7.98
N GLU D 286 -27.75 -15.34 6.87
CA GLU D 286 -26.36 -15.61 6.55
C GLU D 286 -25.51 -14.86 7.58
N LEU D 287 -25.99 -13.69 7.98
CA LEU D 287 -25.36 -12.90 9.01
C LEU D 287 -25.24 -13.74 10.30
N ILE D 288 -26.36 -14.27 10.75
CA ILE D 288 -26.38 -15.07 11.96
C ILE D 288 -25.53 -16.35 11.85
N HIS D 289 -25.54 -16.99 10.69
CA HIS D 289 -24.86 -18.26 10.47
C HIS D 289 -23.33 -18.11 10.47
N THR D 290 -22.85 -16.97 10.01
CA THR D 290 -21.42 -16.74 9.81
C THR D 290 -20.73 -16.14 11.07
N THR D 291 -21.50 -15.69 12.05
CA THR D 291 -20.95 -15.12 13.27
C THR D 291 -20.27 -16.17 14.14
N LEU D 292 -19.09 -15.86 14.64
CA LEU D 292 -18.35 -16.84 15.42
C LEU D 292 -18.82 -16.79 16.87
N SER D 293 -19.00 -15.60 17.43
CA SER D 293 -19.39 -15.49 18.83
C SER D 293 -20.32 -14.29 19.07
N PHE D 294 -21.27 -14.47 19.99
CA PHE D 294 -22.33 -13.50 20.29
C PHE D 294 -22.27 -13.05 21.73
N VAL D 295 -22.56 -11.81 21.98
CA VAL D 295 -22.65 -11.32 23.34
C VAL D 295 -24.11 -10.98 23.63
N GLY D 296 -24.65 -11.58 24.66
CA GLY D 296 -26.01 -11.27 25.07
C GLY D 296 -26.01 -10.43 26.33
N LEU D 297 -26.81 -9.35 26.35
CA LEU D 297 -27.02 -8.61 27.57
C LEU D 297 -28.44 -7.98 27.68
N ALA D 298 -29.05 -8.19 28.85
CA ALA D 298 -30.30 -7.56 29.22
C ALA D 298 -30.15 -6.04 29.23
N THR D 299 -31.04 -5.30 28.58
CA THR D 299 -31.05 -3.84 28.77
C THR D 299 -31.35 -3.43 30.22
N ARG D 300 -30.60 -2.43 30.68
CA ARG D 300 -30.67 -1.95 32.05
C ARG D 300 -30.70 -0.43 32.15
N ILE D 301 -31.17 0.03 33.29
CA ILE D 301 -31.25 1.42 33.62
C ILE D 301 -30.84 1.58 35.09
N PHE D 302 -30.02 2.58 35.36
CA PHE D 302 -29.79 3.07 36.71
C PHE D 302 -30.68 4.30 36.96
N PRO D 303 -31.86 4.08 37.49
CA PRO D 303 -32.85 5.15 37.42
C PRO D 303 -32.57 6.34 38.37
N LEU D 304 -32.64 7.56 37.81
CA LEU D 304 -32.56 8.82 38.57
C LEU D 304 -33.94 9.14 39.20
N GLU D 305 -34.40 8.23 40.04
CA GLU D 305 -35.78 8.22 40.56
C GLU D 305 -35.91 9.04 41.84
N LYS D 306 -34.86 9.02 42.67
CA LYS D 306 -34.84 9.71 43.96
C LYS D 306 -33.48 10.37 44.17
N PRO D 307 -33.44 11.47 44.95
CA PRO D 307 -32.17 12.16 45.20
C PRO D 307 -31.12 11.23 45.80
N TRP D 308 -29.85 11.56 45.61
CA TRP D 308 -28.75 10.78 46.20
C TRP D 308 -28.53 11.27 47.60
N LYS D 309 -27.69 10.56 48.34
CA LYS D 309 -27.49 10.85 49.75
C LYS D 309 -26.87 12.20 49.99
N SER D 310 -27.51 13.01 50.83
CA SER D 310 -26.94 14.29 51.28
C SER D 310 -25.93 14.11 52.42
N LYS D 311 -26.11 13.09 53.25
CA LYS D 311 -25.10 12.78 54.27
C LYS D 311 -24.04 11.93 53.59
N ARG D 312 -22.82 12.47 53.44
CA ARG D 312 -21.67 11.73 52.86
C ARG D 312 -20.33 11.93 53.61
N PRO D 313 -19.67 10.84 53.98
CA PRO D 313 -18.48 10.96 54.81
C PRO D 313 -17.37 11.84 54.23
N LEU D 314 -17.10 11.70 52.92
CA LEU D 314 -16.07 12.47 52.20
C LEU D 314 -16.58 12.77 50.81
N PRO D 315 -15.94 13.72 50.10
CA PRO D 315 -16.41 14.02 48.73
C PRO D 315 -16.28 12.81 47.78
N ILE D 316 -17.43 12.40 47.25
CA ILE D 316 -17.52 11.34 46.25
C ILE D 316 -18.69 11.66 45.34
N THR D 317 -18.50 11.42 44.03
CA THR D 317 -19.57 11.49 43.06
C THR D 317 -19.46 10.48 41.89
N MET D 318 -20.39 10.57 40.94
CA MET D 318 -20.50 9.65 39.82
C MET D 318 -20.84 10.41 38.54
N ILE D 319 -20.21 9.99 37.42
CA ILE D 319 -20.41 10.53 36.08
C ILE D 319 -20.58 9.37 35.10
N GLY D 320 -21.13 9.65 33.93
CA GLY D 320 -21.29 8.63 32.92
C GLY D 320 -22.32 7.59 33.27
N ASP D 321 -22.14 6.36 32.77
CA ASP D 321 -23.13 5.29 33.01
C ASP D 321 -23.24 4.92 34.50
N ALA D 322 -22.17 5.14 35.27
CA ALA D 322 -22.23 4.96 36.74
C ALA D 322 -23.36 5.85 37.33
N ALA D 323 -23.62 6.99 36.75
CA ALA D 323 -24.62 7.89 37.28
C ALA D 323 -26.02 7.71 36.67
N HIS D 324 -26.11 7.33 35.39
CA HIS D 324 -27.40 7.31 34.67
C HIS D 324 -27.46 6.34 33.49
N LEU D 325 -26.88 5.15 33.64
CA LEU D 325 -27.05 4.05 32.67
C LEU D 325 -28.46 4.08 32.19
N MET D 326 -28.66 4.03 30.87
CA MET D 326 -29.99 4.00 30.29
C MET D 326 -29.99 3.22 28.95
N PRO D 327 -31.17 2.76 28.51
CA PRO D 327 -31.19 1.96 27.28
C PRO D 327 -30.55 2.75 26.13
N PRO D 328 -29.84 2.06 25.21
CA PRO D 328 -29.15 2.69 24.06
C PRO D 328 -29.99 2.84 22.76
N PHE D 329 -31.24 3.27 22.87
CA PHE D 329 -32.12 3.26 21.71
C PHE D 329 -32.44 4.65 21.15
N ALA D 330 -31.94 5.69 21.76
CA ALA D 330 -32.12 7.04 21.21
C ALA D 330 -30.79 7.79 21.08
N GLY D 331 -29.68 7.05 21.10
CA GLY D 331 -28.35 7.65 21.09
C GLY D 331 -28.08 8.59 22.25
N GLN D 332 -28.52 8.22 23.44
CA GLN D 332 -28.40 9.10 24.61
C GLN D 332 -27.07 8.94 25.38
N GLY D 333 -26.51 7.73 25.34
CA GLY D 333 -25.47 7.31 26.26
C GLY D 333 -24.26 8.17 26.63
N VAL D 334 -23.23 8.17 25.79
CA VAL D 334 -21.90 8.70 26.14
C VAL D 334 -21.96 10.22 26.22
N ASN D 335 -22.87 10.80 25.43
CA ASN D 335 -22.92 12.24 25.30
C ASN D 335 -23.27 12.90 26.62
N SER D 336 -24.33 12.41 27.25
CA SER D 336 -24.76 12.96 28.51
C SER D 336 -23.63 12.77 29.52
N GLY D 337 -22.93 11.63 29.44
CA GLY D 337 -21.75 11.37 30.28
C GLY D 337 -20.60 12.32 30.06
N LEU D 338 -20.44 12.75 28.81
CA LEU D 338 -19.43 13.73 28.49
C LEU D 338 -19.79 15.10 29.02
N VAL D 339 -21.06 15.44 28.88
CA VAL D 339 -21.56 16.66 29.51
C VAL D 339 -21.30 16.60 31.02
N ASP D 340 -21.49 15.45 31.69
CA ASP D 340 -21.24 15.38 33.14
C ASP D 340 -19.80 15.79 33.36
N ALA D 341 -18.91 15.26 32.51
CA ALA D 341 -17.53 15.57 32.63
C ALA D 341 -17.33 17.11 32.63
N LEU D 342 -17.97 17.77 31.69
CA LEU D 342 -17.71 19.18 31.40
C LEU D 342 -18.18 20.03 32.59
N ILE D 343 -19.42 19.77 32.99
CA ILE D 343 -20.05 20.42 34.12
C ILE D 343 -19.29 20.24 35.44
N LEU D 344 -18.80 19.01 35.70
CA LEU D 344 -18.13 18.72 36.96
C LEU D 344 -16.78 19.39 36.97
N SER D 345 -16.10 19.42 35.82
CA SER D 345 -14.73 19.92 35.80
C SER D 345 -14.73 21.43 35.90
N ASP D 346 -15.67 22.07 35.18
CA ASP D 346 -15.91 23.51 35.34
C ASP D 346 -16.12 23.84 36.82
N ASN D 347 -17.03 23.11 37.45
CA ASN D 347 -17.34 23.30 38.88
C ASN D 347 -16.13 23.16 39.82
N LEU D 348 -15.35 22.08 39.66
CA LEU D 348 -14.15 21.83 40.48
C LEU D 348 -12.97 22.75 40.11
N ALA D 349 -13.15 23.57 39.07
CA ALA D 349 -12.07 24.36 38.50
C ALA D 349 -11.88 25.62 39.28
N ASP D 350 -13.01 26.22 39.63
CA ASP D 350 -13.02 27.55 40.21
C ASP D 350 -13.00 27.52 41.73
N GLY D 351 -12.74 28.69 42.32
CA GLY D 351 -13.11 29.00 43.70
C GLY D 351 -14.51 29.61 43.69
N LYS D 352 -15.35 29.12 42.78
CA LYS D 352 -16.71 29.61 42.57
C LYS D 352 -17.62 29.17 43.70
N PHE D 353 -17.26 28.04 44.31
CA PHE D 353 -17.96 27.43 45.44
C PHE D 353 -17.07 27.47 46.67
N ASN D 354 -17.67 27.24 47.82
CA ASN D 354 -16.93 27.23 49.07
C ASN D 354 -16.26 25.92 49.34
N SER D 355 -16.79 24.83 48.78
CA SER D 355 -16.34 23.49 49.10
C SER D 355 -16.50 22.52 47.92
N ILE D 356 -15.65 21.50 47.89
CA ILE D 356 -15.75 20.43 46.91
C ILE D 356 -17.16 19.89 46.96
N GLU D 357 -17.64 19.72 48.19
CA GLU D 357 -18.98 19.24 48.50
C GLU D 357 -20.07 20.01 47.74
N GLU D 358 -20.00 21.35 47.80
CA GLU D 358 -20.89 22.25 47.04
C GLU D 358 -20.71 22.14 45.50
N ALA D 359 -19.46 22.03 45.04
CA ALA D 359 -19.17 21.85 43.62
C ALA D 359 -19.83 20.55 43.12
N VAL D 360 -19.68 19.45 43.87
CA VAL D 360 -20.32 18.17 43.53
C VAL D 360 -21.86 18.32 43.50
N LYS D 361 -22.43 18.86 44.58
CA LYS D 361 -23.88 19.03 44.68
C LYS D 361 -24.45 19.80 43.50
N ASN D 362 -23.76 20.85 43.07
CA ASN D 362 -24.30 21.70 41.99
C ASN D 362 -24.30 20.92 40.70
N TYR D 363 -23.19 20.22 40.42
CA TYR D 363 -23.14 19.31 39.30
C TYR D 363 -24.32 18.32 39.38
N GLU D 364 -24.47 17.66 40.51
CA GLU D 364 -25.49 16.60 40.62
C GLU D 364 -26.91 17.13 40.39
N GLN D 365 -27.17 18.36 40.84
CA GLN D 365 -28.42 19.03 40.52
C GLN D 365 -28.73 19.25 39.03
N GLN D 366 -27.74 19.74 38.27
CA GLN D 366 -27.95 19.95 36.83
C GLN D 366 -28.17 18.59 36.16
N MET D 367 -27.31 17.62 36.50
CA MET D 367 -27.30 16.28 35.89
C MET D 367 -28.62 15.52 36.10
N PHE D 368 -29.26 15.71 37.24
CA PHE D 368 -30.57 15.11 37.46
C PHE D 368 -31.59 15.65 36.43
N ILE D 369 -31.41 16.88 35.98
CA ILE D 369 -32.38 17.48 35.07
C ILE D 369 -32.20 16.95 33.65
N TYR D 370 -30.99 17.04 33.11
CA TYR D 370 -30.80 16.55 31.74
C TYR D 370 -30.72 15.02 31.67
N GLY D 371 -30.15 14.42 32.69
CA GLY D 371 -30.20 12.97 32.87
C GLY D 371 -31.58 12.36 32.85
N LYS D 372 -32.48 12.91 33.65
CA LYS D 372 -33.85 12.39 33.67
C LYS D 372 -34.58 12.62 32.36
N GLU D 373 -34.32 13.75 31.70
CA GLU D 373 -34.86 14.04 30.35
C GLU D 373 -34.40 12.95 29.38
N ALA D 374 -33.10 12.64 29.41
CA ALA D 374 -32.56 11.59 28.56
C ALA D 374 -33.23 10.24 28.87
N GLN D 375 -33.34 9.92 30.15
CA GLN D 375 -33.85 8.60 30.52
C GLN D 375 -35.30 8.47 30.11
N GLU D 376 -36.03 9.57 30.21
CA GLU D 376 -37.41 9.58 29.75
C GLU D 376 -37.48 9.26 28.28
N GLU D 377 -36.56 9.84 27.50
CA GLU D 377 -36.62 9.62 26.06
C GLU D 377 -36.25 8.17 25.68
N SER D 378 -35.14 7.66 26.24
CA SER D 378 -34.71 6.26 26.07
C SER D 378 -35.78 5.26 26.38
N THR D 379 -36.34 5.40 27.57
CA THR D 379 -37.47 4.59 28.02
C THR D 379 -38.61 4.73 27.04
N GLN D 380 -38.95 5.96 26.70
CA GLN D 380 -40.10 6.17 25.82
C GLN D 380 -39.84 5.51 24.48
N ASN D 381 -38.64 5.70 23.93
CA ASN D 381 -38.36 5.15 22.61
C ASN D 381 -38.27 3.64 22.65
N GLU D 382 -37.77 3.11 23.76
CA GLU D 382 -37.79 1.68 24.02
C GLU D 382 -39.22 1.10 24.05
N ILE D 383 -40.13 1.77 24.75
CA ILE D 383 -41.56 1.37 24.74
C ILE D 383 -42.06 1.39 23.31
N GLU D 384 -41.86 2.53 22.67
CA GLU D 384 -42.32 2.77 21.30
C GLU D 384 -41.83 1.73 20.28
N MET D 385 -40.53 1.41 20.32
CA MET D 385 -39.88 0.58 19.27
C MET D 385 -40.28 -0.88 19.30
N PHE D 386 -40.60 -1.34 20.51
CA PHE D 386 -40.97 -2.73 20.71
C PHE D 386 -42.47 -2.97 20.84
N LYS D 387 -43.31 -1.95 20.60
CA LYS D 387 -44.74 -2.21 20.39
C LYS D 387 -44.83 -2.97 19.07
N PRO D 388 -45.48 -4.16 19.06
CA PRO D 388 -45.60 -5.13 17.95
C PRO D 388 -45.67 -4.56 16.53
N ASP D 389 -46.38 -3.45 16.33
CA ASP D 389 -46.56 -2.84 15.00
C ASP D 389 -45.69 -1.60 14.78
N PHE D 390 -44.42 -1.65 15.22
CA PHE D 390 -43.48 -0.54 15.00
C PHE D 390 -42.83 -0.49 13.61
N THR D 391 -42.71 0.73 13.09
CA THR D 391 -42.15 1.02 11.77
C THR D 391 -41.21 2.22 11.87
N PHE D 392 -39.94 2.05 11.53
CA PHE D 392 -38.97 3.16 11.63
C PHE D 392 -39.52 4.35 10.82
PA FAD E . 3.14 -20.18 8.14
O1A FAD E . 4.26 -20.15 9.15
O2A FAD E . 2.64 -18.88 7.61
O5B FAD E . 1.99 -21.09 8.73
C5B FAD E . 2.19 -22.35 9.33
C4B FAD E . 0.88 -22.68 10.00
O4B FAD E . 0.99 -23.90 10.75
C3B FAD E . 0.55 -21.63 11.09
O3B FAD E . -0.84 -21.40 11.05
C2B FAD E . 0.70 -22.37 12.41
O2B FAD E . -0.34 -22.03 13.29
C1B FAD E . 0.37 -23.78 11.98
N9A FAD E . 1.13 -24.71 12.77
C8A FAD E . 2.43 -24.56 13.28
N7A FAD E . 2.76 -25.67 14.02
C5A FAD E . 1.65 -26.49 13.97
C6A FAD E . 1.37 -27.84 14.48
N6A FAD E . 2.30 -28.55 15.22
N1A FAD E . 0.17 -28.38 14.25
C2A FAD E . -0.74 -27.74 13.52
N3A FAD E . -0.55 -26.52 12.98
C4A FAD E . 0.62 -25.88 13.17
N1 FAD E . 7.04 -13.50 2.86
C2 FAD E . 6.63 -12.76 1.83
O2 FAD E . 6.27 -13.38 0.81
N3 FAD E . 6.62 -11.39 1.86
C4 FAD E . 7.00 -10.65 2.90
O4 FAD E . 6.96 -9.38 2.95
C4X FAD E . 7.42 -11.36 4.06
N5 FAD E . 7.80 -10.65 5.17
C5X FAD E . 8.19 -11.37 6.25
C6 FAD E . 8.65 -10.78 7.38
C7 FAD E . 9.04 -11.52 8.51
C7M FAD E . 9.52 -10.75 9.74
C8 FAD E . 9.00 -13.00 8.47
C8M FAD E . 9.49 -13.92 9.61
C9 FAD E . 8.63 -13.62 7.29
C9A FAD E . 8.21 -12.88 6.20
N10 FAD E . 7.77 -13.54 5.04
C10 FAD E . 7.38 -12.81 3.97
C1' FAD E . 7.75 -14.98 4.97
C2' FAD E . 6.31 -15.47 5.08
O2' FAD E . 5.68 -15.01 6.28
C3' FAD E . 6.30 -17.01 5.07
O3' FAD E . 6.91 -17.47 3.88
C4' FAD E . 4.90 -17.51 4.97
O4' FAD E . 4.01 -17.05 6.08
C5' FAD E . 5.11 -19.03 4.92
O5' FAD E . 3.81 -19.59 4.79
P FAD E . 3.57 -21.06 5.41
O1P FAD E . 4.51 -22.07 4.80
O2P FAD E . 2.06 -21.27 5.14
O3P FAD E . 3.93 -21.06 6.93
C94 T1C F . 14.99 -7.33 -7.81
C93 T1C F . 14.28 -8.70 -8.03
C95 T1C F . 12.97 -8.55 -8.83
C96 T1C F . 15.23 -9.69 -8.75
N92 T1C F . 13.95 -9.28 -6.70
C92 T1C F . 12.98 -8.46 -5.93
C91 T1C F . 13.42 -8.24 -4.48
O91 T1C F . 14.36 -8.88 -4.03
N9 T1C F . 12.71 -7.33 -3.79
C9 T1C F . 12.85 -6.95 -2.50
C8 T1C F . 14.04 -6.46 -1.95
C7 T1C F . 14.11 -6.06 -0.60
N7 T1C F . 15.26 -5.62 -0.04
C71 T1C F . 15.16 -4.23 0.40
C72 T1C F . 16.48 -5.88 -0.85
C61 T1C F . 12.97 -6.12 0.25
C6 T1C F . 12.99 -5.70 1.76
C51 T1C F . 12.07 -6.57 2.66
C5 T1C F . 11.89 -6.09 4.12
C41 T1C F . 10.94 -7.08 4.85
C4 T1C F . 10.83 -6.95 6.43
N4 T1C F . 10.98 -8.24 7.11
C43 T1C F . 12.43 -8.49 7.04
C42 T1C F . 10.50 -8.17 8.52
C3 T1C F . 9.78 -5.97 7.02
O3 T1C F . 9.91 -5.71 8.37
C2 T1C F . 8.84 -5.30 6.17
C21 T1C F . 7.80 -4.15 6.64
O21 T1C F . 7.78 -3.77 7.82
N21 T1C F . 6.96 -3.58 5.73
C1 T1C F . 8.81 -5.66 4.83
O1 T1C F . 8.07 -4.99 4.10
C1C T1C F . 9.60 -6.90 4.24
O1C T1C F . 8.79 -8.01 4.64
C12 T1C F . 9.59 -6.99 2.69
O12 T1C F . 8.42 -7.30 2.08
C1B T1C F . 10.73 -6.78 1.93
C11 T1C F . 10.64 -6.71 0.52
O11 T1C F . 9.57 -7.02 0.03
C1A T1C F . 11.78 -6.60 -0.31
C10 T1C F . 11.73 -7.00 -1.67
O10 T1C F . 10.55 -7.45 -2.21
S SO4 G . -6.52 -13.35 19.66
O1 SO4 G . -6.21 -12.80 18.34
O2 SO4 G . -6.06 -12.36 20.67
O3 SO4 G . -5.85 -14.68 19.81
O4 SO4 G . -7.99 -13.53 19.76
S SO4 H . 4.22 -25.48 20.31
O1 SO4 H . 5.46 -24.75 20.69
O2 SO4 H . 3.85 -26.43 21.38
O3 SO4 H . 4.42 -26.24 19.01
O4 SO4 H . 3.12 -24.49 20.23
PA FAD I . 38.06 15.53 -10.63
O1A FAD I . 37.70 16.88 -10.48
O2A FAD I . 39.05 15.30 -9.51
O5B FAD I . 38.69 15.35 -12.04
C5B FAD I . 38.05 15.94 -13.13
C4B FAD I . 39.04 15.55 -14.20
O4B FAD I . 38.59 15.91 -15.46
C3B FAD I . 40.36 16.35 -13.93
O3B FAD I . 41.55 15.61 -14.37
C2B FAD I . 40.17 17.46 -14.92
O2B FAD I . 41.46 17.87 -15.39
C1B FAD I . 39.58 16.68 -16.08
N9A FAD I . 38.93 17.55 -16.96
C8A FAD I . 38.28 18.70 -16.52
N7A FAD I . 37.72 19.32 -17.64
C5A FAD I . 38.07 18.57 -18.73
C6A FAD I . 37.80 18.67 -20.16
N6A FAD I . 37.05 19.69 -20.59
N1A FAD I . 38.26 17.74 -20.95
C2A FAD I . 39.04 16.77 -20.51
N3A FAD I . 39.36 16.60 -19.24
C4A FAD I . 38.88 17.43 -18.31
N1 FAD I . 36.62 14.07 -1.30
C2 FAD I . 36.96 13.07 -0.50
O2 FAD I . 36.51 11.94 -0.71
N3 FAD I . 37.70 13.25 0.57
C4 FAD I . 38.19 14.43 0.95
O4 FAD I . 38.81 14.59 1.98
C4X FAD I . 37.96 15.56 0.14
N5 FAD I . 38.47 16.77 0.49
C5X FAD I . 38.20 17.76 -0.36
C6 FAD I . 38.64 19.03 -0.13
C7 FAD I . 38.36 20.11 -0.99
C7M FAD I . 38.85 21.53 -0.71
C8 FAD I . 37.57 19.86 -2.18
C8M FAD I . 37.25 20.98 -3.15
C9 FAD I . 37.12 18.57 -2.44
C9A FAD I . 37.40 17.51 -1.60
N10 FAD I . 36.88 16.26 -1.89
C10 FAD I . 37.14 15.27 -1.00
C1' FAD I . 36.08 15.97 -3.12
C2' FAD I . 36.93 15.46 -4.32
O2' FAD I . 37.99 16.42 -4.59
C3' FAD I . 36.10 15.20 -5.58
O3' FAD I . 34.92 14.57 -5.09
C4' FAD I . 36.79 14.20 -6.46
O4' FAD I . 38.16 14.58 -6.77
C5' FAD I . 36.06 14.07 -7.79
O5' FAD I . 36.74 13.14 -8.55
P FAD I . 36.37 13.14 -10.07
O1P FAD I . 34.80 13.14 -10.24
O2P FAD I . 37.30 12.22 -10.81
O3P FAD I . 36.55 14.60 -10.45
C94 T1C J . 30.49 9.34 11.30
C93 T1C J . 29.99 9.49 9.85
C95 T1C J . 30.56 8.36 8.98
C96 T1C J . 28.44 9.46 9.80
N92 T1C J . 30.43 10.81 9.33
C92 T1C J . 31.88 10.89 9.00
C91 T1C J . 32.37 12.36 8.86
O91 T1C J . 31.59 13.30 9.00
N9 T1C J . 33.67 12.53 8.60
C9 T1C J . 34.21 13.77 8.46
C8 T1C J . 33.78 14.87 9.23
C7 T1C J . 34.37 16.15 9.08
N7 T1C J . 33.96 17.22 9.80
C71 T1C J . 34.82 17.45 10.98
C72 T1C J . 32.55 17.15 10.24
C61 T1C J . 35.43 16.33 8.17
C6 T1C J . 36.09 17.75 8.01
C51 T1C J . 36.66 17.97 6.58
C5 T1C J . 37.55 19.24 6.37
C41 T1C J . 38.04 19.29 4.92
C4 T1C J . 38.77 20.61 4.47
N4 T1C J . 38.11 21.36 3.41
C43 T1C J . 38.07 20.58 2.19
C42 T1C J . 36.74 21.59 3.98
C3 T1C J . 40.34 20.64 4.43
O3 T1C J . 40.82 21.88 4.16
C2 T1C J . 41.10 19.52 4.86
C21 T1C J . 42.69 19.49 5.02
O21 T1C J . 43.38 20.47 4.75
N21 T1C J . 43.27 18.33 5.46
C1 T1C J . 40.41 18.32 5.13
O1 T1C J . 41.04 17.33 5.52
C1C T1C J . 38.95 18.12 4.73
O1C T1C J . 39.10 18.02 3.28
C12 T1C J . 38.37 16.73 5.17
O12 T1C J . 38.83 15.52 4.69
C1B T1C J . 37.35 16.68 6.09
C11 T1C J . 36.91 15.40 6.48
O11 T1C J . 37.46 14.46 5.92
C1A T1C J . 35.87 15.23 7.41
C10 T1C J . 35.27 13.96 7.56
O10 T1C J . 35.71 12.90 6.83
S SO4 K . 53.19 21.48 -13.19
O1 SO4 K . 53.56 22.73 -13.90
O2 SO4 K . 53.47 21.63 -11.76
O3 SO4 K . 54.06 20.39 -13.66
O4 SO4 K . 51.75 21.13 -13.39
S SO4 L . 58.29 25.21 -11.05
O1 SO4 L . 59.60 25.90 -11.30
O2 SO4 L . 57.41 26.14 -10.31
O3 SO4 L . 58.51 24.00 -10.25
O4 SO4 L . 57.60 24.82 -12.30
S SO4 M . 39.64 26.58 -19.06
O1 SO4 M . 41.05 26.24 -19.37
O2 SO4 M . 39.63 27.50 -17.90
O3 SO4 M . 38.88 25.34 -18.76
O4 SO4 M . 39.04 27.31 -20.21
S SO4 N . 49.41 15.63 -30.11
O1 SO4 N . 50.86 15.99 -30.08
O2 SO4 N . 48.72 16.38 -29.02
O3 SO4 N . 49.27 14.15 -29.99
O4 SO4 N . 48.85 16.04 -31.42
PA FAD O . -23.33 1.75 -27.55
O1A FAD O . -23.32 1.55 -29.05
O2A FAD O . -23.79 0.61 -26.63
O5B FAD O . -24.26 2.96 -27.32
C5B FAD O . -24.02 4.09 -28.16
C4B FAD O . -25.13 5.07 -27.86
O4B FAD O . -25.01 6.36 -28.53
C3B FAD O . -26.49 4.50 -28.31
O3B FAD O . -27.51 4.89 -27.36
C2B FAD O . -26.81 5.28 -29.57
O2B FAD O . -28.19 5.59 -29.80
C1B FAD O . -26.18 6.63 -29.29
N9A FAD O . -25.87 7.19 -30.57
C8A FAD O . -25.41 6.61 -31.73
N7A FAD O . -25.26 7.62 -32.67
C5A FAD O . -25.61 8.80 -32.09
C6A FAD O . -25.66 10.24 -32.48
N6A FAD O . -25.32 10.71 -33.74
N1A FAD O . -26.05 11.17 -31.58
C2A FAD O . -26.43 10.80 -30.33
N3A FAD O . -26.41 9.50 -29.94
C4A FAD O . -26.02 8.49 -30.75
N1 FAD O . -19.85 -6.59 -25.20
C2 FAD O . -19.82 -7.22 -24.02
O2 FAD O . -19.22 -6.56 -23.13
N3 FAD O . -20.40 -8.44 -23.79
C4 FAD O . -21.03 -9.17 -24.76
O4 FAD O . -21.52 -10.30 -24.57
C4X FAD O . -21.14 -8.55 -26.08
N5 FAD O . -21.77 -9.15 -27.11
C5X FAD O . -21.84 -8.52 -28.33
C6 FAD O . -22.40 -9.15 -29.44
C7 FAD O . -22.47 -8.50 -30.68
C7M FAD O . -23.16 -9.21 -31.82
C8 FAD O . -21.87 -7.12 -30.87
C8M FAD O . -21.87 -6.35 -32.20
C9 FAD O . -21.25 -6.54 -29.76
C9A FAD O . -21.21 -7.17 -28.51
N10 FAD O . -20.53 -6.59 -27.43
C10 FAD O . -20.49 -7.23 -26.21
C1' FAD O . -19.95 -5.25 -27.50
C2' FAD O . -20.92 -4.32 -26.79
O2' FAD O . -22.29 -4.42 -27.23
C3' FAD O . -20.45 -2.89 -26.93
O3' FAD O . -19.13 -2.81 -26.41
C4' FAD O . -21.13 -1.98 -25.97
O4' FAD O . -22.53 -1.74 -26.29
C5' FAD O . -20.41 -0.64 -26.05
O5' FAD O . -21.22 0.35 -25.42
P FAD O . -21.07 1.91 -25.86
O1P FAD O . -19.71 2.54 -26.07
O2P FAD O . -21.79 2.73 -24.76
O3P FAD O . -21.76 2.13 -27.19
C94 T1C P . -11.68 -18.76 -19.79
C93 T1C P . -11.51 -17.27 -19.45
C95 T1C P . -12.44 -16.87 -18.29
C96 T1C P . -10.06 -17.00 -19.04
N92 T1C P . -11.81 -16.46 -20.67
C92 T1C P . -13.26 -16.15 -20.89
C91 T1C P . -13.73 -16.02 -22.39
O91 T1C P . -12.94 -15.79 -23.31
N9 T1C P . -15.06 -16.10 -22.56
C9 T1C P . -15.76 -16.09 -23.72
C8 T1C P . -15.47 -16.99 -24.75
C7 T1C P . -16.24 -17.01 -25.93
N7 T1C P . -15.93 -17.87 -26.91
C71 T1C P . -16.31 -19.24 -26.51
C72 T1C P . -14.50 -17.81 -27.25
C61 T1C P . -17.33 -16.16 -26.11
C6 T1C P . -18.19 -16.18 -27.42
C51 T1C P . -18.95 -14.85 -27.68
C5 T1C P . -20.14 -14.98 -28.67
C41 T1C P . -20.84 -13.61 -28.92
C4 T1C P . -21.95 -13.73 -30.05
N4 T1C P . -21.99 -12.69 -31.12
C43 T1C P . -22.84 -13.14 -32.27
C42 T1C P . -20.59 -12.52 -31.56
C3 T1C P . -23.36 -14.16 -29.59
O3 T1C P . -24.22 -14.67 -30.54
C2 T1C P . -23.70 -14.22 -28.23
C21 T1C P . -25.13 -14.79 -27.81
O21 T1C P . -25.91 -15.23 -28.65
N21 T1C P . -25.45 -14.78 -26.51
C1 T1C P . -22.80 -13.69 -27.28
O1 T1C P . -23.15 -13.72 -26.10
C1C T1C P . -21.38 -13.06 -27.60
O1C T1C P . -21.49 -11.64 -27.70
C12 T1C P . -20.48 -13.33 -26.37
O12 T1C P . -20.80 -12.75 -25.17
C1B T1C P . -19.41 -14.22 -26.37
C11 T1C P . -18.71 -14.40 -25.17
O11 T1C P . -19.09 -13.83 -24.15
C1A T1C P . -17.62 -15.27 -25.06
C10 T1C P . -16.86 -15.25 -23.88
O10 T1C P . -17.21 -14.37 -22.89
S SO4 Q . -28.11 8.01 -38.71
O1 SO4 Q . -27.51 6.75 -39.22
O2 SO4 Q . -27.22 8.64 -37.68
O3 SO4 Q . -29.43 7.71 -38.09
O4 SO4 Q . -28.34 8.89 -39.90
S SO4 R . -37.85 18.80 -27.62
O1 SO4 R . -37.09 19.85 -28.35
O2 SO4 R . -37.33 18.78 -26.22
O3 SO4 R . -37.64 17.49 -28.32
O4 SO4 R . -39.28 19.17 -27.62
PA FAD S . -18.11 2.48 30.21
O1A FAD S . -18.85 1.12 30.44
O2A FAD S . -17.75 2.97 28.84
O5B FAD S . -16.67 2.48 30.86
C5B FAD S . -16.47 2.17 32.23
C4B FAD S . -15.00 1.86 32.38
O4B FAD S . -14.58 1.50 33.73
C3B FAD S . -14.58 0.64 31.55
O3B FAD S . -13.28 0.87 30.98
C2B FAD S . -14.35 -0.50 32.53
O2B FAD S . -13.24 -1.29 32.15
C1B FAD S . -13.90 0.20 33.75
N9A FAD S . -14.36 -0.53 34.92
C8A FAD S . -15.50 -1.32 35.11
N7A FAD S . -15.46 -1.84 36.40
C5A FAD S . -14.32 -1.42 36.99
C6A FAD S . -13.68 -1.54 38.32
N6A FAD S . -14.16 -2.25 39.35
N1A FAD S . -12.50 -0.90 38.51
C2A FAD S . -11.91 -0.14 37.56
N3A FAD S . -12.42 -0.01 36.31
C4A FAD S . -13.61 -0.58 36.00
N1 FAD S . -24.02 5.16 23.65
C2 FAD S . -23.97 6.07 22.62
O2 FAD S . -23.72 7.25 22.95
N3 FAD S . -24.19 5.73 21.32
C4 FAD S . -24.47 4.49 20.86
O4 FAD S . -24.66 4.18 19.64
C4X FAD S . -24.53 3.46 21.88
N5 FAD S . -24.79 2.16 21.60
C5X FAD S . -24.85 1.22 22.58
C6 FAD S . -25.19 -0.08 22.28
C7 FAD S . -25.25 -1.05 23.26
C7M FAD S . -25.56 -2.43 22.78
C8 FAD S . -25.01 -0.70 24.69
C8M FAD S . -25.10 -1.75 25.80
C9 FAD S . -24.72 0.64 25.01
C9A FAD S . -24.63 1.60 24.02
N10 FAD S . -24.40 2.96 24.32
C10 FAD S . -24.30 3.90 23.30
C1' FAD S . -24.11 3.47 25.67
C2' FAD S . -22.60 3.72 25.73
O2' FAD S . -21.78 2.61 25.27
C3' FAD S . -22.27 4.11 27.15
O3' FAD S . -22.96 5.31 27.52
C4' FAD S . -20.86 4.56 27.24
O4' FAD S . -19.98 3.48 26.89
C5' FAD S . -20.84 5.00 28.70
O5' FAD S . -19.55 5.35 29.03
P FAD S . -18.97 5.20 30.54
O1P FAD S . -19.63 6.11 31.59
O2P FAD S . -17.60 5.80 30.43
O3P FAD S . -18.89 3.67 31.00
C94 T1C T . -34.32 14.47 16.80
C93 T1C T . -33.71 13.22 16.15
C95 T1C T . -32.43 13.64 15.38
C96 T1C T . -34.73 12.60 15.19
N92 T1C T . -33.38 12.24 17.23
C92 T1C T . -32.19 11.36 16.99
C91 T1C T . -32.40 9.87 17.38
O91 T1C T . -33.23 9.55 18.23
N9 T1C T . -31.60 8.99 16.72
C9 T1C T . -31.58 7.64 16.82
C8 T1C T . -32.75 6.88 16.71
C7 T1C T . -32.73 5.47 16.78
N7 T1C T . -33.94 4.90 16.67
C71 T1C T . -34.95 5.54 17.53
C72 T1C T . -34.00 3.45 16.85
C61 T1C T . -31.49 4.76 16.94
C6 T1C T . -31.34 3.20 17.03
C51 T1C T . -30.11 2.73 17.91
C5 T1C T . -29.71 1.23 17.74
C41 T1C T . -28.56 0.84 18.70
C4 T1C T . -28.26 -0.73 18.78
N4 T1C T . -27.98 -1.35 20.09
C43 T1C T . -28.89 -0.80 21.09
C42 T1C T . -28.19 -2.83 19.96
C3 T1C T . -27.21 -1.28 17.78
O3 T1C T . -27.16 -2.65 17.63
C2 T1C T . -26.42 -0.44 17.00
C21 T1C T . -25.45 -1.12 15.94
O21 T1C T . -25.44 -2.35 15.81
N21 T1C T . -24.66 -0.36 15.18
C1 T1C T . -26.50 0.95 17.18
O1 T1C T . -25.77 1.65 16.48
C1C T1C T . -27.35 1.65 18.29
O1C T1C T . -26.50 1.74 19.44
C12 T1C T . -27.65 3.12 17.90
O12 T1C T . -26.61 3.98 17.74
C1B T1C T . -28.92 3.63 17.66
C11 T1C T . -29.09 4.95 17.22
O11 T1C T . -28.08 5.67 17.10
C1A T1C T . -30.34 5.55 17.03
C10 T1C T . -30.38 6.95 16.96
O10 T1C T . -29.23 7.66 17.05
S SO4 U . -19.04 -5.64 33.51
O1 SO4 U . -18.78 -6.55 32.37
O2 SO4 U . -18.08 -5.95 34.59
O3 SO4 U . -20.41 -5.83 34.05
O4 SO4 U . -18.87 -4.22 33.10
S SO4 V . -7.42 -8.55 23.94
O1 SO4 V . -6.94 -7.53 22.98
O2 SO4 V . -7.76 -7.92 25.25
O3 SO4 V . -6.40 -9.62 24.15
O4 SO4 V . -8.62 -9.14 23.35
S SO4 W . 2.02 -2.85 38.36
O1 SO4 W . 3.25 -2.52 37.58
O2 SO4 W . 1.52 -1.57 38.91
O3 SO4 W . 2.40 -3.83 39.42
O4 SO4 W . 0.98 -3.47 37.51
#